data_7Y19
# 
_entry.id   7Y19 
# 
_audit_conform.dict_name       mmcif_pdbx.dic 
_audit_conform.dict_version    5.398 
_audit_conform.dict_location   http://mmcif.pdb.org/dictionaries/ascii/mmcif_pdbx.dic 
# 
loop_
_database_2.database_id 
_database_2.database_code 
_database_2.pdbx_database_accession 
_database_2.pdbx_DOI 
PDB   7Y19         pdb_00007y19 10.2210/pdb7y19/pdb 
WWPDB D_1300030062 ?            ?                   
# 
loop_
_pdbx_audit_revision_history.ordinal 
_pdbx_audit_revision_history.data_content_type 
_pdbx_audit_revision_history.major_revision 
_pdbx_audit_revision_history.minor_revision 
_pdbx_audit_revision_history.revision_date 
1 'Structure model' 1 0 2023-07-05 
2 'Structure model' 1 1 2024-11-13 
# 
_pdbx_audit_revision_details.ordinal             1 
_pdbx_audit_revision_details.revision_ordinal    1 
_pdbx_audit_revision_details.data_content_type   'Structure model' 
_pdbx_audit_revision_details.provider            repository 
_pdbx_audit_revision_details.type                'Initial release' 
_pdbx_audit_revision_details.description         ? 
_pdbx_audit_revision_details.details             ? 
# 
loop_
_pdbx_audit_revision_group.ordinal 
_pdbx_audit_revision_group.revision_ordinal 
_pdbx_audit_revision_group.data_content_type 
_pdbx_audit_revision_group.group 
1 2 'Structure model' 'Data collection'   
2 2 'Structure model' 'Structure summary' 
# 
loop_
_pdbx_audit_revision_category.ordinal 
_pdbx_audit_revision_category.revision_ordinal 
_pdbx_audit_revision_category.data_content_type 
_pdbx_audit_revision_category.category 
1 2 'Structure model' chem_comp_atom            
2 2 'Structure model' chem_comp_bond            
3 2 'Structure model' pdbx_entry_details        
4 2 'Structure model' pdbx_modification_feature 
# 
_pdbx_audit_revision_item.ordinal             1 
_pdbx_audit_revision_item.revision_ordinal    2 
_pdbx_audit_revision_item.data_content_type   'Structure model' 
_pdbx_audit_revision_item.item                '_pdbx_entry_details.has_protein_modification' 
# 
_pdbx_database_status.status_code                     REL 
_pdbx_database_status.status_code_sf                  REL 
_pdbx_database_status.status_code_mr                  ? 
_pdbx_database_status.entry_id                        7Y19 
_pdbx_database_status.recvd_initial_deposition_date   2022-06-07 
_pdbx_database_status.SG_entry                        N 
_pdbx_database_status.deposit_site                    PDBJ 
_pdbx_database_status.process_site                    PDBJ 
_pdbx_database_status.status_code_cs                  ? 
_pdbx_database_status.status_code_nmr_data            ? 
_pdbx_database_status.methods_development_category    ? 
_pdbx_database_status.pdb_format_compatible           Y 
# 
_pdbx_contact_author.id                 2 
_pdbx_contact_author.email              hanc210@snu.ac.kr 
_pdbx_contact_author.name_first         Nam-Chul 
_pdbx_contact_author.name_last          Ha 
_pdbx_contact_author.name_mi            ? 
_pdbx_contact_author.role               'principal investigator/group leader' 
_pdbx_contact_author.identifier_ORCID   0000-0003-4813-748X 
# 
loop_
_audit_author.name 
_audit_author.pdbx_ordinal 
_audit_author.identifier_ORCID 
'Ki, N.'       1 ? 
'Ha, N.C.'     2 ? 
'Seung-Ho, H.' 3 ? 
# 
_citation.abstract                  ? 
_citation.abstract_id_CAS           ? 
_citation.book_id_ISBN              ? 
_citation.book_publisher            ? 
_citation.book_publisher_city       ? 
_citation.book_title                ? 
_citation.coordinate_linkage        ? 
_citation.country                   ? 
_citation.database_id_Medline       ? 
_citation.details                   ? 
_citation.id                        primary 
_citation.journal_abbrev            'To Be Published' 
_citation.journal_id_ASTM           ? 
_citation.journal_id_CSD            0353 
_citation.journal_id_ISSN           ? 
_citation.journal_full              ? 
_citation.journal_issue             ? 
_citation.journal_volume            ? 
_citation.language                  ? 
_citation.page_first                ? 
_citation.page_last                 ? 
_citation.title                     'Structural basis for the biofilm regulation of transcription factor BrpR in Vibrio vulnificus' 
_citation.year                      ? 
_citation.database_id_CSD           ? 
_citation.pdbx_database_id_DOI      ? 
_citation.pdbx_database_id_PubMed   ? 
_citation.pdbx_database_id_patent   ? 
_citation.unpublished_flag          ? 
# 
loop_
_citation_author.citation_id 
_citation_author.name 
_citation_author.ordinal 
_citation_author.identifier_ORCID 
primary 'Ki, N.'       1 ? 
primary 'Seung-Ho, H.' 2 ? 
# 
loop_
_entity.id 
_entity.type 
_entity.src_method 
_entity.pdbx_description 
_entity.formula_weight 
_entity.pdbx_number_of_molecules 
_entity.pdbx_ec 
_entity.pdbx_mutation 
_entity.pdbx_fragment 
_entity.details 
1 polymer man 'Transcriptional regulator VpsR' 16321.154 1 ? ? ? ? 
2 water   nat water                            18.015    4 ? ? ? ? 
# 
_entity_name_com.entity_id   1 
_entity_name_com.name        'transcriptional regulator BrpR' 
# 
_entity_poly.entity_id                      1 
_entity_poly.type                           'polypeptide(L)' 
_entity_poly.nstd_linkage                   no 
_entity_poly.nstd_monomer                   yes 
_entity_poly.pdbx_seq_one_letter_code       
;(MSE)ATQFK(MSE)DSVPGSLVVVGGTYEPWLSVLEQVGWKCHQCADLRKVDALLEDIGPCIGIVDLSHDEFSLNGIAN
LVSTHKHVRWLAFIREQQLSSDTICQFIVNFCIDFFTAPIPDAQLLSTIGHQLG(MSE)LKLEKKVWPTFGNNQD(MSE)
;
_entity_poly.pdbx_seq_one_letter_code_can   
;MATQFKMDSVPGSLVVVGGTYEPWLSVLEQVGWKCHQCADLRKVDALLEDIGPCIGIVDLSHDEFSLNGIANLVSTHKHV
RWLAFIREQQLSSDTICQFIVNFCIDFFTAPIPDAQLLSTIGHQLGMLKLEKKVWPTFGNNQDM
;
_entity_poly.pdbx_strand_id                 A 
_entity_poly.pdbx_target_identifier         ? 
# 
_pdbx_entity_nonpoly.entity_id   2 
_pdbx_entity_nonpoly.name        water 
_pdbx_entity_nonpoly.comp_id     HOH 
# 
loop_
_entity_poly_seq.entity_id 
_entity_poly_seq.num 
_entity_poly_seq.mon_id 
_entity_poly_seq.hetero 
1 1   MSE n 
1 2   ALA n 
1 3   THR n 
1 4   GLN n 
1 5   PHE n 
1 6   LYS n 
1 7   MSE n 
1 8   ASP n 
1 9   SER n 
1 10  VAL n 
1 11  PRO n 
1 12  GLY n 
1 13  SER n 
1 14  LEU n 
1 15  VAL n 
1 16  VAL n 
1 17  VAL n 
1 18  GLY n 
1 19  GLY n 
1 20  THR n 
1 21  TYR n 
1 22  GLU n 
1 23  PRO n 
1 24  TRP n 
1 25  LEU n 
1 26  SER n 
1 27  VAL n 
1 28  LEU n 
1 29  GLU n 
1 30  GLN n 
1 31  VAL n 
1 32  GLY n 
1 33  TRP n 
1 34  LYS n 
1 35  CYS n 
1 36  HIS n 
1 37  GLN n 
1 38  CYS n 
1 39  ALA n 
1 40  ASP n 
1 41  LEU n 
1 42  ARG n 
1 43  LYS n 
1 44  VAL n 
1 45  ASP n 
1 46  ALA n 
1 47  LEU n 
1 48  LEU n 
1 49  GLU n 
1 50  ASP n 
1 51  ILE n 
1 52  GLY n 
1 53  PRO n 
1 54  CYS n 
1 55  ILE n 
1 56  GLY n 
1 57  ILE n 
1 58  VAL n 
1 59  ASP n 
1 60  LEU n 
1 61  SER n 
1 62  HIS n 
1 63  ASP n 
1 64  GLU n 
1 65  PHE n 
1 66  SER n 
1 67  LEU n 
1 68  ASN n 
1 69  GLY n 
1 70  ILE n 
1 71  ALA n 
1 72  ASN n 
1 73  LEU n 
1 74  VAL n 
1 75  SER n 
1 76  THR n 
1 77  HIS n 
1 78  LYS n 
1 79  HIS n 
1 80  VAL n 
1 81  ARG n 
1 82  TRP n 
1 83  LEU n 
1 84  ALA n 
1 85  PHE n 
1 86  ILE n 
1 87  ARG n 
1 88  GLU n 
1 89  GLN n 
1 90  GLN n 
1 91  LEU n 
1 92  SER n 
1 93  SER n 
1 94  ASP n 
1 95  THR n 
1 96  ILE n 
1 97  CYS n 
1 98  GLN n 
1 99  PHE n 
1 100 ILE n 
1 101 VAL n 
1 102 ASN n 
1 103 PHE n 
1 104 CYS n 
1 105 ILE n 
1 106 ASP n 
1 107 PHE n 
1 108 PHE n 
1 109 THR n 
1 110 ALA n 
1 111 PRO n 
1 112 ILE n 
1 113 PRO n 
1 114 ASP n 
1 115 ALA n 
1 116 GLN n 
1 117 LEU n 
1 118 LEU n 
1 119 SER n 
1 120 THR n 
1 121 ILE n 
1 122 GLY n 
1 123 HIS n 
1 124 GLN n 
1 125 LEU n 
1 126 GLY n 
1 127 MSE n 
1 128 LEU n 
1 129 LYS n 
1 130 LEU n 
1 131 GLU n 
1 132 LYS n 
1 133 LYS n 
1 134 VAL n 
1 135 TRP n 
1 136 PRO n 
1 137 THR n 
1 138 PHE n 
1 139 GLY n 
1 140 ASN n 
1 141 ASN n 
1 142 GLN n 
1 143 ASP n 
1 144 MSE n 
# 
_entity_src_gen.entity_id                          1 
_entity_src_gen.pdbx_src_id                        1 
_entity_src_gen.pdbx_alt_source_flag               sample 
_entity_src_gen.pdbx_seq_type                      'Biological sequence' 
_entity_src_gen.pdbx_beg_seq_num                   1 
_entity_src_gen.pdbx_end_seq_num                   144 
_entity_src_gen.gene_src_common_name               ? 
_entity_src_gen.gene_src_genus                     ? 
_entity_src_gen.pdbx_gene_src_gene                 VV1_0525 
_entity_src_gen.gene_src_species                   ? 
_entity_src_gen.gene_src_strain                    CMCP6 
_entity_src_gen.gene_src_tissue                    ? 
_entity_src_gen.gene_src_tissue_fraction           ? 
_entity_src_gen.gene_src_details                   ? 
_entity_src_gen.pdbx_gene_src_fragment             ? 
_entity_src_gen.pdbx_gene_src_scientific_name      'Vibrio vulnificus CMCP6' 
_entity_src_gen.pdbx_gene_src_ncbi_taxonomy_id     216895 
_entity_src_gen.pdbx_gene_src_variant              ? 
_entity_src_gen.pdbx_gene_src_cell_line            ? 
_entity_src_gen.pdbx_gene_src_atcc                 ? 
_entity_src_gen.pdbx_gene_src_organ                ? 
_entity_src_gen.pdbx_gene_src_organelle            ? 
_entity_src_gen.pdbx_gene_src_cell                 ? 
_entity_src_gen.pdbx_gene_src_cellular_location    ? 
_entity_src_gen.host_org_common_name               ? 
_entity_src_gen.pdbx_host_org_scientific_name      'Escherichia coli BL21(DE3)' 
_entity_src_gen.pdbx_host_org_ncbi_taxonomy_id     469008 
_entity_src_gen.host_org_genus                     ? 
_entity_src_gen.pdbx_host_org_gene                 ? 
_entity_src_gen.pdbx_host_org_organ                ? 
_entity_src_gen.host_org_species                   ? 
_entity_src_gen.pdbx_host_org_tissue               ? 
_entity_src_gen.pdbx_host_org_tissue_fraction      ? 
_entity_src_gen.pdbx_host_org_strain               ? 
_entity_src_gen.pdbx_host_org_variant              ? 
_entity_src_gen.pdbx_host_org_cell_line            ? 
_entity_src_gen.pdbx_host_org_atcc                 ? 
_entity_src_gen.pdbx_host_org_culture_collection   ? 
_entity_src_gen.pdbx_host_org_cell                 ? 
_entity_src_gen.pdbx_host_org_organelle            ? 
_entity_src_gen.pdbx_host_org_cellular_location    ? 
_entity_src_gen.pdbx_host_org_vector_type          ? 
_entity_src_gen.pdbx_host_org_vector               ? 
_entity_src_gen.host_org_details                   ? 
_entity_src_gen.expression_system_id               ? 
_entity_src_gen.plasmid_name                       ? 
_entity_src_gen.plasmid_details                    ? 
_entity_src_gen.pdbx_description                   ? 
# 
loop_
_chem_comp.id 
_chem_comp.type 
_chem_comp.mon_nstd_flag 
_chem_comp.name 
_chem_comp.pdbx_synonyms 
_chem_comp.formula 
_chem_comp.formula_weight 
ALA 'L-peptide linking' y ALANINE          ? 'C3 H7 N O2'     89.093  
ARG 'L-peptide linking' y ARGININE         ? 'C6 H15 N4 O2 1' 175.209 
ASN 'L-peptide linking' y ASPARAGINE       ? 'C4 H8 N2 O3'    132.118 
ASP 'L-peptide linking' y 'ASPARTIC ACID'  ? 'C4 H7 N O4'     133.103 
CYS 'L-peptide linking' y CYSTEINE         ? 'C3 H7 N O2 S'   121.158 
GLN 'L-peptide linking' y GLUTAMINE        ? 'C5 H10 N2 O3'   146.144 
GLU 'L-peptide linking' y 'GLUTAMIC ACID'  ? 'C5 H9 N O4'     147.129 
GLY 'peptide linking'   y GLYCINE          ? 'C2 H5 N O2'     75.067  
HIS 'L-peptide linking' y HISTIDINE        ? 'C6 H10 N3 O2 1' 156.162 
HOH non-polymer         . WATER            ? 'H2 O'           18.015  
ILE 'L-peptide linking' y ISOLEUCINE       ? 'C6 H13 N O2'    131.173 
LEU 'L-peptide linking' y LEUCINE          ? 'C6 H13 N O2'    131.173 
LYS 'L-peptide linking' y LYSINE           ? 'C6 H15 N2 O2 1' 147.195 
MSE 'L-peptide linking' n SELENOMETHIONINE ? 'C5 H11 N O2 Se' 196.106 
PHE 'L-peptide linking' y PHENYLALANINE    ? 'C9 H11 N O2'    165.189 
PRO 'L-peptide linking' y PROLINE          ? 'C5 H9 N O2'     115.130 
SER 'L-peptide linking' y SERINE           ? 'C3 H7 N O3'     105.093 
THR 'L-peptide linking' y THREONINE        ? 'C4 H9 N O3'     119.119 
TRP 'L-peptide linking' y TRYPTOPHAN       ? 'C11 H12 N2 O2'  204.225 
TYR 'L-peptide linking' y TYROSINE         ? 'C9 H11 N O3'    181.189 
VAL 'L-peptide linking' y VALINE           ? 'C5 H11 N O2'    117.146 
# 
loop_
_pdbx_poly_seq_scheme.asym_id 
_pdbx_poly_seq_scheme.entity_id 
_pdbx_poly_seq_scheme.seq_id 
_pdbx_poly_seq_scheme.mon_id 
_pdbx_poly_seq_scheme.ndb_seq_num 
_pdbx_poly_seq_scheme.pdb_seq_num 
_pdbx_poly_seq_scheme.auth_seq_num 
_pdbx_poly_seq_scheme.pdb_mon_id 
_pdbx_poly_seq_scheme.auth_mon_id 
_pdbx_poly_seq_scheme.pdb_strand_id 
_pdbx_poly_seq_scheme.pdb_ins_code 
_pdbx_poly_seq_scheme.hetero 
A 1 1   MSE 1   1   ?   ?   ?   A . n 
A 1 2   ALA 2   2   ?   ?   ?   A . n 
A 1 3   THR 3   3   ?   ?   ?   A . n 
A 1 4   GLN 4   4   ?   ?   ?   A . n 
A 1 5   PHE 5   5   ?   ?   ?   A . n 
A 1 6   LYS 6   6   6   LYS LYS A . n 
A 1 7   MSE 7   7   7   MSE MSE A . n 
A 1 8   ASP 8   8   8   ASP ASP A . n 
A 1 9   SER 9   9   9   SER SER A . n 
A 1 10  VAL 10  10  10  VAL VAL A . n 
A 1 11  PRO 11  11  11  PRO PRO A . n 
A 1 12  GLY 12  12  12  GLY GLY A . n 
A 1 13  SER 13  13  13  SER SER A . n 
A 1 14  LEU 14  14  14  LEU LEU A . n 
A 1 15  VAL 15  15  15  VAL VAL A . n 
A 1 16  VAL 16  16  16  VAL VAL A . n 
A 1 17  VAL 17  17  17  VAL VAL A . n 
A 1 18  GLY 18  18  18  GLY GLY A . n 
A 1 19  GLY 19  19  19  GLY GLY A . n 
A 1 20  THR 20  20  20  THR THR A . n 
A 1 21  TYR 21  21  21  TYR TYR A . n 
A 1 22  GLU 22  22  22  GLU GLU A . n 
A 1 23  PRO 23  23  23  PRO PRO A . n 
A 1 24  TRP 24  24  24  TRP TRP A . n 
A 1 25  LEU 25  25  25  LEU LEU A . n 
A 1 26  SER 26  26  26  SER SER A . n 
A 1 27  VAL 27  27  27  VAL VAL A . n 
A 1 28  LEU 28  28  28  LEU LEU A . n 
A 1 29  GLU 29  29  29  GLU GLU A . n 
A 1 30  GLN 30  30  30  GLN GLN A . n 
A 1 31  VAL 31  31  31  VAL VAL A . n 
A 1 32  GLY 32  32  32  GLY GLY A . n 
A 1 33  TRP 33  33  33  TRP TRP A . n 
A 1 34  LYS 34  34  34  LYS LYS A . n 
A 1 35  CYS 35  35  35  CYS CYS A . n 
A 1 36  HIS 36  36  36  HIS HIS A . n 
A 1 37  GLN 37  37  37  GLN GLN A . n 
A 1 38  CYS 38  38  38  CYS CYS A . n 
A 1 39  ALA 39  39  39  ALA ALA A . n 
A 1 40  ASP 40  40  40  ASP ASP A . n 
A 1 41  LEU 41  41  41  LEU LEU A . n 
A 1 42  ARG 42  42  42  ARG ARG A . n 
A 1 43  LYS 43  43  43  LYS LYS A . n 
A 1 44  VAL 44  44  44  VAL VAL A . n 
A 1 45  ASP 45  45  45  ASP ASP A . n 
A 1 46  ALA 46  46  46  ALA ALA A . n 
A 1 47  LEU 47  47  47  LEU LEU A . n 
A 1 48  LEU 48  48  48  LEU LEU A . n 
A 1 49  GLU 49  49  49  GLU GLU A . n 
A 1 50  ASP 50  50  50  ASP ASP A . n 
A 1 51  ILE 51  51  51  ILE ILE A . n 
A 1 52  GLY 52  52  52  GLY GLY A . n 
A 1 53  PRO 53  53  53  PRO PRO A . n 
A 1 54  CYS 54  54  54  CYS CYS A . n 
A 1 55  ILE 55  55  55  ILE ILE A . n 
A 1 56  GLY 56  56  56  GLY GLY A . n 
A 1 57  ILE 57  57  57  ILE ILE A . n 
A 1 58  VAL 58  58  58  VAL VAL A . n 
A 1 59  ASP 59  59  59  ASP ASP A . n 
A 1 60  LEU 60  60  60  LEU LEU A . n 
A 1 61  SER 61  61  61  SER SER A . n 
A 1 62  HIS 62  62  62  HIS HIS A . n 
A 1 63  ASP 63  63  63  ASP ASP A . n 
A 1 64  GLU 64  64  64  GLU GLU A . n 
A 1 65  PHE 65  65  65  PHE PHE A . n 
A 1 66  SER 66  66  66  SER SER A . n 
A 1 67  LEU 67  67  67  LEU LEU A . n 
A 1 68  ASN 68  68  68  ASN ASN A . n 
A 1 69  GLY 69  69  69  GLY GLY A . n 
A 1 70  ILE 70  70  70  ILE ILE A . n 
A 1 71  ALA 71  71  71  ALA ALA A . n 
A 1 72  ASN 72  72  72  ASN ASN A . n 
A 1 73  LEU 73  73  73  LEU LEU A . n 
A 1 74  VAL 74  74  74  VAL VAL A . n 
A 1 75  SER 75  75  75  SER SER A . n 
A 1 76  THR 76  76  76  THR THR A . n 
A 1 77  HIS 77  77  77  HIS HIS A . n 
A 1 78  LYS 78  78  78  LYS LYS A . n 
A 1 79  HIS 79  79  79  HIS HIS A . n 
A 1 80  VAL 80  80  80  VAL VAL A . n 
A 1 81  ARG 81  81  81  ARG ARG A . n 
A 1 82  TRP 82  82  82  TRP TRP A . n 
A 1 83  LEU 83  83  83  LEU LEU A . n 
A 1 84  ALA 84  84  84  ALA ALA A . n 
A 1 85  PHE 85  85  85  PHE PHE A . n 
A 1 86  ILE 86  86  86  ILE ILE A . n 
A 1 87  ARG 87  87  87  ARG ARG A . n 
A 1 88  GLU 88  88  88  GLU GLU A . n 
A 1 89  GLN 89  89  89  GLN GLN A . n 
A 1 90  GLN 90  90  90  GLN GLN A . n 
A 1 91  LEU 91  91  91  LEU LEU A . n 
A 1 92  SER 92  92  92  SER SER A . n 
A 1 93  SER 93  93  93  SER SER A . n 
A 1 94  ASP 94  94  94  ASP ASP A . n 
A 1 95  THR 95  95  95  THR THR A . n 
A 1 96  ILE 96  96  96  ILE ILE A . n 
A 1 97  CYS 97  97  97  CYS CYS A . n 
A 1 98  GLN 98  98  98  GLN GLN A . n 
A 1 99  PHE 99  99  99  PHE PHE A . n 
A 1 100 ILE 100 100 100 ILE ILE A . n 
A 1 101 VAL 101 101 101 VAL VAL A . n 
A 1 102 ASN 102 102 102 ASN ASN A . n 
A 1 103 PHE 103 103 103 PHE PHE A . n 
A 1 104 CYS 104 104 104 CYS CYS A . n 
A 1 105 ILE 105 105 105 ILE ILE A . n 
A 1 106 ASP 106 106 106 ASP ASP A . n 
A 1 107 PHE 107 107 107 PHE PHE A . n 
A 1 108 PHE 108 108 108 PHE PHE A . n 
A 1 109 THR 109 109 109 THR THR A . n 
A 1 110 ALA 110 110 110 ALA ALA A . n 
A 1 111 PRO 111 111 111 PRO PRO A . n 
A 1 112 ILE 112 112 112 ILE ILE A . n 
A 1 113 PRO 113 113 113 PRO PRO A . n 
A 1 114 ASP 114 114 114 ASP ASP A . n 
A 1 115 ALA 115 115 115 ALA ALA A . n 
A 1 116 GLN 116 116 116 GLN GLN A . n 
A 1 117 LEU 117 117 117 LEU LEU A . n 
A 1 118 LEU 118 118 118 LEU LEU A . n 
A 1 119 SER 119 119 119 SER SER A . n 
A 1 120 THR 120 120 120 THR THR A . n 
A 1 121 ILE 121 121 121 ILE ILE A . n 
A 1 122 GLY 122 122 122 GLY GLY A . n 
A 1 123 HIS 123 123 123 HIS HIS A . n 
A 1 124 GLN 124 124 124 GLN GLN A . n 
A 1 125 LEU 125 125 125 LEU LEU A . n 
A 1 126 GLY 126 126 126 GLY GLY A . n 
A 1 127 MSE 127 127 127 MSE MSE A . n 
A 1 128 LEU 128 128 128 LEU LEU A . n 
A 1 129 LYS 129 129 129 LYS LYS A . n 
A 1 130 LEU 130 130 130 LEU LEU A . n 
A 1 131 GLU 131 131 131 GLU GLU A . n 
A 1 132 LYS 132 132 132 LYS LYS A . n 
A 1 133 LYS 133 133 133 LYS LYS A . n 
A 1 134 VAL 134 134 134 VAL VAL A . n 
A 1 135 TRP 135 135 135 TRP TRP A . n 
A 1 136 PRO 136 136 136 PRO PRO A . n 
A 1 137 THR 137 137 137 THR THR A . n 
A 1 138 PHE 138 138 ?   ?   ?   A . n 
A 1 139 GLY 139 139 ?   ?   ?   A . n 
A 1 140 ASN 140 140 ?   ?   ?   A . n 
A 1 141 ASN 141 141 ?   ?   ?   A . n 
A 1 142 GLN 142 142 ?   ?   ?   A . n 
A 1 143 ASP 143 143 ?   ?   ?   A . n 
A 1 144 MSE 144 144 ?   ?   ?   A . n 
# 
loop_
_pdbx_nonpoly_scheme.asym_id 
_pdbx_nonpoly_scheme.entity_id 
_pdbx_nonpoly_scheme.mon_id 
_pdbx_nonpoly_scheme.ndb_seq_num 
_pdbx_nonpoly_scheme.pdb_seq_num 
_pdbx_nonpoly_scheme.auth_seq_num 
_pdbx_nonpoly_scheme.pdb_mon_id 
_pdbx_nonpoly_scheme.auth_mon_id 
_pdbx_nonpoly_scheme.pdb_strand_id 
_pdbx_nonpoly_scheme.pdb_ins_code 
B 2 HOH 1 201 8 HOH HOH A . 
B 2 HOH 2 202 3 HOH HOH A . 
B 2 HOH 3 203 6 HOH HOH A . 
B 2 HOH 4 204 2 HOH HOH A . 
# 
loop_
_software.citation_id 
_software.classification 
_software.compiler_name 
_software.compiler_version 
_software.contact_author 
_software.contact_author_email 
_software.date 
_software.description 
_software.dependencies 
_software.hardware 
_software.language 
_software.location 
_software.mods 
_software.name 
_software.os 
_software.os_version 
_software.type 
_software.version 
_software.pdbx_ordinal 
? refinement        ? ? ? ? ? ? ? ? ? ? ? PHENIX      ? ? ? 1.19.1_4122 1 
? 'data scaling'    ? ? ? ? ? ? ? ? ? ? ? HKL-2000    ? ? ? .           2 
? 'data extraction' ? ? ? ? ? ? ? ? ? ? ? PDB_EXTRACT ? ? ? 3.27        3 
? 'data reduction'  ? ? ? ? ? ? ? ? ? ? ? HKL-2000    ? ? ? .           4 
? phasing           ? ? ? ? ? ? ? ? ? ? ? PHENIX      ? ? ? .           5 
# 
_cell.angle_alpha                  90.000 
_cell.angle_alpha_esd              ? 
_cell.angle_beta                   90.000 
_cell.angle_beta_esd               ? 
_cell.angle_gamma                  120.000 
_cell.angle_gamma_esd              ? 
_cell.entry_id                     7Y19 
_cell.details                      ? 
_cell.formula_units_Z              ? 
_cell.length_a                     53.259 
_cell.length_a_esd                 ? 
_cell.length_b                     53.259 
_cell.length_b_esd                 ? 
_cell.length_c                     143.926 
_cell.length_c_esd                 ? 
_cell.volume                       ? 
_cell.volume_esd                   ? 
_cell.Z_PDB                        12 
_cell.reciprocal_angle_alpha       ? 
_cell.reciprocal_angle_beta        ? 
_cell.reciprocal_angle_gamma       ? 
_cell.reciprocal_angle_alpha_esd   ? 
_cell.reciprocal_angle_beta_esd    ? 
_cell.reciprocal_angle_gamma_esd   ? 
_cell.reciprocal_length_a          ? 
_cell.reciprocal_length_b          ? 
_cell.reciprocal_length_c          ? 
_cell.reciprocal_length_a_esd      ? 
_cell.reciprocal_length_b_esd      ? 
_cell.reciprocal_length_c_esd      ? 
_cell.pdbx_unique_axis             ? 
_cell.pdbx_esd_method              ? 
# 
_symmetry.entry_id                         7Y19 
_symmetry.cell_setting                     ? 
_symmetry.Int_Tables_number                178 
_symmetry.space_group_name_Hall            ? 
_symmetry.space_group_name_H-M             'P 61 2 2' 
_symmetry.pdbx_full_space_group_name_H-M   ? 
# 
_exptl.absorpt_coefficient_mu     ? 
_exptl.absorpt_correction_T_max   ? 
_exptl.absorpt_correction_T_min   ? 
_exptl.absorpt_correction_type    ? 
_exptl.absorpt_process_details    ? 
_exptl.entry_id                   7Y19 
_exptl.crystals_number            1 
_exptl.details                    ? 
_exptl.method                     'X-RAY DIFFRACTION' 
_exptl.method_details             ? 
# 
_exptl_crystal.colour                       ? 
_exptl_crystal.density_diffrn               ? 
_exptl_crystal.density_Matthews             1.83 
_exptl_crystal.density_method               ? 
_exptl_crystal.density_percent_sol          32.65 
_exptl_crystal.description                  ? 
_exptl_crystal.F_000                        ? 
_exptl_crystal.id                           1 
_exptl_crystal.preparation                  ? 
_exptl_crystal.size_max                     ? 
_exptl_crystal.size_mid                     ? 
_exptl_crystal.size_min                     ? 
_exptl_crystal.size_rad                     ? 
_exptl_crystal.colour_lustre                ? 
_exptl_crystal.colour_modifier              ? 
_exptl_crystal.colour_primary               ? 
_exptl_crystal.density_meas                 ? 
_exptl_crystal.density_meas_esd             ? 
_exptl_crystal.density_meas_gt              ? 
_exptl_crystal.density_meas_lt              ? 
_exptl_crystal.density_meas_temp            ? 
_exptl_crystal.density_meas_temp_esd        ? 
_exptl_crystal.density_meas_temp_gt         ? 
_exptl_crystal.density_meas_temp_lt         ? 
_exptl_crystal.pdbx_crystal_image_url       ? 
_exptl_crystal.pdbx_crystal_image_format    ? 
_exptl_crystal.pdbx_mosaicity               ? 
_exptl_crystal.pdbx_mosaicity_esd           ? 
_exptl_crystal.pdbx_mosaic_method           ? 
_exptl_crystal.pdbx_mosaic_block_size       ? 
_exptl_crystal.pdbx_mosaic_block_size_esd   ? 
# 
_exptl_crystal_grow.apparatus       ? 
_exptl_crystal_grow.atmosphere      ? 
_exptl_crystal_grow.crystal_id      1 
_exptl_crystal_grow.details         ? 
_exptl_crystal_grow.method          'VAPOR DIFFUSION, HANGING DROP' 
_exptl_crystal_grow.method_ref      ? 
_exptl_crystal_grow.pH              ? 
_exptl_crystal_grow.pressure        ? 
_exptl_crystal_grow.pressure_esd    ? 
_exptl_crystal_grow.seeding         ? 
_exptl_crystal_grow.seeding_ref     ? 
_exptl_crystal_grow.temp            287.15 
_exptl_crystal_grow.temp_details    ? 
_exptl_crystal_grow.temp_esd        ? 
_exptl_crystal_grow.time            ? 
_exptl_crystal_grow.pdbx_details    '0.035 M Citric acid, 0.065 M BIS-TRIS propane pH 7.0, 22% w/v Polyethylene glycol 3350' 
_exptl_crystal_grow.pdbx_pH_range   ? 
# 
_diffrn.ambient_environment              ? 
_diffrn.ambient_temp                     100.15 
_diffrn.ambient_temp_details             ? 
_diffrn.ambient_temp_esd                 ? 
_diffrn.crystal_id                       1 
_diffrn.crystal_support                  ? 
_diffrn.crystal_treatment                ? 
_diffrn.details                          ? 
_diffrn.id                               1 
_diffrn.ambient_pressure                 ? 
_diffrn.ambient_pressure_esd             ? 
_diffrn.ambient_pressure_gt              ? 
_diffrn.ambient_pressure_lt              ? 
_diffrn.ambient_temp_gt                  ? 
_diffrn.ambient_temp_lt                  ? 
_diffrn.pdbx_serial_crystal_experiment   N 
# 
_diffrn_detector.details                      ? 
_diffrn_detector.detector                     PIXEL 
_diffrn_detector.diffrn_id                    1 
_diffrn_detector.type                         'DECTRIS EIGER X 9M' 
_diffrn_detector.area_resol_mean              ? 
_diffrn_detector.dtime                        ? 
_diffrn_detector.pdbx_frames_total            ? 
_diffrn_detector.pdbx_collection_time_total   ? 
_diffrn_detector.pdbx_collection_date         2021-07-13 
_diffrn_detector.pdbx_frequency               ? 
# 
_diffrn_radiation.collimation                      ? 
_diffrn_radiation.diffrn_id                        1 
_diffrn_radiation.filter_edge                      ? 
_diffrn_radiation.inhomogeneity                    ? 
_diffrn_radiation.monochromator                    ? 
_diffrn_radiation.polarisn_norm                    ? 
_diffrn_radiation.polarisn_ratio                   ? 
_diffrn_radiation.probe                            ? 
_diffrn_radiation.type                             ? 
_diffrn_radiation.xray_symbol                      ? 
_diffrn_radiation.wavelength_id                    1 
_diffrn_radiation.pdbx_monochromatic_or_laue_m_l   M 
_diffrn_radiation.pdbx_wavelength_list             ? 
_diffrn_radiation.pdbx_wavelength                  ? 
_diffrn_radiation.pdbx_diffrn_protocol             'SINGLE WAVELENGTH' 
_diffrn_radiation.pdbx_analyzer                    ? 
_diffrn_radiation.pdbx_scattering_type             x-ray 
# 
_diffrn_radiation_wavelength.id           1 
_diffrn_radiation_wavelength.wavelength   1.0448 
_diffrn_radiation_wavelength.wt           1.0 
# 
_diffrn_source.current                     ? 
_diffrn_source.details                     ? 
_diffrn_source.diffrn_id                   1 
_diffrn_source.power                       ? 
_diffrn_source.size                        ? 
_diffrn_source.source                      SYNCHROTRON 
_diffrn_source.target                      ? 
_diffrn_source.type                        'PAL/PLS BEAMLINE 5C (4A)' 
_diffrn_source.voltage                     ? 
_diffrn_source.take-off_angle              ? 
_diffrn_source.pdbx_wavelength_list        1.0448 
_diffrn_source.pdbx_wavelength             ? 
_diffrn_source.pdbx_synchrotron_beamline   '5C (4A)' 
_diffrn_source.pdbx_synchrotron_site       PAL/PLS 
# 
_reflns.B_iso_Wilson_estimate                          29.480 
_reflns.entry_id                                       7Y19 
_reflns.data_reduction_details                         ? 
_reflns.data_reduction_method                          ? 
_reflns.d_resolution_high                              2.39 
_reflns.d_resolution_low                               50.000 
_reflns.details                                        ? 
_reflns.limit_h_max                                    ? 
_reflns.limit_h_min                                    ? 
_reflns.limit_k_max                                    ? 
_reflns.limit_k_min                                    ? 
_reflns.limit_l_max                                    ? 
_reflns.limit_l_min                                    ? 
_reflns.number_all                                     ? 
_reflns.number_obs                                     5217 
_reflns.observed_criterion                             ? 
_reflns.observed_criterion_F_max                       ? 
_reflns.observed_criterion_F_min                       ? 
_reflns.observed_criterion_I_max                       ? 
_reflns.observed_criterion_I_min                       ? 
_reflns.observed_criterion_sigma_F                     ? 
_reflns.observed_criterion_sigma_I                     ? 
_reflns.percent_possible_obs                           98.600 
_reflns.R_free_details                                 ? 
_reflns.Rmerge_F_all                                   ? 
_reflns.Rmerge_F_obs                                   ? 
_reflns.Friedel_coverage                               ? 
_reflns.number_gt                                      ? 
_reflns.threshold_expression                           ? 
_reflns.pdbx_redundancy                                24.200 
_reflns.pdbx_Rmerge_I_obs                              0.106 
_reflns.pdbx_Rmerge_I_all                              ? 
_reflns.pdbx_Rsym_value                                ? 
_reflns.pdbx_netI_over_av_sigmaI                       ? 
_reflns.pdbx_netI_over_sigmaI                          17.200 
_reflns.pdbx_res_netI_over_av_sigmaI_2                 ? 
_reflns.pdbx_res_netI_over_sigmaI_2                    ? 
_reflns.pdbx_chi_squared                               1.129 
_reflns.pdbx_scaling_rejects                           ? 
_reflns.pdbx_d_res_high_opt                            ? 
_reflns.pdbx_d_res_low_opt                             ? 
_reflns.pdbx_d_res_opt_method                          ? 
_reflns.phase_calculation_details                      ? 
_reflns.pdbx_Rrim_I_all                                0.107 
_reflns.pdbx_Rpim_I_all                                0.019 
_reflns.pdbx_d_opt                                     ? 
_reflns.pdbx_number_measured_all                       ? 
_reflns.pdbx_diffrn_id                                 1 
_reflns.pdbx_ordinal                                   1 
_reflns.pdbx_CC_half                                   ? 
_reflns.pdbx_CC_star                                   ? 
_reflns.pdbx_R_split                                   ? 
_reflns.pdbx_aniso_diffraction_limit_axis_1_ortho[1]   ? 
_reflns.pdbx_aniso_diffraction_limit_axis_1_ortho[2]   ? 
_reflns.pdbx_aniso_diffraction_limit_axis_1_ortho[3]   ? 
_reflns.pdbx_aniso_diffraction_limit_axis_2_ortho[1]   ? 
_reflns.pdbx_aniso_diffraction_limit_axis_2_ortho[2]   ? 
_reflns.pdbx_aniso_diffraction_limit_axis_2_ortho[3]   ? 
_reflns.pdbx_aniso_diffraction_limit_axis_3_ortho[1]   ? 
_reflns.pdbx_aniso_diffraction_limit_axis_3_ortho[2]   ? 
_reflns.pdbx_aniso_diffraction_limit_axis_3_ortho[3]   ? 
_reflns.pdbx_aniso_diffraction_limit_1                 ? 
_reflns.pdbx_aniso_diffraction_limit_2                 ? 
_reflns.pdbx_aniso_diffraction_limit_3                 ? 
_reflns.pdbx_aniso_B_tensor_eigenvector_1_ortho[1]     ? 
_reflns.pdbx_aniso_B_tensor_eigenvector_1_ortho[2]     ? 
_reflns.pdbx_aniso_B_tensor_eigenvector_1_ortho[3]     ? 
_reflns.pdbx_aniso_B_tensor_eigenvector_2_ortho[1]     ? 
_reflns.pdbx_aniso_B_tensor_eigenvector_2_ortho[2]     ? 
_reflns.pdbx_aniso_B_tensor_eigenvector_2_ortho[3]     ? 
_reflns.pdbx_aniso_B_tensor_eigenvector_3_ortho[1]     ? 
_reflns.pdbx_aniso_B_tensor_eigenvector_3_ortho[2]     ? 
_reflns.pdbx_aniso_B_tensor_eigenvector_3_ortho[3]     ? 
_reflns.pdbx_aniso_B_tensor_eigenvalue_1               ? 
_reflns.pdbx_aniso_B_tensor_eigenvalue_2               ? 
_reflns.pdbx_aniso_B_tensor_eigenvalue_3               ? 
_reflns.pdbx_orthogonalization_convention              ? 
_reflns.pdbx_percent_possible_ellipsoidal              ? 
_reflns.pdbx_percent_possible_spherical                ? 
_reflns.pdbx_percent_possible_ellipsoidal_anomalous    ? 
_reflns.pdbx_percent_possible_spherical_anomalous      ? 
_reflns.pdbx_redundancy_anomalous                      ? 
_reflns.pdbx_CC_half_anomalous                         ? 
_reflns.pdbx_absDiff_over_sigma_anomalous              ? 
_reflns.pdbx_percent_possible_anomalous                ? 
_reflns.pdbx_observed_signal_threshold                 ? 
_reflns.pdbx_signal_type                               ? 
_reflns.pdbx_signal_details                            ? 
_reflns.pdbx_signal_software_id                        ? 
_reflns.pdbx_CC_split_method                           ? 
# 
loop_
_reflns_shell.d_res_high 
_reflns_shell.d_res_low 
_reflns_shell.meanI_over_sigI_all 
_reflns_shell.meanI_over_sigI_obs 
_reflns_shell.number_measured_all 
_reflns_shell.number_measured_obs 
_reflns_shell.number_possible 
_reflns_shell.number_unique_all 
_reflns_shell.number_unique_obs 
_reflns_shell.percent_possible_all 
_reflns_shell.percent_possible_obs 
_reflns_shell.Rmerge_F_all 
_reflns_shell.Rmerge_F_obs 
_reflns_shell.Rmerge_I_all 
_reflns_shell.Rmerge_I_obs 
_reflns_shell.meanI_over_sigI_gt 
_reflns_shell.meanI_over_uI_all 
_reflns_shell.meanI_over_uI_gt 
_reflns_shell.number_measured_gt 
_reflns_shell.number_unique_gt 
_reflns_shell.percent_possible_gt 
_reflns_shell.Rmerge_F_gt 
_reflns_shell.Rmerge_I_gt 
_reflns_shell.pdbx_redundancy 
_reflns_shell.pdbx_Rsym_value 
_reflns_shell.pdbx_chi_squared 
_reflns_shell.pdbx_netI_over_sigmaI_all 
_reflns_shell.pdbx_netI_over_sigmaI_obs 
_reflns_shell.pdbx_Rrim_I_all 
_reflns_shell.pdbx_Rpim_I_all 
_reflns_shell.pdbx_rejects 
_reflns_shell.pdbx_ordinal 
_reflns_shell.pdbx_diffrn_id 
_reflns_shell.pdbx_CC_half 
_reflns_shell.pdbx_CC_star 
_reflns_shell.pdbx_R_split 
_reflns_shell.pdbx_percent_possible_ellipsoidal 
_reflns_shell.pdbx_percent_possible_spherical 
_reflns_shell.pdbx_percent_possible_ellipsoidal_anomalous 
_reflns_shell.pdbx_percent_possible_spherical_anomalous 
_reflns_shell.pdbx_redundancy_anomalous 
_reflns_shell.pdbx_CC_half_anomalous 
_reflns_shell.pdbx_absDiff_over_sigma_anomalous 
_reflns_shell.pdbx_percent_possible_anomalous 
2.400 2.440  ? ? ? ? ? ? 252 96.900 ? ? ? ? 0.309 ? ? ? ? ? ? ? ? 12.800 ? 0.862 ? ? 0.321 0.082 ? 1  1 0.948 ? ? ? ? ? ? ? ? ? ? 
2.440 2.490  ? ? ? ? ? ? 236 97.900 ? ? ? ? 0.303 ? ? ? ? ? ? ? ? 14.800 ? 0.863 ? ? 0.313 0.075 ? 2  1 0.925 ? ? ? ? ? ? ? ? ? ? 
2.490 2.530  ? ? ? ? ? ? 252 99.200 ? ? ? ? 0.298 ? ? ? ? ? ? ? ? 15.300 ? 0.825 ? ? 0.307 0.073 ? 3  1 0.939 ? ? ? ? ? ? ? ? ? ? 
2.530 2.590  ? ? ? ? ? ? 242 97.200 ? ? ? ? 0.288 ? ? ? ? ? ? ? ? 16.000 ? 0.918 ? ? 0.296 0.068 ? 4  1 0.944 ? ? ? ? ? ? ? ? ? ? 
2.590 2.640  ? ? ? ? ? ? 248 98.400 ? ? ? ? 0.265 ? ? ? ? ? ? ? ? 18.500 ? 0.930 ? ? 0.272 0.059 ? 5  1 0.975 ? ? ? ? ? ? ? ? ? ? 
2.640 2.700  ? ? ? ? ? ? 252 98.800 ? ? ? ? 0.245 ? ? ? ? ? ? ? ? 18.300 ? 1.061 ? ? 0.251 0.053 ? 6  1 0.985 ? ? ? ? ? ? ? ? ? ? 
2.700 2.770  ? ? ? ? ? ? 252 98.400 ? ? ? ? 0.257 ? ? ? ? ? ? ? ? 18.800 ? 1.038 ? ? 0.263 0.056 ? 7  1 0.975 ? ? ? ? ? ? ? ? ? ? 
2.770 2.850  ? ? ? ? ? ? 254 99.600 ? ? ? ? 0.223 ? ? ? ? ? ? ? ? 21.100 ? 1.114 ? ? 0.228 0.046 ? 8  1 0.995 ? ? ? ? ? ? ? ? ? ? 
2.850 2.930  ? ? ? ? ? ? 251 99.200 ? ? ? ? 0.218 ? ? ? ? ? ? ? ? 21.000 ? 1.130 ? ? 0.223 0.045 ? 9  1 0.991 ? ? ? ? ? ? ? ? ? ? 
2.930 3.020  ? ? ? ? ? ? 253 98.400 ? ? ? ? 0.192 ? ? ? ? ? ? ? ? 21.400 ? 1.194 ? ? 0.196 0.040 ? 10 1 0.991 ? ? ? ? ? ? ? ? ? ? 
3.020 3.130  ? ? ? ? ? ? 261 99.200 ? ? ? ? 0.181 ? ? ? ? ? ? ? ? 22.100 ? 1.202 ? ? 0.185 0.037 ? 11 1 0.995 ? ? ? ? ? ? ? ? ? ? 
3.130 3.260  ? ? ? ? ? ? 250 99.600 ? ? ? ? 0.168 ? ? ? ? ? ? ? ? 26.000 ? 1.401 ? ? 0.171 0.031 ? 12 1 0.995 ? ? ? ? ? ? ? ? ? ? 
3.260 3.410  ? ? ? ? ? ? 262 98.900 ? ? ? ? 0.161 ? ? ? ? ? ? ? ? 28.800 ? 1.406 ? ? 0.164 0.029 ? 13 1 0.996 ? ? ? ? ? ? ? ? ? ? 
3.410 3.580  ? ? ? ? ? ? 267 99.600 ? ? ? ? 0.147 ? ? ? ? ? ? ? ? 31.500 ? 1.460 ? ? 0.149 0.025 ? 14 1 0.998 ? ? ? ? ? ? ? ? ? ? 
3.580 3.810  ? ? ? ? ? ? 267 98.900 ? ? ? ? 0.143 ? ? ? ? ? ? ? ? 33.400 ? 1.471 ? ? 0.145 0.024 ? 15 1 0.998 ? ? ? ? ? ? ? ? ? ? 
3.810 4.100  ? ? ? ? ? ? 261 99.600 ? ? ? ? 0.126 ? ? ? ? ? ? ? ? 33.700 ? 1.394 ? ? 0.128 0.021 ? 16 1 0.996 ? ? ? ? ? ? ? ? ? ? 
4.100 4.520  ? ? ? ? ? ? 271 98.900 ? ? ? ? 0.106 ? ? ? ? ? ? ? ? 33.800 ? 1.138 ? ? 0.108 0.018 ? 17 1 0.999 ? ? ? ? ? ? ? ? ? ? 
4.520 5.170  ? ? ? ? ? ? 276 99.300 ? ? ? ? 0.100 ? ? ? ? ? ? ? ? 32.200 ? 1.060 ? ? 0.101 0.017 ? 18 1 0.991 ? ? ? ? ? ? ? ? ? ? 
5.170 6.510  ? ? ? ? ? ? 284 99.000 ? ? ? ? 0.091 ? ? ? ? ? ? ? ? 28.000 ? 0.867 ? ? 0.092 0.017 ? 19 1 0.999 ? ? ? ? ? ? ? ? ? ? 
6.510 50.000 ? ? ? ? ? ? 326 95.900 ? ? ? ? 0.066 ? ? ? ? ? ? ? ? 29.900 ? 0.631 ? ? 0.067 0.012 ? 20 1 0.999 ? ? ? ? ? ? ? ? ? ? 
# 
_refine.aniso_B[1][1]                            ? 
_refine.aniso_B[1][2]                            ? 
_refine.aniso_B[1][3]                            ? 
_refine.aniso_B[2][2]                            ? 
_refine.aniso_B[2][3]                            ? 
_refine.aniso_B[3][3]                            ? 
_refine.B_iso_max                                73.790 
_refine.B_iso_mean                               31.4427 
_refine.B_iso_min                                7.270 
_refine.correlation_coeff_Fo_to_Fc               ? 
_refine.correlation_coeff_Fo_to_Fc_free          ? 
_refine.details                                  ? 
_refine.diff_density_max                         ? 
_refine.diff_density_max_esd                     ? 
_refine.diff_density_min                         ? 
_refine.diff_density_min_esd                     ? 
_refine.diff_density_rms                         ? 
_refine.diff_density_rms_esd                     ? 
_refine.entry_id                                 7Y19 
_refine.pdbx_refine_id                           'X-RAY DIFFRACTION' 
_refine.ls_abs_structure_details                 ? 
_refine.ls_abs_structure_Flack                   ? 
_refine.ls_abs_structure_Flack_esd               ? 
_refine.ls_abs_structure_Rogers                  ? 
_refine.ls_abs_structure_Rogers_esd              ? 
_refine.ls_d_res_high                            2.3900 
_refine.ls_d_res_low                             33.2500 
_refine.ls_extinction_coef                       ? 
_refine.ls_extinction_coef_esd                   ? 
_refine.ls_extinction_expression                 ? 
_refine.ls_extinction_method                     ? 
_refine.ls_goodness_of_fit_all                   ? 
_refine.ls_goodness_of_fit_all_esd               ? 
_refine.ls_goodness_of_fit_obs                   ? 
_refine.ls_goodness_of_fit_obs_esd               ? 
_refine.ls_hydrogen_treatment                    ? 
_refine.ls_matrix_type                           ? 
_refine.ls_number_constraints                    ? 
_refine.ls_number_parameters                     ? 
_refine.ls_number_reflns_all                     ? 
_refine.ls_number_reflns_obs                     5199 
_refine.ls_number_reflns_R_free                  520 
_refine.ls_number_reflns_R_work                  4679 
_refine.ls_number_restraints                     ? 
_refine.ls_percent_reflns_obs                    98.9000 
_refine.ls_percent_reflns_R_free                 10.0000 
_refine.ls_R_factor_all                          ? 
_refine.ls_R_factor_obs                          0.2275 
_refine.ls_R_factor_R_free                       0.2908 
_refine.ls_R_factor_R_free_error                 ? 
_refine.ls_R_factor_R_free_error_details         ? 
_refine.ls_R_factor_R_work                       0.2206 
_refine.ls_R_Fsqd_factor_obs                     ? 
_refine.ls_R_I_factor_obs                        ? 
_refine.ls_redundancy_reflns_all                 ? 
_refine.ls_redundancy_reflns_obs                 ? 
_refine.ls_restrained_S_all                      ? 
_refine.ls_restrained_S_obs                      ? 
_refine.ls_shift_over_esd_max                    ? 
_refine.ls_shift_over_esd_mean                   ? 
_refine.ls_structure_factor_coef                 ? 
_refine.ls_weighting_details                     ? 
_refine.ls_weighting_scheme                      ? 
_refine.ls_wR_factor_all                         ? 
_refine.ls_wR_factor_obs                         ? 
_refine.ls_wR_factor_R_free                      ? 
_refine.ls_wR_factor_R_work                      ? 
_refine.occupancy_max                            ? 
_refine.occupancy_min                            ? 
_refine.solvent_model_details                    'FLAT BULK SOLVENT MODEL' 
_refine.solvent_model_param_bsol                 ? 
_refine.solvent_model_param_ksol                 ? 
_refine.pdbx_R_complete                          ? 
_refine.ls_R_factor_gt                           ? 
_refine.ls_goodness_of_fit_gt                    ? 
_refine.ls_goodness_of_fit_ref                   ? 
_refine.ls_shift_over_su_max                     ? 
_refine.ls_shift_over_su_max_lt                  ? 
_refine.ls_shift_over_su_mean                    ? 
_refine.ls_shift_over_su_mean_lt                 ? 
_refine.pdbx_ls_sigma_I                          ? 
_refine.pdbx_ls_sigma_F                          2.520 
_refine.pdbx_ls_sigma_Fsqd                       ? 
_refine.pdbx_data_cutoff_high_absF               ? 
_refine.pdbx_data_cutoff_high_rms_absF           ? 
_refine.pdbx_data_cutoff_low_absF                ? 
_refine.pdbx_isotropic_thermal_model             ? 
_refine.pdbx_ls_cross_valid_method               THROUGHOUT 
_refine.pdbx_method_to_determine_struct          SAD 
_refine.pdbx_starting_model                      ? 
_refine.pdbx_stereochemistry_target_values       MLHL 
_refine.pdbx_R_Free_selection_details            ? 
_refine.pdbx_stereochem_target_val_spec_case     ? 
_refine.pdbx_overall_ESU_R                       ? 
_refine.pdbx_overall_ESU_R_Free                  ? 
_refine.pdbx_solvent_vdw_probe_radii             1.1100 
_refine.pdbx_solvent_ion_probe_radii             ? 
_refine.pdbx_solvent_shrinkage_radii             0.9000 
_refine.pdbx_real_space_R                        ? 
_refine.pdbx_density_correlation                 ? 
_refine.pdbx_pd_number_of_powder_patterns        ? 
_refine.pdbx_pd_number_of_points                 ? 
_refine.pdbx_pd_meas_number_of_points            ? 
_refine.pdbx_pd_proc_ls_prof_R_factor            ? 
_refine.pdbx_pd_proc_ls_prof_wR_factor           ? 
_refine.pdbx_pd_Marquardt_correlation_coeff      ? 
_refine.pdbx_pd_Fsqrd_R_factor                   ? 
_refine.pdbx_pd_ls_matrix_band_width             ? 
_refine.pdbx_overall_phase_error                 23.6300 
_refine.pdbx_overall_SU_R_free_Cruickshank_DPI   ? 
_refine.pdbx_overall_SU_R_free_Blow_DPI          ? 
_refine.pdbx_overall_SU_R_Blow_DPI               ? 
_refine.pdbx_TLS_residual_ADP_flag               ? 
_refine.pdbx_diffrn_id                           1 
_refine.overall_SU_B                             ? 
_refine.overall_SU_ML                            0.2700 
_refine.overall_SU_R_Cruickshank_DPI             ? 
_refine.overall_SU_R_free                        ? 
_refine.overall_FOM_free_R_set                   ? 
_refine.overall_FOM_work_R_set                   ? 
_refine.pdbx_average_fsc_overall                 ? 
_refine.pdbx_average_fsc_work                    ? 
_refine.pdbx_average_fsc_free                    ? 
# 
_refine_hist.pdbx_refine_id                   'X-RAY DIFFRACTION' 
_refine_hist.cycle_id                         final 
_refine_hist.details                          ? 
_refine_hist.d_res_high                       2.3900 
_refine_hist.d_res_low                        33.2500 
_refine_hist.number_atoms_solvent             4 
_refine_hist.number_atoms_total               1039 
_refine_hist.number_reflns_all                ? 
_refine_hist.number_reflns_obs                ? 
_refine_hist.number_reflns_R_free             ? 
_refine_hist.number_reflns_R_work             ? 
_refine_hist.R_factor_all                     ? 
_refine_hist.R_factor_obs                     ? 
_refine_hist.R_factor_R_free                  ? 
_refine_hist.R_factor_R_work                  ? 
_refine_hist.pdbx_number_residues_total       132 
_refine_hist.pdbx_B_iso_mean_ligand           ? 
_refine_hist.pdbx_B_iso_mean_solvent          15.59 
_refine_hist.pdbx_number_atoms_protein        1035 
_refine_hist.pdbx_number_atoms_nucleic_acid   0 
_refine_hist.pdbx_number_atoms_ligand         0 
_refine_hist.pdbx_number_atoms_lipid          ? 
_refine_hist.pdbx_number_atoms_carb           ? 
_refine_hist.pdbx_pseudo_atom_details         ? 
# 
loop_
_refine_ls_shell.pdbx_refine_id 
_refine_ls_shell.d_res_high 
_refine_ls_shell.d_res_low 
_refine_ls_shell.number_reflns_all 
_refine_ls_shell.number_reflns_obs 
_refine_ls_shell.number_reflns_R_free 
_refine_ls_shell.number_reflns_R_work 
_refine_ls_shell.percent_reflns_obs 
_refine_ls_shell.percent_reflns_R_free 
_refine_ls_shell.R_factor_all 
_refine_ls_shell.R_factor_obs 
_refine_ls_shell.R_factor_R_free 
_refine_ls_shell.R_factor_R_free_error 
_refine_ls_shell.R_factor_R_work 
_refine_ls_shell.redundancy_reflns_all 
_refine_ls_shell.redundancy_reflns_obs 
_refine_ls_shell.wR_factor_all 
_refine_ls_shell.wR_factor_obs 
_refine_ls_shell.wR_factor_R_free 
_refine_ls_shell.wR_factor_R_work 
_refine_ls_shell.pdbx_R_complete 
_refine_ls_shell.pdbx_total_number_of_bins_used 
_refine_ls_shell.pdbx_phase_error 
_refine_ls_shell.pdbx_fsc_work 
_refine_ls_shell.pdbx_fsc_free 
'X-RAY DIFFRACTION' 2.3900 2.6300  1214 . 121 1093 96.0000  . . . 0.3103 0.0000 0.2358 . . . . . . . 4 . . . 
'X-RAY DIFFRACTION' 2.6300 3.0100  1265 . 126 1139 99.0000  . . . 0.3029 0.0000 0.2480 . . . . . . . 4 . . . 
'X-RAY DIFFRACTION' 3.0200 3.8000  1306 . 132 1174 100.0000 . . . 0.2908 0.0000 0.2200 . . . . . . . 4 . . . 
'X-RAY DIFFRACTION' 3.8000 33.2500 1414 . 141 1273 100.0000 . . . 0.2794 0.0000 0.2065 . . . . . . . 4 . . . 
# 
_struct.entry_id                     7Y19 
_struct.title                        'Transcriptional regulator BrpR' 
_struct.pdbx_model_details           ? 
_struct.pdbx_formula_weight          ? 
_struct.pdbx_formula_weight_method   ? 
_struct.pdbx_model_type_details      ? 
_struct.pdbx_CASP_flag               N 
# 
_struct_keywords.entry_id        7Y19 
_struct_keywords.text            'Vibrio vulnificus, biofilm, colony morphology, transcriptional regulator, TRANSCRIPTION' 
_struct_keywords.pdbx_keywords   TRANSCRIPTION 
# 
loop_
_struct_asym.id 
_struct_asym.pdbx_blank_PDB_chainid_flag 
_struct_asym.pdbx_modified 
_struct_asym.entity_id 
_struct_asym.details 
A N N 1 ? 
B N N 2 ? 
# 
_struct_ref.id                         1 
_struct_ref.db_name                    UNP 
_struct_ref.db_code                    A0A3Q0L274_VIBVU 
_struct_ref.pdbx_db_accession          A0A3Q0L274 
_struct_ref.pdbx_db_isoform            ? 
_struct_ref.entity_id                  1 
_struct_ref.pdbx_seq_one_letter_code   
;MATQFKMDSVPGSLVVVGGTYEPWLSVLEQVGWKCHQCADLRKVDALLEDIGPCIGIVDLSHDEFSLNGIANLVSTHKHV
RWLAFIREQQLSSDTICQFIVNFCIDFFTAPIPDAQLLSTIGHQLGMLKLEKKVWPTFGNNQDM
;
_struct_ref.pdbx_align_begin           1 
# 
_struct_ref_seq.align_id                      1 
_struct_ref_seq.ref_id                        1 
_struct_ref_seq.pdbx_PDB_id_code              7Y19 
_struct_ref_seq.pdbx_strand_id                A 
_struct_ref_seq.seq_align_beg                 1 
_struct_ref_seq.pdbx_seq_align_beg_ins_code   ? 
_struct_ref_seq.seq_align_end                 144 
_struct_ref_seq.pdbx_seq_align_end_ins_code   ? 
_struct_ref_seq.pdbx_db_accession             A0A3Q0L274 
_struct_ref_seq.db_align_beg                  1 
_struct_ref_seq.pdbx_db_align_beg_ins_code    ? 
_struct_ref_seq.db_align_end                  144 
_struct_ref_seq.pdbx_db_align_end_ins_code    ? 
_struct_ref_seq.pdbx_auth_seq_align_beg       1 
_struct_ref_seq.pdbx_auth_seq_align_end       144 
# 
_pdbx_struct_assembly.id                   1 
_pdbx_struct_assembly.details              author_defined_assembly 
_pdbx_struct_assembly.method_details       ? 
_pdbx_struct_assembly.oligomeric_details   monomeric 
_pdbx_struct_assembly.oligomeric_count     1 
# 
_pdbx_struct_assembly_gen.assembly_id       1 
_pdbx_struct_assembly_gen.oper_expression   1 
_pdbx_struct_assembly_gen.asym_id_list      A,B 
# 
_pdbx_struct_assembly_auth_evidence.id                     1 
_pdbx_struct_assembly_auth_evidence.assembly_id            1 
_pdbx_struct_assembly_auth_evidence.experimental_support   'light scattering' 
_pdbx_struct_assembly_auth_evidence.details                ? 
# 
_pdbx_struct_oper_list.id                   1 
_pdbx_struct_oper_list.type                 'identity operation' 
_pdbx_struct_oper_list.name                 1_555 
_pdbx_struct_oper_list.symmetry_operation   x,y,z 
_pdbx_struct_oper_list.matrix[1][1]         1.0000000000 
_pdbx_struct_oper_list.matrix[1][2]         0.0000000000 
_pdbx_struct_oper_list.matrix[1][3]         0.0000000000 
_pdbx_struct_oper_list.vector[1]            0.0000000000 
_pdbx_struct_oper_list.matrix[2][1]         0.0000000000 
_pdbx_struct_oper_list.matrix[2][2]         1.0000000000 
_pdbx_struct_oper_list.matrix[2][3]         0.0000000000 
_pdbx_struct_oper_list.vector[2]            0.0000000000 
_pdbx_struct_oper_list.matrix[3][1]         0.0000000000 
_pdbx_struct_oper_list.matrix[3][2]         0.0000000000 
_pdbx_struct_oper_list.matrix[3][3]         1.0000000000 
_pdbx_struct_oper_list.vector[3]            0.0000000000 
# 
loop_
_struct_conf.conf_type_id 
_struct_conf.id 
_struct_conf.pdbx_PDB_helix_id 
_struct_conf.beg_label_comp_id 
_struct_conf.beg_label_asym_id 
_struct_conf.beg_label_seq_id 
_struct_conf.pdbx_beg_PDB_ins_code 
_struct_conf.end_label_comp_id 
_struct_conf.end_label_asym_id 
_struct_conf.end_label_seq_id 
_struct_conf.pdbx_end_PDB_ins_code 
_struct_conf.beg_auth_comp_id 
_struct_conf.beg_auth_asym_id 
_struct_conf.beg_auth_seq_id 
_struct_conf.end_auth_comp_id 
_struct_conf.end_auth_asym_id 
_struct_conf.end_auth_seq_id 
_struct_conf.pdbx_PDB_helix_class 
_struct_conf.details 
_struct_conf.pdbx_PDB_helix_length 
HELX_P HELX_P1 AA1 GLU A 22  ? VAL A 31  ? GLU A 22  VAL A 31  1 ? 10 
HELX_P HELX_P2 AA2 ASP A 40  ? GLY A 52  ? ASP A 40  GLY A 52  1 ? 13 
HELX_P HELX_P3 AA3 SER A 66  ? HIS A 77  ? SER A 66  HIS A 77  1 ? 12 
HELX_P HELX_P4 AA4 ARG A 87  ? SER A 92  ? ARG A 87  SER A 92  5 ? 6  
HELX_P HELX_P5 AA5 SER A 93  ? CYS A 104 ? SER A 93  CYS A 104 1 ? 12 
HELX_P HELX_P6 AA6 PRO A 113 ? HIS A 123 ? PRO A 113 HIS A 123 1 ? 11 
HELX_P HELX_P7 AA7 GLN A 124 ? TRP A 135 ? GLN A 124 TRP A 135 1 ? 12 
# 
_struct_conf_type.id          HELX_P 
_struct_conf_type.criteria    ? 
_struct_conf_type.reference   ? 
# 
loop_
_struct_conn.id 
_struct_conn.conn_type_id 
_struct_conn.pdbx_leaving_atom_flag 
_struct_conn.pdbx_PDB_id 
_struct_conn.ptnr1_label_asym_id 
_struct_conn.ptnr1_label_comp_id 
_struct_conn.ptnr1_label_seq_id 
_struct_conn.ptnr1_label_atom_id 
_struct_conn.pdbx_ptnr1_label_alt_id 
_struct_conn.pdbx_ptnr1_PDB_ins_code 
_struct_conn.pdbx_ptnr1_standard_comp_id 
_struct_conn.ptnr1_symmetry 
_struct_conn.ptnr2_label_asym_id 
_struct_conn.ptnr2_label_comp_id 
_struct_conn.ptnr2_label_seq_id 
_struct_conn.ptnr2_label_atom_id 
_struct_conn.pdbx_ptnr2_label_alt_id 
_struct_conn.pdbx_ptnr2_PDB_ins_code 
_struct_conn.ptnr1_auth_asym_id 
_struct_conn.ptnr1_auth_comp_id 
_struct_conn.ptnr1_auth_seq_id 
_struct_conn.ptnr2_auth_asym_id 
_struct_conn.ptnr2_auth_comp_id 
_struct_conn.ptnr2_auth_seq_id 
_struct_conn.ptnr2_symmetry 
_struct_conn.pdbx_ptnr3_label_atom_id 
_struct_conn.pdbx_ptnr3_label_seq_id 
_struct_conn.pdbx_ptnr3_label_comp_id 
_struct_conn.pdbx_ptnr3_label_asym_id 
_struct_conn.pdbx_ptnr3_label_alt_id 
_struct_conn.pdbx_ptnr3_PDB_ins_code 
_struct_conn.details 
_struct_conn.pdbx_dist_value 
_struct_conn.pdbx_value_order 
_struct_conn.pdbx_role 
covale1 covale both ? A LYS 6   C ? ? ? 1_555 A MSE 7   N ? ? A LYS 6   A MSE 7   1_555 ? ? ? ? ? ? ? 1.312 ? ? 
covale2 covale both ? A MSE 7   C ? ? ? 1_555 A ASP 8   N ? ? A MSE 7   A ASP 8   1_555 ? ? ? ? ? ? ? 1.322 ? ? 
covale3 covale both ? A GLY 126 C ? ? ? 1_555 A MSE 127 N ? ? A GLY 126 A MSE 127 1_555 ? ? ? ? ? ? ? 1.330 ? ? 
covale4 covale both ? A MSE 127 C ? ? ? 1_555 A LEU 128 N ? ? A MSE 127 A LEU 128 1_555 ? ? ? ? ? ? ? 1.335 ? ? 
# 
_struct_conn_type.id          covale 
_struct_conn_type.criteria    ? 
_struct_conn_type.reference   ? 
# 
loop_
_pdbx_modification_feature.ordinal 
_pdbx_modification_feature.label_comp_id 
_pdbx_modification_feature.label_asym_id 
_pdbx_modification_feature.label_seq_id 
_pdbx_modification_feature.label_alt_id 
_pdbx_modification_feature.modified_residue_label_comp_id 
_pdbx_modification_feature.modified_residue_label_asym_id 
_pdbx_modification_feature.modified_residue_label_seq_id 
_pdbx_modification_feature.modified_residue_label_alt_id 
_pdbx_modification_feature.auth_comp_id 
_pdbx_modification_feature.auth_asym_id 
_pdbx_modification_feature.auth_seq_id 
_pdbx_modification_feature.PDB_ins_code 
_pdbx_modification_feature.symmetry 
_pdbx_modification_feature.modified_residue_auth_comp_id 
_pdbx_modification_feature.modified_residue_auth_asym_id 
_pdbx_modification_feature.modified_residue_auth_seq_id 
_pdbx_modification_feature.modified_residue_PDB_ins_code 
_pdbx_modification_feature.modified_residue_symmetry 
_pdbx_modification_feature.comp_id_linking_atom 
_pdbx_modification_feature.modified_residue_id_linking_atom 
_pdbx_modification_feature.modified_residue_id 
_pdbx_modification_feature.ref_pcm_id 
_pdbx_modification_feature.ref_comp_id 
_pdbx_modification_feature.type 
_pdbx_modification_feature.category 
1 MSE A 7   ? . . . . MSE A 7   ? 1_555 . . . . . . . MET 1 MSE Selenomethionine 'Named protein modification' 
2 MSE A 127 ? . . . . MSE A 127 ? 1_555 . . . . . . . MET 1 MSE Selenomethionine 'Named protein modification' 
# 
_struct_sheet.id               AA1 
_struct_sheet.type             ? 
_struct_sheet.number_strands   5 
_struct_sheet.details          ? 
# 
loop_
_struct_sheet_order.sheet_id 
_struct_sheet_order.range_id_1 
_struct_sheet_order.range_id_2 
_struct_sheet_order.offset 
_struct_sheet_order.sense 
AA1 1 2 ? parallel 
AA1 2 3 ? parallel 
AA1 3 4 ? parallel 
AA1 4 5 ? parallel 
# 
loop_
_struct_sheet_range.sheet_id 
_struct_sheet_range.id 
_struct_sheet_range.beg_label_comp_id 
_struct_sheet_range.beg_label_asym_id 
_struct_sheet_range.beg_label_seq_id 
_struct_sheet_range.pdbx_beg_PDB_ins_code 
_struct_sheet_range.end_label_comp_id 
_struct_sheet_range.end_label_asym_id 
_struct_sheet_range.end_label_seq_id 
_struct_sheet_range.pdbx_end_PDB_ins_code 
_struct_sheet_range.beg_auth_comp_id 
_struct_sheet_range.beg_auth_asym_id 
_struct_sheet_range.beg_auth_seq_id 
_struct_sheet_range.end_auth_comp_id 
_struct_sheet_range.end_auth_asym_id 
_struct_sheet_range.end_auth_seq_id 
AA1 1 LYS A 34  ? CYS A 38  ? LYS A 34  CYS A 38  
AA1 2 SER A 13  ? VAL A 17  ? SER A 13  VAL A 17  
AA1 3 ILE A 55  ? ASP A 59  ? ILE A 55  ASP A 59  
AA1 4 ARG A 81  ? ILE A 86  ? ARG A 81  ILE A 86  
AA1 5 ASP A 106 ? THR A 109 ? ASP A 106 THR A 109 
# 
loop_
_pdbx_struct_sheet_hbond.sheet_id 
_pdbx_struct_sheet_hbond.range_id_1 
_pdbx_struct_sheet_hbond.range_id_2 
_pdbx_struct_sheet_hbond.range_1_label_atom_id 
_pdbx_struct_sheet_hbond.range_1_label_comp_id 
_pdbx_struct_sheet_hbond.range_1_label_asym_id 
_pdbx_struct_sheet_hbond.range_1_label_seq_id 
_pdbx_struct_sheet_hbond.range_1_PDB_ins_code 
_pdbx_struct_sheet_hbond.range_1_auth_atom_id 
_pdbx_struct_sheet_hbond.range_1_auth_comp_id 
_pdbx_struct_sheet_hbond.range_1_auth_asym_id 
_pdbx_struct_sheet_hbond.range_1_auth_seq_id 
_pdbx_struct_sheet_hbond.range_2_label_atom_id 
_pdbx_struct_sheet_hbond.range_2_label_comp_id 
_pdbx_struct_sheet_hbond.range_2_label_asym_id 
_pdbx_struct_sheet_hbond.range_2_label_seq_id 
_pdbx_struct_sheet_hbond.range_2_PDB_ins_code 
_pdbx_struct_sheet_hbond.range_2_auth_atom_id 
_pdbx_struct_sheet_hbond.range_2_auth_comp_id 
_pdbx_struct_sheet_hbond.range_2_auth_asym_id 
_pdbx_struct_sheet_hbond.range_2_auth_seq_id 
AA1 1 2 O LYS A 34 ? O LYS A 34 N LEU A 14  ? N LEU A 14  
AA1 2 3 N VAL A 15 ? N VAL A 15 O ILE A 57  ? O ILE A 57  
AA1 3 4 N GLY A 56 ? N GLY A 56 O LEU A 83  ? O LEU A 83  
AA1 4 5 N ALA A 84 ? N ALA A 84 O ASP A 106 ? O ASP A 106 
# 
_pdbx_entry_details.entry_id                   7Y19 
_pdbx_entry_details.nonpolymer_details         ? 
_pdbx_entry_details.sequence_details           ? 
_pdbx_entry_details.compound_details           ? 
_pdbx_entry_details.source_details             ? 
_pdbx_entry_details.has_ligand_of_interest     N 
_pdbx_entry_details.has_protein_modification   Y 
# 
_pdbx_validate_close_contact.id               1 
_pdbx_validate_close_contact.PDB_model_num    1 
_pdbx_validate_close_contact.auth_atom_id_1   OH 
_pdbx_validate_close_contact.auth_asym_id_1   A 
_pdbx_validate_close_contact.auth_comp_id_1   TYR 
_pdbx_validate_close_contact.auth_seq_id_1    21 
_pdbx_validate_close_contact.PDB_ins_code_1   ? 
_pdbx_validate_close_contact.label_alt_id_1   ? 
_pdbx_validate_close_contact.auth_atom_id_2   OG 
_pdbx_validate_close_contact.auth_asym_id_2   A 
_pdbx_validate_close_contact.auth_comp_id_2   SER 
_pdbx_validate_close_contact.auth_seq_id_2    26 
_pdbx_validate_close_contact.PDB_ins_code_2   ? 
_pdbx_validate_close_contact.label_alt_id_2   ? 
_pdbx_validate_close_contact.dist             2.17 
# 
loop_
_pdbx_validate_torsion.id 
_pdbx_validate_torsion.PDB_model_num 
_pdbx_validate_torsion.auth_comp_id 
_pdbx_validate_torsion.auth_asym_id 
_pdbx_validate_torsion.auth_seq_id 
_pdbx_validate_torsion.PDB_ins_code 
_pdbx_validate_torsion.label_alt_id 
_pdbx_validate_torsion.phi 
_pdbx_validate_torsion.psi 
1 1 VAL A 17  ? ? -59.41  88.33  
2 1 THR A 20  ? ? 70.89   142.97 
3 1 CYS A 35  ? ? -109.29 78.77  
4 1 ASP A 63  ? ? -56.78  65.10  
5 1 LEU A 67  ? ? -55.77  -6.28  
6 1 ALA A 110 ? ? -54.87  -73.13 
7 1 PRO A 136 ? ? -55.96  73.80  
# 
loop_
_pdbx_struct_mod_residue.id 
_pdbx_struct_mod_residue.label_asym_id 
_pdbx_struct_mod_residue.label_comp_id 
_pdbx_struct_mod_residue.label_seq_id 
_pdbx_struct_mod_residue.auth_asym_id 
_pdbx_struct_mod_residue.auth_comp_id 
_pdbx_struct_mod_residue.auth_seq_id 
_pdbx_struct_mod_residue.PDB_ins_code 
_pdbx_struct_mod_residue.parent_comp_id 
_pdbx_struct_mod_residue.details 
1 A MSE 7   A MSE 7   ? MET 'modified residue' 
2 A MSE 127 A MSE 127 ? MET 'modified residue' 
# 
loop_
_pdbx_unobs_or_zero_occ_residues.id 
_pdbx_unobs_or_zero_occ_residues.PDB_model_num 
_pdbx_unobs_or_zero_occ_residues.polymer_flag 
_pdbx_unobs_or_zero_occ_residues.occupancy_flag 
_pdbx_unobs_or_zero_occ_residues.auth_asym_id 
_pdbx_unobs_or_zero_occ_residues.auth_comp_id 
_pdbx_unobs_or_zero_occ_residues.auth_seq_id 
_pdbx_unobs_or_zero_occ_residues.PDB_ins_code 
_pdbx_unobs_or_zero_occ_residues.label_asym_id 
_pdbx_unobs_or_zero_occ_residues.label_comp_id 
_pdbx_unobs_or_zero_occ_residues.label_seq_id 
1  1 Y 1 A MSE 1   ? A MSE 1   
2  1 Y 1 A ALA 2   ? A ALA 2   
3  1 Y 1 A THR 3   ? A THR 3   
4  1 Y 1 A GLN 4   ? A GLN 4   
5  1 Y 1 A PHE 5   ? A PHE 5   
6  1 Y 1 A PHE 138 ? A PHE 138 
7  1 Y 1 A GLY 139 ? A GLY 139 
8  1 Y 1 A ASN 140 ? A ASN 140 
9  1 Y 1 A ASN 141 ? A ASN 141 
10 1 Y 1 A GLN 142 ? A GLN 142 
11 1 Y 1 A ASP 143 ? A ASP 143 
12 1 Y 1 A MSE 144 ? A MSE 144 
# 
loop_
_chem_comp_atom.comp_id 
_chem_comp_atom.atom_id 
_chem_comp_atom.type_symbol 
_chem_comp_atom.pdbx_aromatic_flag 
_chem_comp_atom.pdbx_stereo_config 
_chem_comp_atom.pdbx_ordinal 
ALA N    N  N N 1   
ALA CA   C  N S 2   
ALA C    C  N N 3   
ALA O    O  N N 4   
ALA CB   C  N N 5   
ALA OXT  O  N N 6   
ALA H    H  N N 7   
ALA H2   H  N N 8   
ALA HA   H  N N 9   
ALA HB1  H  N N 10  
ALA HB2  H  N N 11  
ALA HB3  H  N N 12  
ALA HXT  H  N N 13  
ARG N    N  N N 14  
ARG CA   C  N S 15  
ARG C    C  N N 16  
ARG O    O  N N 17  
ARG CB   C  N N 18  
ARG CG   C  N N 19  
ARG CD   C  N N 20  
ARG NE   N  N N 21  
ARG CZ   C  N N 22  
ARG NH1  N  N N 23  
ARG NH2  N  N N 24  
ARG OXT  O  N N 25  
ARG H    H  N N 26  
ARG H2   H  N N 27  
ARG HA   H  N N 28  
ARG HB2  H  N N 29  
ARG HB3  H  N N 30  
ARG HG2  H  N N 31  
ARG HG3  H  N N 32  
ARG HD2  H  N N 33  
ARG HD3  H  N N 34  
ARG HE   H  N N 35  
ARG HH11 H  N N 36  
ARG HH12 H  N N 37  
ARG HH21 H  N N 38  
ARG HH22 H  N N 39  
ARG HXT  H  N N 40  
ASN N    N  N N 41  
ASN CA   C  N S 42  
ASN C    C  N N 43  
ASN O    O  N N 44  
ASN CB   C  N N 45  
ASN CG   C  N N 46  
ASN OD1  O  N N 47  
ASN ND2  N  N N 48  
ASN OXT  O  N N 49  
ASN H    H  N N 50  
ASN H2   H  N N 51  
ASN HA   H  N N 52  
ASN HB2  H  N N 53  
ASN HB3  H  N N 54  
ASN HD21 H  N N 55  
ASN HD22 H  N N 56  
ASN HXT  H  N N 57  
ASP N    N  N N 58  
ASP CA   C  N S 59  
ASP C    C  N N 60  
ASP O    O  N N 61  
ASP CB   C  N N 62  
ASP CG   C  N N 63  
ASP OD1  O  N N 64  
ASP OD2  O  N N 65  
ASP OXT  O  N N 66  
ASP H    H  N N 67  
ASP H2   H  N N 68  
ASP HA   H  N N 69  
ASP HB2  H  N N 70  
ASP HB3  H  N N 71  
ASP HD2  H  N N 72  
ASP HXT  H  N N 73  
CYS N    N  N N 74  
CYS CA   C  N R 75  
CYS C    C  N N 76  
CYS O    O  N N 77  
CYS CB   C  N N 78  
CYS SG   S  N N 79  
CYS OXT  O  N N 80  
CYS H    H  N N 81  
CYS H2   H  N N 82  
CYS HA   H  N N 83  
CYS HB2  H  N N 84  
CYS HB3  H  N N 85  
CYS HG   H  N N 86  
CYS HXT  H  N N 87  
GLN N    N  N N 88  
GLN CA   C  N S 89  
GLN C    C  N N 90  
GLN O    O  N N 91  
GLN CB   C  N N 92  
GLN CG   C  N N 93  
GLN CD   C  N N 94  
GLN OE1  O  N N 95  
GLN NE2  N  N N 96  
GLN OXT  O  N N 97  
GLN H    H  N N 98  
GLN H2   H  N N 99  
GLN HA   H  N N 100 
GLN HB2  H  N N 101 
GLN HB3  H  N N 102 
GLN HG2  H  N N 103 
GLN HG3  H  N N 104 
GLN HE21 H  N N 105 
GLN HE22 H  N N 106 
GLN HXT  H  N N 107 
GLU N    N  N N 108 
GLU CA   C  N S 109 
GLU C    C  N N 110 
GLU O    O  N N 111 
GLU CB   C  N N 112 
GLU CG   C  N N 113 
GLU CD   C  N N 114 
GLU OE1  O  N N 115 
GLU OE2  O  N N 116 
GLU OXT  O  N N 117 
GLU H    H  N N 118 
GLU H2   H  N N 119 
GLU HA   H  N N 120 
GLU HB2  H  N N 121 
GLU HB3  H  N N 122 
GLU HG2  H  N N 123 
GLU HG3  H  N N 124 
GLU HE2  H  N N 125 
GLU HXT  H  N N 126 
GLY N    N  N N 127 
GLY CA   C  N N 128 
GLY C    C  N N 129 
GLY O    O  N N 130 
GLY OXT  O  N N 131 
GLY H    H  N N 132 
GLY H2   H  N N 133 
GLY HA2  H  N N 134 
GLY HA3  H  N N 135 
GLY HXT  H  N N 136 
HIS N    N  N N 137 
HIS CA   C  N S 138 
HIS C    C  N N 139 
HIS O    O  N N 140 
HIS CB   C  N N 141 
HIS CG   C  Y N 142 
HIS ND1  N  Y N 143 
HIS CD2  C  Y N 144 
HIS CE1  C  Y N 145 
HIS NE2  N  Y N 146 
HIS OXT  O  N N 147 
HIS H    H  N N 148 
HIS H2   H  N N 149 
HIS HA   H  N N 150 
HIS HB2  H  N N 151 
HIS HB3  H  N N 152 
HIS HD1  H  N N 153 
HIS HD2  H  N N 154 
HIS HE1  H  N N 155 
HIS HE2  H  N N 156 
HIS HXT  H  N N 157 
HOH O    O  N N 158 
HOH H1   H  N N 159 
HOH H2   H  N N 160 
ILE N    N  N N 161 
ILE CA   C  N S 162 
ILE C    C  N N 163 
ILE O    O  N N 164 
ILE CB   C  N S 165 
ILE CG1  C  N N 166 
ILE CG2  C  N N 167 
ILE CD1  C  N N 168 
ILE OXT  O  N N 169 
ILE H    H  N N 170 
ILE H2   H  N N 171 
ILE HA   H  N N 172 
ILE HB   H  N N 173 
ILE HG12 H  N N 174 
ILE HG13 H  N N 175 
ILE HG21 H  N N 176 
ILE HG22 H  N N 177 
ILE HG23 H  N N 178 
ILE HD11 H  N N 179 
ILE HD12 H  N N 180 
ILE HD13 H  N N 181 
ILE HXT  H  N N 182 
LEU N    N  N N 183 
LEU CA   C  N S 184 
LEU C    C  N N 185 
LEU O    O  N N 186 
LEU CB   C  N N 187 
LEU CG   C  N N 188 
LEU CD1  C  N N 189 
LEU CD2  C  N N 190 
LEU OXT  O  N N 191 
LEU H    H  N N 192 
LEU H2   H  N N 193 
LEU HA   H  N N 194 
LEU HB2  H  N N 195 
LEU HB3  H  N N 196 
LEU HG   H  N N 197 
LEU HD11 H  N N 198 
LEU HD12 H  N N 199 
LEU HD13 H  N N 200 
LEU HD21 H  N N 201 
LEU HD22 H  N N 202 
LEU HD23 H  N N 203 
LEU HXT  H  N N 204 
LYS N    N  N N 205 
LYS CA   C  N S 206 
LYS C    C  N N 207 
LYS O    O  N N 208 
LYS CB   C  N N 209 
LYS CG   C  N N 210 
LYS CD   C  N N 211 
LYS CE   C  N N 212 
LYS NZ   N  N N 213 
LYS OXT  O  N N 214 
LYS H    H  N N 215 
LYS H2   H  N N 216 
LYS HA   H  N N 217 
LYS HB2  H  N N 218 
LYS HB3  H  N N 219 
LYS HG2  H  N N 220 
LYS HG3  H  N N 221 
LYS HD2  H  N N 222 
LYS HD3  H  N N 223 
LYS HE2  H  N N 224 
LYS HE3  H  N N 225 
LYS HZ1  H  N N 226 
LYS HZ2  H  N N 227 
LYS HZ3  H  N N 228 
LYS HXT  H  N N 229 
MSE N    N  N N 230 
MSE CA   C  N S 231 
MSE C    C  N N 232 
MSE O    O  N N 233 
MSE OXT  O  N N 234 
MSE CB   C  N N 235 
MSE CG   C  N N 236 
MSE SE   SE N N 237 
MSE CE   C  N N 238 
MSE H    H  N N 239 
MSE H2   H  N N 240 
MSE HA   H  N N 241 
MSE HXT  H  N N 242 
MSE HB2  H  N N 243 
MSE HB3  H  N N 244 
MSE HG2  H  N N 245 
MSE HG3  H  N N 246 
MSE HE1  H  N N 247 
MSE HE2  H  N N 248 
MSE HE3  H  N N 249 
PHE N    N  N N 250 
PHE CA   C  N S 251 
PHE C    C  N N 252 
PHE O    O  N N 253 
PHE CB   C  N N 254 
PHE CG   C  Y N 255 
PHE CD1  C  Y N 256 
PHE CD2  C  Y N 257 
PHE CE1  C  Y N 258 
PHE CE2  C  Y N 259 
PHE CZ   C  Y N 260 
PHE OXT  O  N N 261 
PHE H    H  N N 262 
PHE H2   H  N N 263 
PHE HA   H  N N 264 
PHE HB2  H  N N 265 
PHE HB3  H  N N 266 
PHE HD1  H  N N 267 
PHE HD2  H  N N 268 
PHE HE1  H  N N 269 
PHE HE2  H  N N 270 
PHE HZ   H  N N 271 
PHE HXT  H  N N 272 
PRO N    N  N N 273 
PRO CA   C  N S 274 
PRO C    C  N N 275 
PRO O    O  N N 276 
PRO CB   C  N N 277 
PRO CG   C  N N 278 
PRO CD   C  N N 279 
PRO OXT  O  N N 280 
PRO H    H  N N 281 
PRO HA   H  N N 282 
PRO HB2  H  N N 283 
PRO HB3  H  N N 284 
PRO HG2  H  N N 285 
PRO HG3  H  N N 286 
PRO HD2  H  N N 287 
PRO HD3  H  N N 288 
PRO HXT  H  N N 289 
SER N    N  N N 290 
SER CA   C  N S 291 
SER C    C  N N 292 
SER O    O  N N 293 
SER CB   C  N N 294 
SER OG   O  N N 295 
SER OXT  O  N N 296 
SER H    H  N N 297 
SER H2   H  N N 298 
SER HA   H  N N 299 
SER HB2  H  N N 300 
SER HB3  H  N N 301 
SER HG   H  N N 302 
SER HXT  H  N N 303 
THR N    N  N N 304 
THR CA   C  N S 305 
THR C    C  N N 306 
THR O    O  N N 307 
THR CB   C  N R 308 
THR OG1  O  N N 309 
THR CG2  C  N N 310 
THR OXT  O  N N 311 
THR H    H  N N 312 
THR H2   H  N N 313 
THR HA   H  N N 314 
THR HB   H  N N 315 
THR HG1  H  N N 316 
THR HG21 H  N N 317 
THR HG22 H  N N 318 
THR HG23 H  N N 319 
THR HXT  H  N N 320 
TRP N    N  N N 321 
TRP CA   C  N S 322 
TRP C    C  N N 323 
TRP O    O  N N 324 
TRP CB   C  N N 325 
TRP CG   C  Y N 326 
TRP CD1  C  Y N 327 
TRP CD2  C  Y N 328 
TRP NE1  N  Y N 329 
TRP CE2  C  Y N 330 
TRP CE3  C  Y N 331 
TRP CZ2  C  Y N 332 
TRP CZ3  C  Y N 333 
TRP CH2  C  Y N 334 
TRP OXT  O  N N 335 
TRP H    H  N N 336 
TRP H2   H  N N 337 
TRP HA   H  N N 338 
TRP HB2  H  N N 339 
TRP HB3  H  N N 340 
TRP HD1  H  N N 341 
TRP HE1  H  N N 342 
TRP HE3  H  N N 343 
TRP HZ2  H  N N 344 
TRP HZ3  H  N N 345 
TRP HH2  H  N N 346 
TRP HXT  H  N N 347 
TYR N    N  N N 348 
TYR CA   C  N S 349 
TYR C    C  N N 350 
TYR O    O  N N 351 
TYR CB   C  N N 352 
TYR CG   C  Y N 353 
TYR CD1  C  Y N 354 
TYR CD2  C  Y N 355 
TYR CE1  C  Y N 356 
TYR CE2  C  Y N 357 
TYR CZ   C  Y N 358 
TYR OH   O  N N 359 
TYR OXT  O  N N 360 
TYR H    H  N N 361 
TYR H2   H  N N 362 
TYR HA   H  N N 363 
TYR HB2  H  N N 364 
TYR HB3  H  N N 365 
TYR HD1  H  N N 366 
TYR HD2  H  N N 367 
TYR HE1  H  N N 368 
TYR HE2  H  N N 369 
TYR HH   H  N N 370 
TYR HXT  H  N N 371 
VAL N    N  N N 372 
VAL CA   C  N S 373 
VAL C    C  N N 374 
VAL O    O  N N 375 
VAL CB   C  N N 376 
VAL CG1  C  N N 377 
VAL CG2  C  N N 378 
VAL OXT  O  N N 379 
VAL H    H  N N 380 
VAL H2   H  N N 381 
VAL HA   H  N N 382 
VAL HB   H  N N 383 
VAL HG11 H  N N 384 
VAL HG12 H  N N 385 
VAL HG13 H  N N 386 
VAL HG21 H  N N 387 
VAL HG22 H  N N 388 
VAL HG23 H  N N 389 
VAL HXT  H  N N 390 
# 
loop_
_chem_comp_bond.comp_id 
_chem_comp_bond.atom_id_1 
_chem_comp_bond.atom_id_2 
_chem_comp_bond.value_order 
_chem_comp_bond.pdbx_aromatic_flag 
_chem_comp_bond.pdbx_stereo_config 
_chem_comp_bond.pdbx_ordinal 
ALA N   CA   sing N N 1   
ALA N   H    sing N N 2   
ALA N   H2   sing N N 3   
ALA CA  C    sing N N 4   
ALA CA  CB   sing N N 5   
ALA CA  HA   sing N N 6   
ALA C   O    doub N N 7   
ALA C   OXT  sing N N 8   
ALA CB  HB1  sing N N 9   
ALA CB  HB2  sing N N 10  
ALA CB  HB3  sing N N 11  
ALA OXT HXT  sing N N 12  
ARG N   CA   sing N N 13  
ARG N   H    sing N N 14  
ARG N   H2   sing N N 15  
ARG CA  C    sing N N 16  
ARG CA  CB   sing N N 17  
ARG CA  HA   sing N N 18  
ARG C   O    doub N N 19  
ARG C   OXT  sing N N 20  
ARG CB  CG   sing N N 21  
ARG CB  HB2  sing N N 22  
ARG CB  HB3  sing N N 23  
ARG CG  CD   sing N N 24  
ARG CG  HG2  sing N N 25  
ARG CG  HG3  sing N N 26  
ARG CD  NE   sing N N 27  
ARG CD  HD2  sing N N 28  
ARG CD  HD3  sing N N 29  
ARG NE  CZ   sing N N 30  
ARG NE  HE   sing N N 31  
ARG CZ  NH1  sing N N 32  
ARG CZ  NH2  doub N N 33  
ARG NH1 HH11 sing N N 34  
ARG NH1 HH12 sing N N 35  
ARG NH2 HH21 sing N N 36  
ARG NH2 HH22 sing N N 37  
ARG OXT HXT  sing N N 38  
ASN N   CA   sing N N 39  
ASN N   H    sing N N 40  
ASN N   H2   sing N N 41  
ASN CA  C    sing N N 42  
ASN CA  CB   sing N N 43  
ASN CA  HA   sing N N 44  
ASN C   O    doub N N 45  
ASN C   OXT  sing N N 46  
ASN CB  CG   sing N N 47  
ASN CB  HB2  sing N N 48  
ASN CB  HB3  sing N N 49  
ASN CG  OD1  doub N N 50  
ASN CG  ND2  sing N N 51  
ASN ND2 HD21 sing N N 52  
ASN ND2 HD22 sing N N 53  
ASN OXT HXT  sing N N 54  
ASP N   CA   sing N N 55  
ASP N   H    sing N N 56  
ASP N   H2   sing N N 57  
ASP CA  C    sing N N 58  
ASP CA  CB   sing N N 59  
ASP CA  HA   sing N N 60  
ASP C   O    doub N N 61  
ASP C   OXT  sing N N 62  
ASP CB  CG   sing N N 63  
ASP CB  HB2  sing N N 64  
ASP CB  HB3  sing N N 65  
ASP CG  OD1  doub N N 66  
ASP CG  OD2  sing N N 67  
ASP OD2 HD2  sing N N 68  
ASP OXT HXT  sing N N 69  
CYS N   CA   sing N N 70  
CYS N   H    sing N N 71  
CYS N   H2   sing N N 72  
CYS CA  C    sing N N 73  
CYS CA  CB   sing N N 74  
CYS CA  HA   sing N N 75  
CYS C   O    doub N N 76  
CYS C   OXT  sing N N 77  
CYS CB  SG   sing N N 78  
CYS CB  HB2  sing N N 79  
CYS CB  HB3  sing N N 80  
CYS SG  HG   sing N N 81  
CYS OXT HXT  sing N N 82  
GLN N   CA   sing N N 83  
GLN N   H    sing N N 84  
GLN N   H2   sing N N 85  
GLN CA  C    sing N N 86  
GLN CA  CB   sing N N 87  
GLN CA  HA   sing N N 88  
GLN C   O    doub N N 89  
GLN C   OXT  sing N N 90  
GLN CB  CG   sing N N 91  
GLN CB  HB2  sing N N 92  
GLN CB  HB3  sing N N 93  
GLN CG  CD   sing N N 94  
GLN CG  HG2  sing N N 95  
GLN CG  HG3  sing N N 96  
GLN CD  OE1  doub N N 97  
GLN CD  NE2  sing N N 98  
GLN NE2 HE21 sing N N 99  
GLN NE2 HE22 sing N N 100 
GLN OXT HXT  sing N N 101 
GLU N   CA   sing N N 102 
GLU N   H    sing N N 103 
GLU N   H2   sing N N 104 
GLU CA  C    sing N N 105 
GLU CA  CB   sing N N 106 
GLU CA  HA   sing N N 107 
GLU C   O    doub N N 108 
GLU C   OXT  sing N N 109 
GLU CB  CG   sing N N 110 
GLU CB  HB2  sing N N 111 
GLU CB  HB3  sing N N 112 
GLU CG  CD   sing N N 113 
GLU CG  HG2  sing N N 114 
GLU CG  HG3  sing N N 115 
GLU CD  OE1  doub N N 116 
GLU CD  OE2  sing N N 117 
GLU OE2 HE2  sing N N 118 
GLU OXT HXT  sing N N 119 
GLY N   CA   sing N N 120 
GLY N   H    sing N N 121 
GLY N   H2   sing N N 122 
GLY CA  C    sing N N 123 
GLY CA  HA2  sing N N 124 
GLY CA  HA3  sing N N 125 
GLY C   O    doub N N 126 
GLY C   OXT  sing N N 127 
GLY OXT HXT  sing N N 128 
HIS N   CA   sing N N 129 
HIS N   H    sing N N 130 
HIS N   H2   sing N N 131 
HIS CA  C    sing N N 132 
HIS CA  CB   sing N N 133 
HIS CA  HA   sing N N 134 
HIS C   O    doub N N 135 
HIS C   OXT  sing N N 136 
HIS CB  CG   sing N N 137 
HIS CB  HB2  sing N N 138 
HIS CB  HB3  sing N N 139 
HIS CG  ND1  sing Y N 140 
HIS CG  CD2  doub Y N 141 
HIS ND1 CE1  doub Y N 142 
HIS ND1 HD1  sing N N 143 
HIS CD2 NE2  sing Y N 144 
HIS CD2 HD2  sing N N 145 
HIS CE1 NE2  sing Y N 146 
HIS CE1 HE1  sing N N 147 
HIS NE2 HE2  sing N N 148 
HIS OXT HXT  sing N N 149 
HOH O   H1   sing N N 150 
HOH O   H2   sing N N 151 
ILE N   CA   sing N N 152 
ILE N   H    sing N N 153 
ILE N   H2   sing N N 154 
ILE CA  C    sing N N 155 
ILE CA  CB   sing N N 156 
ILE CA  HA   sing N N 157 
ILE C   O    doub N N 158 
ILE C   OXT  sing N N 159 
ILE CB  CG1  sing N N 160 
ILE CB  CG2  sing N N 161 
ILE CB  HB   sing N N 162 
ILE CG1 CD1  sing N N 163 
ILE CG1 HG12 sing N N 164 
ILE CG1 HG13 sing N N 165 
ILE CG2 HG21 sing N N 166 
ILE CG2 HG22 sing N N 167 
ILE CG2 HG23 sing N N 168 
ILE CD1 HD11 sing N N 169 
ILE CD1 HD12 sing N N 170 
ILE CD1 HD13 sing N N 171 
ILE OXT HXT  sing N N 172 
LEU N   CA   sing N N 173 
LEU N   H    sing N N 174 
LEU N   H2   sing N N 175 
LEU CA  C    sing N N 176 
LEU CA  CB   sing N N 177 
LEU CA  HA   sing N N 178 
LEU C   O    doub N N 179 
LEU C   OXT  sing N N 180 
LEU CB  CG   sing N N 181 
LEU CB  HB2  sing N N 182 
LEU CB  HB3  sing N N 183 
LEU CG  CD1  sing N N 184 
LEU CG  CD2  sing N N 185 
LEU CG  HG   sing N N 186 
LEU CD1 HD11 sing N N 187 
LEU CD1 HD12 sing N N 188 
LEU CD1 HD13 sing N N 189 
LEU CD2 HD21 sing N N 190 
LEU CD2 HD22 sing N N 191 
LEU CD2 HD23 sing N N 192 
LEU OXT HXT  sing N N 193 
LYS N   CA   sing N N 194 
LYS N   H    sing N N 195 
LYS N   H2   sing N N 196 
LYS CA  C    sing N N 197 
LYS CA  CB   sing N N 198 
LYS CA  HA   sing N N 199 
LYS C   O    doub N N 200 
LYS C   OXT  sing N N 201 
LYS CB  CG   sing N N 202 
LYS CB  HB2  sing N N 203 
LYS CB  HB3  sing N N 204 
LYS CG  CD   sing N N 205 
LYS CG  HG2  sing N N 206 
LYS CG  HG3  sing N N 207 
LYS CD  CE   sing N N 208 
LYS CD  HD2  sing N N 209 
LYS CD  HD3  sing N N 210 
LYS CE  NZ   sing N N 211 
LYS CE  HE2  sing N N 212 
LYS CE  HE3  sing N N 213 
LYS NZ  HZ1  sing N N 214 
LYS NZ  HZ2  sing N N 215 
LYS NZ  HZ3  sing N N 216 
LYS OXT HXT  sing N N 217 
MSE N   CA   sing N N 218 
MSE N   H    sing N N 219 
MSE N   H2   sing N N 220 
MSE CA  C    sing N N 221 
MSE CA  CB   sing N N 222 
MSE CA  HA   sing N N 223 
MSE C   O    doub N N 224 
MSE C   OXT  sing N N 225 
MSE OXT HXT  sing N N 226 
MSE CB  CG   sing N N 227 
MSE CB  HB2  sing N N 228 
MSE CB  HB3  sing N N 229 
MSE CG  SE   sing N N 230 
MSE CG  HG2  sing N N 231 
MSE CG  HG3  sing N N 232 
MSE SE  CE   sing N N 233 
MSE CE  HE1  sing N N 234 
MSE CE  HE2  sing N N 235 
MSE CE  HE3  sing N N 236 
PHE N   CA   sing N N 237 
PHE N   H    sing N N 238 
PHE N   H2   sing N N 239 
PHE CA  C    sing N N 240 
PHE CA  CB   sing N N 241 
PHE CA  HA   sing N N 242 
PHE C   O    doub N N 243 
PHE C   OXT  sing N N 244 
PHE CB  CG   sing N N 245 
PHE CB  HB2  sing N N 246 
PHE CB  HB3  sing N N 247 
PHE CG  CD1  doub Y N 248 
PHE CG  CD2  sing Y N 249 
PHE CD1 CE1  sing Y N 250 
PHE CD1 HD1  sing N N 251 
PHE CD2 CE2  doub Y N 252 
PHE CD2 HD2  sing N N 253 
PHE CE1 CZ   doub Y N 254 
PHE CE1 HE1  sing N N 255 
PHE CE2 CZ   sing Y N 256 
PHE CE2 HE2  sing N N 257 
PHE CZ  HZ   sing N N 258 
PHE OXT HXT  sing N N 259 
PRO N   CA   sing N N 260 
PRO N   CD   sing N N 261 
PRO N   H    sing N N 262 
PRO CA  C    sing N N 263 
PRO CA  CB   sing N N 264 
PRO CA  HA   sing N N 265 
PRO C   O    doub N N 266 
PRO C   OXT  sing N N 267 
PRO CB  CG   sing N N 268 
PRO CB  HB2  sing N N 269 
PRO CB  HB3  sing N N 270 
PRO CG  CD   sing N N 271 
PRO CG  HG2  sing N N 272 
PRO CG  HG3  sing N N 273 
PRO CD  HD2  sing N N 274 
PRO CD  HD3  sing N N 275 
PRO OXT HXT  sing N N 276 
SER N   CA   sing N N 277 
SER N   H    sing N N 278 
SER N   H2   sing N N 279 
SER CA  C    sing N N 280 
SER CA  CB   sing N N 281 
SER CA  HA   sing N N 282 
SER C   O    doub N N 283 
SER C   OXT  sing N N 284 
SER CB  OG   sing N N 285 
SER CB  HB2  sing N N 286 
SER CB  HB3  sing N N 287 
SER OG  HG   sing N N 288 
SER OXT HXT  sing N N 289 
THR N   CA   sing N N 290 
THR N   H    sing N N 291 
THR N   H2   sing N N 292 
THR CA  C    sing N N 293 
THR CA  CB   sing N N 294 
THR CA  HA   sing N N 295 
THR C   O    doub N N 296 
THR C   OXT  sing N N 297 
THR CB  OG1  sing N N 298 
THR CB  CG2  sing N N 299 
THR CB  HB   sing N N 300 
THR OG1 HG1  sing N N 301 
THR CG2 HG21 sing N N 302 
THR CG2 HG22 sing N N 303 
THR CG2 HG23 sing N N 304 
THR OXT HXT  sing N N 305 
TRP N   CA   sing N N 306 
TRP N   H    sing N N 307 
TRP N   H2   sing N N 308 
TRP CA  C    sing N N 309 
TRP CA  CB   sing N N 310 
TRP CA  HA   sing N N 311 
TRP C   O    doub N N 312 
TRP C   OXT  sing N N 313 
TRP CB  CG   sing N N 314 
TRP CB  HB2  sing N N 315 
TRP CB  HB3  sing N N 316 
TRP CG  CD1  doub Y N 317 
TRP CG  CD2  sing Y N 318 
TRP CD1 NE1  sing Y N 319 
TRP CD1 HD1  sing N N 320 
TRP CD2 CE2  doub Y N 321 
TRP CD2 CE3  sing Y N 322 
TRP NE1 CE2  sing Y N 323 
TRP NE1 HE1  sing N N 324 
TRP CE2 CZ2  sing Y N 325 
TRP CE3 CZ3  doub Y N 326 
TRP CE3 HE3  sing N N 327 
TRP CZ2 CH2  doub Y N 328 
TRP CZ2 HZ2  sing N N 329 
TRP CZ3 CH2  sing Y N 330 
TRP CZ3 HZ3  sing N N 331 
TRP CH2 HH2  sing N N 332 
TRP OXT HXT  sing N N 333 
TYR N   CA   sing N N 334 
TYR N   H    sing N N 335 
TYR N   H2   sing N N 336 
TYR CA  C    sing N N 337 
TYR CA  CB   sing N N 338 
TYR CA  HA   sing N N 339 
TYR C   O    doub N N 340 
TYR C   OXT  sing N N 341 
TYR CB  CG   sing N N 342 
TYR CB  HB2  sing N N 343 
TYR CB  HB3  sing N N 344 
TYR CG  CD1  doub Y N 345 
TYR CG  CD2  sing Y N 346 
TYR CD1 CE1  sing Y N 347 
TYR CD1 HD1  sing N N 348 
TYR CD2 CE2  doub Y N 349 
TYR CD2 HD2  sing N N 350 
TYR CE1 CZ   doub Y N 351 
TYR CE1 HE1  sing N N 352 
TYR CE2 CZ   sing Y N 353 
TYR CE2 HE2  sing N N 354 
TYR CZ  OH   sing N N 355 
TYR OH  HH   sing N N 356 
TYR OXT HXT  sing N N 357 
VAL N   CA   sing N N 358 
VAL N   H    sing N N 359 
VAL N   H2   sing N N 360 
VAL CA  C    sing N N 361 
VAL CA  CB   sing N N 362 
VAL CA  HA   sing N N 363 
VAL C   O    doub N N 364 
VAL C   OXT  sing N N 365 
VAL CB  CG1  sing N N 366 
VAL CB  CG2  sing N N 367 
VAL CB  HB   sing N N 368 
VAL CG1 HG11 sing N N 369 
VAL CG1 HG12 sing N N 370 
VAL CG1 HG13 sing N N 371 
VAL CG2 HG21 sing N N 372 
VAL CG2 HG22 sing N N 373 
VAL CG2 HG23 sing N N 374 
VAL OXT HXT  sing N N 375 
# 
_pdbx_audit_support.funding_organization   'Not funded' 
_pdbx_audit_support.country                ? 
_pdbx_audit_support.grant_number           ? 
_pdbx_audit_support.ordinal                1 
# 
_atom_sites.entry_id                    7Y19 
_atom_sites.Cartn_transf_matrix[1][1]   ? 
_atom_sites.Cartn_transf_matrix[1][2]   ? 
_atom_sites.Cartn_transf_matrix[1][3]   ? 
_atom_sites.Cartn_transf_matrix[2][1]   ? 
_atom_sites.Cartn_transf_matrix[2][2]   ? 
_atom_sites.Cartn_transf_matrix[2][3]   ? 
_atom_sites.Cartn_transf_matrix[3][1]   ? 
_atom_sites.Cartn_transf_matrix[3][2]   ? 
_atom_sites.Cartn_transf_matrix[3][3]   ? 
_atom_sites.Cartn_transf_vector[1]      ? 
_atom_sites.Cartn_transf_vector[2]      ? 
_atom_sites.Cartn_transf_vector[3]      ? 
_atom_sites.fract_transf_matrix[1][1]   -0.00279254 
_atom_sites.fract_transf_matrix[1][2]   0.01430990 
_atom_sites.fract_transf_matrix[1][3]   -0.01604594 
_atom_sites.fract_transf_matrix[2][1]   0.00299552 
_atom_sites.fract_transf_matrix[2][2]   0.02115261 
_atom_sites.fract_transf_matrix[2][3]   0.00369592 
_atom_sites.fract_transf_matrix[3][1]   0.00669573 
_atom_sites.fract_transf_matrix[3][2]   -0.00064422 
_atom_sites.fract_transf_matrix[3][3]   -0.00173981 
_atom_sites.fract_transf_vector[1]      0.481626 
_atom_sites.fract_transf_vector[2]      0.537953 
_atom_sites.fract_transf_vector[3]      0.555529 
_atom_sites.solution_primary            ? 
_atom_sites.solution_secondary          ? 
_atom_sites.solution_hydrogens          ? 
_atom_sites.special_details             ? 
# 
loop_
_atom_type.symbol 
C  
N  
O  
S  
SE 
# 
loop_
_atom_site.group_PDB 
_atom_site.id 
_atom_site.type_symbol 
_atom_site.label_atom_id 
_atom_site.label_alt_id 
_atom_site.label_comp_id 
_atom_site.label_asym_id 
_atom_site.label_entity_id 
_atom_site.label_seq_id 
_atom_site.pdbx_PDB_ins_code 
_atom_site.Cartn_x 
_atom_site.Cartn_y 
_atom_site.Cartn_z 
_atom_site.occupancy 
_atom_site.B_iso_or_equiv 
_atom_site.pdbx_formal_charge 
_atom_site.auth_seq_id 
_atom_site.auth_comp_id 
_atom_site.auth_asym_id 
_atom_site.auth_atom_id 
_atom_site.pdbx_PDB_model_num 
ATOM   1    N  N   . LYS A 1 6   ? 18.878  14.651  -6.397  1.00 28.36 ? 6   LYS A N   1 
ATOM   2    C  CA  . LYS A 1 6   ? 18.792  13.235  -6.683  1.00 38.70 ? 6   LYS A CA  1 
ATOM   3    C  C   . LYS A 1 6   ? 17.560  12.511  -6.156  1.00 33.95 ? 6   LYS A C   1 
ATOM   4    O  O   . LYS A 1 6   ? 17.430  12.300  -5.014  1.00 32.15 ? 6   LYS A O   1 
ATOM   5    C  CB  . LYS A 1 6   ? 20.040  12.529  -6.177  1.00 39.95 ? 6   LYS A CB  1 
ATOM   6    C  CG  . LYS A 1 6   ? 21.171  12.418  -7.175  1.00 38.58 ? 6   LYS A CG  1 
ATOM   7    C  CD  . LYS A 1 6   ? 22.480  12.479  -6.445  1.00 34.64 ? 6   LYS A CD  1 
ATOM   8    C  CE  . LYS A 1 6   ? 23.643  12.592  -7.385  1.00 38.50 ? 6   LYS A CE  1 
ATOM   9    N  NZ  . LYS A 1 6   ? 24.427  13.827  -7.164  1.00 35.78 ? 6   LYS A NZ  1 
HETATM 10   N  N   . MSE A 1 7   ? 16.665  12.119  -7.032  1.00 38.02 ? 7   MSE A N   1 
HETATM 11   C  CA  . MSE A 1 7   ? 15.484  11.411  -6.623  1.00 31.07 ? 7   MSE A CA  1 
HETATM 12   C  C   . MSE A 1 7   ? 15.057  10.398  -7.637  1.00 28.73 ? 7   MSE A C   1 
HETATM 13   O  O   . MSE A 1 7   ? 15.597  10.399  -8.723  1.00 32.93 ? 7   MSE A O   1 
HETATM 14   C  CB  . MSE A 1 7   ? 14.432  12.433  -6.372  1.00 30.00 ? 7   MSE A CB  1 
HETATM 15   C  CG  . MSE A 1 7   ? 14.146  13.162  -7.650  1.00 30.00 ? 7   MSE A CG  1 
HETATM 16   SE SE  . MSE A 1 7   ? 12.975  14.599  -7.133  1.00 30.00 ? 7   MSE A SE  1 
HETATM 17   C  CE  . MSE A 1 7   ? 11.196  13.806  -7.122  1.00 30.00 ? 7   MSE A CE  1 
ATOM   18   N  N   . ASP A 1 8   ? 14.124  9.524   -7.301  1.00 31.07 ? 8   ASP A N   1 
ATOM   19   C  CA  . ASP A 1 8   ? 13.661  8.468   -8.221  1.00 28.80 ? 8   ASP A CA  1 
ATOM   20   C  C   . ASP A 1 8   ? 12.245  8.739   -8.739  1.00 24.59 ? 8   ASP A C   1 
ATOM   21   O  O   . ASP A 1 8   ? 11.458  9.288   -8.063  1.00 22.91 ? 8   ASP A O   1 
ATOM   22   C  CB  . ASP A 1 8   ? 13.776  7.094   -7.549  1.00 26.14 ? 8   ASP A CB  1 
ATOM   23   C  CG  . ASP A 1 8   ? 15.149  6.532   -7.604  1.00 27.18 ? 8   ASP A CG  1 
ATOM   24   O  OD1 . ASP A 1 8   ? 16.056  7.237   -7.952  1.00 27.35 ? 8   ASP A OD1 1 
ATOM   25   O  OD2 . ASP A 1 8   ? 15.348  5.385   -7.295  1.00 26.30 ? 8   ASP A OD2 1 
ATOM   26   N  N   . SER A 1 9   ? 11.976  8.468   -10.018 1.00 28.81 ? 9   SER A N   1 
ATOM   27   C  CA  . SER A 1 9   ? 10.675  8.757   -10.610 1.00 28.00 ? 9   SER A CA  1 
ATOM   28   C  C   . SER A 1 9   ? 10.146  7.654   -11.504 1.00 29.60 ? 9   SER A C   1 
ATOM   29   O  O   . SER A 1 9   ? 8.944   7.663   -11.788 1.00 32.75 ? 9   SER A O   1 
ATOM   30   C  CB  . SER A 1 9   ? 10.721  10.060  -11.420 1.00 29.12 ? 9   SER A CB  1 
ATOM   31   O  OG  . SER A 1 9   ? 11.864  10.827  -11.077 1.00 37.70 ? 9   SER A OG  1 
ATOM   32   N  N   . VAL A 1 10  ? 10.966  6.717   -11.978 1.00 27.98 ? 10  VAL A N   1 
ATOM   33   C  CA  . VAL A 1 10  ? 10.385  5.585   -12.714 1.00 26.94 ? 10  VAL A CA  1 
ATOM   34   C  C   . VAL A 1 10  ? 9.535   4.768   -11.749 1.00 23.53 ? 10  VAL A C   1 
ATOM   35   O  O   . VAL A 1 10  ? 9.990   4.451   -10.636 1.00 22.60 ? 10  VAL A O   1 
ATOM   36   C  CB  . VAL A 1 10  ? 11.481  4.726   -13.373 1.00 18.78 ? 10  VAL A CB  1 
ATOM   37   C  CG1 . VAL A 1 10  ? 10.872  3.572   -14.178 1.00 16.88 ? 10  VAL A CG1 1 
ATOM   38   C  CG2 . VAL A 1 10  ? 12.325  5.577   -14.325 1.00 19.76 ? 10  VAL A CG2 1 
ATOM   39   N  N   . PRO A 1 11  ? 8.286   4.485   -12.087 1.00 24.22 ? 11  PRO A N   1 
ATOM   40   C  CA  . PRO A 1 11  ? 7.442   3.689   -11.195 1.00 21.40 ? 11  PRO A CA  1 
ATOM   41   C  C   . PRO A 1 11  ? 7.906   2.244   -11.126 1.00 26.77 ? 11  PRO A C   1 
ATOM   42   O  O   . PRO A 1 11  ? 8.432   1.695   -12.099 1.00 20.79 ? 11  PRO A O   1 
ATOM   43   C  CB  . PRO A 1 11  ? 6.054   3.797   -11.835 1.00 22.29 ? 11  PRO A CB  1 
ATOM   44   C  CG  . PRO A 1 11  ? 6.317   4.199   -13.260 1.00 24.08 ? 11  PRO A CG  1 
ATOM   45   C  CD  . PRO A 1 11  ? 7.542   5.043   -13.229 1.00 25.76 ? 11  PRO A CD  1 
ATOM   46   N  N   . GLY A 1 12  ? 7.716   1.636   -9.944  1.00 22.49 ? 12  GLY A N   1 
ATOM   47   C  CA  . GLY A 1 12  ? 8.058   0.240   -9.729  1.00 18.41 ? 12  GLY A CA  1 
ATOM   48   C  C   . GLY A 1 12  ? 6.860   -0.686  -9.597  1.00 16.50 ? 12  GLY A C   1 
ATOM   49   O  O   . GLY A 1 12  ? 5.989   -0.744  -10.467 1.00 18.38 ? 12  GLY A O   1 
ATOM   50   N  N   . SER A 1 13  ? 6.804   -1.419  -8.498  1.00 20.06 ? 13  SER A N   1 
ATOM   51   C  CA  . SER A 1 13  ? 5.748   -2.387  -8.258  1.00 24.23 ? 13  SER A CA  1 
ATOM   52   C  C   . SER A 1 13  ? 5.015   -2.053  -6.963  1.00 24.28 ? 13  SER A C   1 
ATOM   53   O  O   . SER A 1 13  ? 5.612   -1.530  -6.008  1.00 18.34 ? 13  SER A O   1 
ATOM   54   C  CB  . SER A 1 13  ? 6.323   -3.801  -8.179  1.00 19.46 ? 13  SER A CB  1 
ATOM   55   O  OG  . SER A 1 13  ? 6.577   -4.312  -9.469  1.00 28.26 ? 13  SER A OG  1 
ATOM   56   N  N   . LEU A 1 14  ? 3.711   -2.362  -6.938  1.00 25.66 ? 14  LEU A N   1 
ATOM   57   C  CA  . LEU A 1 14  ? 2.919   -2.223  -5.723  1.00 26.08 ? 14  LEU A CA  1 
ATOM   58   C  C   . LEU A 1 14  ? 1.922   -3.365  -5.574  1.00 28.23 ? 14  LEU A C   1 
ATOM   59   O  O   . LEU A 1 14  ? 1.249   -3.741  -6.539  1.00 28.58 ? 14  LEU A O   1 
ATOM   60   C  CB  . LEU A 1 14  ? 2.192   -0.872  -5.679  1.00 26.23 ? 14  LEU A CB  1 
ATOM   61   C  CG  . LEU A 1 14  ? 1.295   -0.451  -6.821  1.00 22.47 ? 14  LEU A CG  1 
ATOM   62   C  CD1 . LEU A 1 14  ? -0.100  -0.924  -6.547  1.00 28.51 ? 14  LEU A CD1 1 
ATOM   63   C  CD2 . LEU A 1 14  ? 1.297   1.066   -6.898  1.00 25.38 ? 14  LEU A CD2 1 
ATOM   64   N  N   . VAL A 1 15  ? 1.842   -3.908  -4.352  1.00 28.10 ? 15  VAL A N   1 
ATOM   65   C  CA  . VAL A 1 15  ? 0.854   -4.914  -3.965  1.00 22.73 ? 15  VAL A CA  1 
ATOM   66   C  C   . VAL A 1 15  ? -0.315  -4.216  -3.279  1.00 26.86 ? 15  VAL A C   1 
ATOM   67   O  O   . VAL A 1 15  ? -0.113  -3.365  -2.397  1.00 24.28 ? 15  VAL A O   1 
ATOM   68   C  CB  . VAL A 1 15  ? 1.464   -5.968  -3.025  1.00 26.29 ? 15  VAL A CB  1 
ATOM   69   C  CG1 . VAL A 1 15  ? 0.484   -7.121  -2.816  1.00 23.50 ? 15  VAL A CG1 1 
ATOM   70   C  CG2 . VAL A 1 15  ? 2.779   -6.467  -3.562  1.00 29.25 ? 15  VAL A CG2 1 
ATOM   71   N  N   . VAL A 1 16  ? -1.535  -4.595  -3.671  1.00 25.44 ? 16  VAL A N   1 
ATOM   72   C  CA  . VAL A 1 16  ? -2.775  -4.022  -3.161  1.00 23.63 ? 16  VAL A CA  1 
ATOM   73   C  C   . VAL A 1 16  ? -3.579  -5.100  -2.457  1.00 30.34 ? 16  VAL A C   1 
ATOM   74   O  O   . VAL A 1 16  ? -4.471  -5.698  -3.068  1.00 33.61 ? 16  VAL A O   1 
ATOM   75   C  CB  . VAL A 1 16  ? -3.626  -3.401  -4.286  1.00 26.84 ? 16  VAL A CB  1 
ATOM   76   C  CG1 . VAL A 1 16  ? -4.795  -2.626  -3.713  1.00 28.18 ? 16  VAL A CG1 1 
ATOM   77   C  CG2 . VAL A 1 16  ? -2.801  -2.508  -5.171  1.00 26.44 ? 16  VAL A CG2 1 
ATOM   78   N  N   . VAL A 1 17  ? -3.260  -5.371  -1.183  1.00 30.66 ? 17  VAL A N   1 
ATOM   79   C  CA  . VAL A 1 17  ? -4.098  -6.196  -0.313  1.00 27.85 ? 17  VAL A CA  1 
ATOM   80   C  C   . VAL A 1 17  ? -5.465  -5.544  -0.206  1.00 30.79 ? 17  VAL A C   1 
ATOM   81   O  O   . VAL A 1 17  ? -5.711  -4.741  0.697   1.00 36.91 ? 17  VAL A O   1 
ATOM   82   C  CB  . VAL A 1 17  ? -3.486  -6.367  1.086   1.00 30.10 ? 17  VAL A CB  1 
ATOM   83   C  CG1 . VAL A 1 17  ? -4.231  -7.460  1.832   1.00 30.43 ? 17  VAL A CG1 1 
ATOM   84   C  CG2 . VAL A 1 17  ? -1.995  -6.664  1.006   1.00 24.25 ? 17  VAL A CG2 1 
ATOM   85   N  N   . GLY A 1 18  ? -6.361  -5.880  -1.125  1.00 40.84 ? 18  GLY A N   1 
ATOM   86   C  CA  . GLY A 1 18  ? -7.558  -5.092  -1.331  1.00 41.68 ? 18  GLY A CA  1 
ATOM   87   C  C   . GLY A 1 18  ? -8.471  -5.674  -2.395  1.00 58.50 ? 18  GLY A C   1 
ATOM   88   O  O   . GLY A 1 18  ? -8.084  -5.819  -3.564  1.00 53.33 ? 18  GLY A O   1 
ATOM   89   N  N   . GLY A 1 19  ? -9.692  -6.039  -1.983  1.00 58.19 ? 19  GLY A N   1 
ATOM   90   C  CA  . GLY A 1 19  ? -10.714 -6.466  -2.909  1.00 52.41 ? 19  GLY A CA  1 
ATOM   91   C  C   . GLY A 1 19  ? -11.475 -5.280  -3.446  1.00 55.34 ? 19  GLY A C   1 
ATOM   92   O  O   . GLY A 1 19  ? -11.308 -4.160  -2.957  1.00 57.56 ? 19  GLY A O   1 
ATOM   93   N  N   . THR A 1 20  ? -12.304 -5.554  -4.453  1.00 50.29 ? 20  THR A N   1 
ATOM   94   C  CA  . THR A 1 20  ? -12.983 -4.532  -5.243  1.00 52.43 ? 20  THR A CA  1 
ATOM   95   C  C   . THR A 1 20  ? -11.979 -3.812  -6.128  1.00 43.99 ? 20  THR A C   1 
ATOM   96   O  O   . THR A 1 20  ? -10.834 -3.581  -5.731  1.00 47.57 ? 20  THR A O   1 
ATOM   97   C  CB  . THR A 1 20  ? -13.716 -3.505  -4.370  1.00 47.96 ? 20  THR A CB  1 
ATOM   98   O  OG1 . THR A 1 20  ? -14.630 -4.174  -3.491  1.00 49.06 ? 20  THR A OG1 1 
ATOM   99   C  CG2 . THR A 1 20  ? -14.477 -2.501  -5.238  1.00 40.73 ? 20  THR A CG2 1 
ATOM   100  N  N   . TYR A 1 21  ? -12.401 -3.470  -7.332  1.00 42.44 ? 21  TYR A N   1 
ATOM   101  C  CA  . TYR A 1 21  ? -11.606 -2.587  -8.165  1.00 44.32 ? 21  TYR A CA  1 
ATOM   102  C  C   . TYR A 1 21  ? -11.637 -1.185  -7.576  1.00 46.52 ? 21  TYR A C   1 
ATOM   103  O  O   . TYR A 1 21  ? -12.702 -0.567  -7.482  1.00 45.58 ? 21  TYR A O   1 
ATOM   104  C  CB  . TYR A 1 21  ? -12.148 -2.563  -9.588  1.00 30.80 ? 21  TYR A CB  1 
ATOM   105  C  CG  . TYR A 1 21  ? -11.559 -1.453  -10.393 1.00 25.19 ? 21  TYR A CG  1 
ATOM   106  C  CD1 . TYR A 1 21  ? -10.287 -1.569  -10.942 1.00 30.04 ? 21  TYR A CD1 1 
ATOM   107  C  CD2 . TYR A 1 21  ? -12.254 -0.269  -10.580 1.00 33.03 ? 21  TYR A CD2 1 
ATOM   108  C  CE1 . TYR A 1 21  ? -9.730  -0.524  -11.689 1.00 33.03 ? 21  TYR A CE1 1 
ATOM   109  C  CE2 . TYR A 1 21  ? -11.716 0.773   -11.323 1.00 35.85 ? 21  TYR A CE2 1 
ATOM   110  C  CZ  . TYR A 1 21  ? -10.455 0.640   -11.871 1.00 33.93 ? 21  TYR A CZ  1 
ATOM   111  O  OH  . TYR A 1 21  ? -9.931  1.678   -12.600 1.00 39.06 ? 21  TYR A OH  1 
ATOM   112  N  N   . GLU A 1 22  ? -10.475 -0.660  -7.213  1.00 47.44 ? 22  GLU A N   1 
ATOM   113  C  CA  . GLU A 1 22  ? -10.425 0.724   -6.786  1.00 42.81 ? 22  GLU A CA  1 
ATOM   114  C  C   . GLU A 1 22  ? -9.969  1.594   -7.942  1.00 37.40 ? 22  GLU A C   1 
ATOM   115  O  O   . GLU A 1 22  ? -8.882  1.367   -8.485  1.00 40.08 ? 22  GLU A O   1 
ATOM   116  C  CB  . GLU A 1 22  ? -9.497  0.889   -5.592  1.00 38.82 ? 22  GLU A CB  1 
ATOM   117  C  CG  . GLU A 1 22  ? -10.022 0.256   -4.319  1.00 34.30 ? 22  GLU A CG  1 
ATOM   118  C  CD  . GLU A 1 22  ? -11.385 0.791   -3.923  1.00 39.30 ? 22  GLU A CD  1 
ATOM   119  O  OE1 . GLU A 1 22  ? -11.740 1.908   -4.358  1.00 41.82 ? 22  GLU A OE1 1 
ATOM   120  O  OE2 . GLU A 1 22  ? -12.108 0.090   -3.184  1.00 44.97 ? 22  GLU A OE2 1 
ATOM   121  N  N   . PRO A 1 23  ? -10.770 2.569   -8.352  1.00 43.74 ? 23  PRO A N   1 
ATOM   122  C  CA  . PRO A 1 23  ? -10.428 3.427   -9.498  1.00 35.73 ? 23  PRO A CA  1 
ATOM   123  C  C   . PRO A 1 23  ? -9.007  3.960   -9.508  1.00 41.60 ? 23  PRO A C   1 
ATOM   124  O  O   . PRO A 1 23  ? -8.386  4.057   -10.574 1.00 47.57 ? 23  PRO A O   1 
ATOM   125  C  CB  . PRO A 1 23  ? -11.420 4.587   -9.353  1.00 45.58 ? 23  PRO A CB  1 
ATOM   126  C  CG  . PRO A 1 23  ? -12.613 3.973   -8.704  1.00 43.54 ? 23  PRO A CG  1 
ATOM   127  C  CD  . PRO A 1 23  ? -12.149 2.783   -7.886  1.00 45.82 ? 23  PRO A CD  1 
ATOM   128  N  N   . TRP A 1 24  ? -8.492  4.341   -8.335  1.00 39.09 ? 24  TRP A N   1 
ATOM   129  C  CA  . TRP A 1 24  ? -7.158  4.927   -8.284  1.00 33.28 ? 24  TRP A CA  1 
ATOM   130  C  C   . TRP A 1 24  ? -6.109  3.979   -8.845  1.00 26.14 ? 24  TRP A C   1 
ATOM   131  O  O   . TRP A 1 24  ? -5.090  4.430   -9.378  1.00 28.06 ? 24  TRP A O   1 
ATOM   132  C  CB  . TRP A 1 24  ? -6.810  5.329   -6.844  1.00 34.17 ? 24  TRP A CB  1 
ATOM   133  C  CG  . TRP A 1 24  ? -7.084  4.293   -5.781  1.00 25.44 ? 24  TRP A CG  1 
ATOM   134  C  CD1 . TRP A 1 24  ? -8.170  4.231   -4.959  1.00 28.79 ? 24  TRP A CD1 1 
ATOM   135  C  CD2 . TRP A 1 24  ? -6.231  3.210   -5.395  1.00 24.26 ? 24  TRP A CD2 1 
ATOM   136  N  NE1 . TRP A 1 24  ? -8.062  3.162   -4.098  1.00 22.56 ? 24  TRP A NE1 1 
ATOM   137  C  CE2 . TRP A 1 24  ? -6.883  2.516   -4.348  1.00 21.99 ? 24  TRP A CE2 1 
ATOM   138  C  CE3 . TRP A 1 24  ? -4.985  2.752   -5.838  1.00 23.99 ? 24  TRP A CE3 1 
ATOM   139  C  CZ2 . TRP A 1 24  ? -6.335  1.390   -3.742  1.00 21.63 ? 24  TRP A CZ2 1 
ATOM   140  C  CZ3 . TRP A 1 24  ? -4.442  1.630   -5.231  1.00 24.78 ? 24  TRP A CZ3 1 
ATOM   141  C  CH2 . TRP A 1 24  ? -5.118  0.961   -4.194  1.00 25.65 ? 24  TRP A CH2 1 
ATOM   142  N  N   . LEU A 1 25  ? -6.360  2.669   -8.760  1.00 28.80 ? 25  LEU A N   1 
ATOM   143  C  CA  . LEU A 1 25  ? -5.421  1.666   -9.256  1.00 32.26 ? 25  LEU A CA  1 
ATOM   144  C  C   . LEU A 1 25  ? -5.065  1.906   -10.711 1.00 28.00 ? 25  LEU A C   1 
ATOM   145  O  O   . LEU A 1 25  ? -3.895  1.823   -11.097 1.00 28.97 ? 25  LEU A O   1 
ATOM   146  C  CB  . LEU A 1 25  ? -6.013  0.267   -9.063  1.00 24.64 ? 25  LEU A CB  1 
ATOM   147  C  CG  . LEU A 1 25  ? -5.000  -0.852  -8.898  1.00 32.20 ? 25  LEU A CG  1 
ATOM   148  C  CD1 . LEU A 1 25  ? -3.845  -0.372  -8.031  1.00 36.61 ? 25  LEU A CD1 1 
ATOM   149  C  CD2 . LEU A 1 25  ? -5.648  -2.076  -8.260  1.00 24.24 ? 25  LEU A CD2 1 
ATOM   150  N  N   . SER A 1 26  ? -6.057  2.247   -11.521 1.00 31.26 ? 26  SER A N   1 
ATOM   151  C  CA  . SER A 1 26  ? -5.811  2.481   -12.935 1.00 30.13 ? 26  SER A CA  1 
ATOM   152  C  C   . SER A 1 26  ? -4.886  3.667   -13.170 1.00 27.81 ? 26  SER A C   1 
ATOM   153  O  O   . SER A 1 26  ? -4.131  3.672   -14.145 1.00 32.59 ? 26  SER A O   1 
ATOM   154  C  CB  . SER A 1 26  ? -7.136  2.699   -13.641 1.00 35.60 ? 26  SER A CB  1 
ATOM   155  O  OG  . SER A 1 26  ? -7.960  1.553   -13.495 1.00 29.38 ? 26  SER A OG  1 
ATOM   156  N  N   . VAL A 1 27  ? -4.930  4.683   -12.307 1.00 23.90 ? 27  VAL A N   1 
ATOM   157  C  CA  . VAL A 1 27  ? -4.063  5.844   -12.510 1.00 25.34 ? 27  VAL A CA  1 
ATOM   158  C  C   . VAL A 1 27  ? -2.612  5.475   -12.304 1.00 26.37 ? 27  VAL A C   1 
ATOM   159  O  O   . VAL A 1 27  ? -1.718  6.038   -12.951 1.00 31.54 ? 27  VAL A O   1 
ATOM   160  C  CB  . VAL A 1 27  ? -4.488  7.007   -11.595 1.00 31.89 ? 27  VAL A CB  1 
ATOM   161  C  CG1 . VAL A 1 27  ? -3.374  8.025   -11.452 1.00 19.91 ? 27  VAL A CG1 1 
ATOM   162  C  CG2 . VAL A 1 27  ? -5.630  7.694   -12.238 1.00 39.65 ? 27  VAL A CG2 1 
ATOM   163  N  N   . LEU A 1 28  ? -2.348  4.527   -11.411 1.00 19.16 ? 28  LEU A N   1 
ATOM   164  C  CA  . LEU A 1 28  ? -0.992  4.039   -11.245 1.00 21.84 ? 28  LEU A CA  1 
ATOM   165  C  C   . LEU A 1 28  ? -0.591  3.138   -12.411 1.00 21.36 ? 28  LEU A C   1 
ATOM   166  O  O   . LEU A 1 28  ? 0.481   3.311   -12.992 1.00 21.64 ? 28  LEU A O   1 
ATOM   167  C  CB  . LEU A 1 28  ? -0.865  3.318   -9.899  1.00 22.68 ? 28  LEU A CB  1 
ATOM   168  C  CG  . LEU A 1 28  ? -1.369  4.129   -8.704  1.00 23.15 ? 28  LEU A CG  1 
ATOM   169  C  CD1 . LEU A 1 28  ? -1.464  3.287   -7.442  1.00 19.81 ? 28  LEU A CD1 1 
ATOM   170  C  CD2 . LEU A 1 28  ? -0.473  5.359   -8.485  1.00 23.10 ? 28  LEU A CD2 1 
ATOM   171  N  N   . GLU A 1 29  ? -1.450  2.182   -12.787 1.00 23.27 ? 29  GLU A N   1 
ATOM   172  C  CA  . GLU A 1 29  ? -1.106  1.293   -13.896 1.00 25.43 ? 29  GLU A CA  1 
ATOM   173  C  C   . GLU A 1 29  ? -0.853  2.082   -15.175 1.00 24.35 ? 29  GLU A C   1 
ATOM   174  O  O   . GLU A 1 29  ? 0.043   1.741   -15.957 1.00 20.72 ? 29  GLU A O   1 
ATOM   175  C  CB  . GLU A 1 29  ? -2.202  0.244   -14.115 1.00 19.73 ? 29  GLU A CB  1 
ATOM   176  C  CG  . GLU A 1 29  ? -1.636  -1.110  -14.494 1.00 25.03 ? 29  GLU A CG  1 
ATOM   177  C  CD  . GLU A 1 29  ? -2.665  -2.232  -14.496 1.00 36.93 ? 29  GLU A CD  1 
ATOM   178  O  OE1 . GLU A 1 29  ? -3.474  -2.301  -15.449 1.00 42.69 ? 29  GLU A OE1 1 
ATOM   179  O  OE2 . GLU A 1 29  ? -2.643  -3.068  -13.566 1.00 38.61 ? 29  GLU A OE2 1 
ATOM   180  N  N   . GLN A 1 30  ? -1.615  3.163   -15.381 1.00 25.96 ? 30  GLN A N   1 
ATOM   181  C  CA  . GLN A 1 30  ? -1.438  4.028   -16.544 1.00 23.90 ? 30  GLN A CA  1 
ATOM   182  C  C   . GLN A 1 30  ? -0.067  4.694   -16.561 1.00 23.37 ? 30  GLN A C   1 
ATOM   183  O  O   . GLN A 1 30  ? 0.462   4.992   -17.636 1.00 26.59 ? 30  GLN A O   1 
ATOM   184  C  CB  . GLN A 1 30  ? -2.534  5.097   -16.556 1.00 30.93 ? 30  GLN A CB  1 
ATOM   185  C  CG  . GLN A 1 30  ? -3.656  4.870   -17.565 1.00 39.37 ? 30  GLN A CG  1 
ATOM   186  C  CD  . GLN A 1 30  ? -4.638  6.046   -17.627 1.00 50.12 ? 30  GLN A CD  1 
ATOM   187  O  OE1 . GLN A 1 30  ? -5.742  5.979   -17.082 1.00 49.59 ? 30  GLN A OE1 1 
ATOM   188  N  NE2 . GLN A 1 30  ? -4.234  7.125   -18.290 1.00 53.69 ? 30  GLN A NE2 1 
ATOM   189  N  N   . VAL A 1 31  ? 0.508   4.974   -15.389 1.00 22.13 ? 31  VAL A N   1 
ATOM   190  C  CA  . VAL A 1 31  ? 1.768   5.707   -15.319 1.00 19.27 ? 31  VAL A CA  1 
ATOM   191  C  C   . VAL A 1 31  ? 2.962   4.767   -15.282 1.00 22.99 ? 31  VAL A C   1 
ATOM   192  O  O   . VAL A 1 31  ? 4.117   5.224   -15.306 1.00 19.49 ? 31  VAL A O   1 
ATOM   193  C  CB  . VAL A 1 31  ? 1.763   6.664   -14.105 1.00 27.69 ? 31  VAL A CB  1 
ATOM   194  C  CG1 . VAL A 1 31  ? 2.204   5.943   -12.831 1.00 25.56 ? 31  VAL A CG1 1 
ATOM   195  C  CG2 . VAL A 1 31  ? 2.631   7.896   -14.359 1.00 25.58 ? 31  VAL A CG2 1 
ATOM   196  N  N   . GLY A 1 32  ? 2.719   3.461   -15.264 1.00 21.35 ? 32  GLY A N   1 
ATOM   197  C  CA  . GLY A 1 32  ? 3.779   2.473   -15.348 1.00 19.42 ? 32  GLY A CA  1 
ATOM   198  C  C   . GLY A 1 32  ? 3.848   1.477   -14.207 1.00 20.46 ? 32  GLY A C   1 
ATOM   199  O  O   . GLY A 1 32  ? 4.674   0.558   -14.279 1.00 21.07 ? 32  GLY A O   1 
ATOM   200  N  N   . TRP A 1 33  ? 3.038   1.577   -13.152 1.00 21.72 ? 33  TRP A N   1 
ATOM   201  C  CA  . TRP A 1 33  ? 3.223   0.700   -12.003 1.00 18.63 ? 33  TRP A CA  1 
ATOM   202  C  C   . TRP A 1 33  ? 2.811   -0.719  -12.351 1.00 22.41 ? 33  TRP A C   1 
ATOM   203  O  O   . TRP A 1 33  ? 1.810   -0.944  -13.038 1.00 25.88 ? 33  TRP A O   1 
ATOM   204  C  CB  . TRP A 1 33  ? 2.416   1.198   -10.799 1.00 23.72 ? 33  TRP A CB  1 
ATOM   205  C  CG  . TRP A 1 33  ? 3.054   2.369   -10.132 1.00 16.09 ? 33  TRP A CG  1 
ATOM   206  C  CD1 . TRP A 1 33  ? 2.901   3.682   -10.469 1.00 18.67 ? 33  TRP A CD1 1 
ATOM   207  C  CD2 . TRP A 1 33  ? 3.964   2.343   -9.026  1.00 17.05 ? 33  TRP A CD2 1 
ATOM   208  N  NE1 . TRP A 1 33  ? 3.660   4.479   -9.642  1.00 19.05 ? 33  TRP A NE1 1 
ATOM   209  C  CE2 . TRP A 1 33  ? 4.327   3.679   -8.751  1.00 19.55 ? 33  TRP A CE2 1 
ATOM   210  C  CE3 . TRP A 1 33  ? 4.506   1.324   -8.238  1.00 22.18 ? 33  TRP A CE3 1 
ATOM   211  C  CZ2 . TRP A 1 33  ? 5.212   4.018   -7.731  1.00 16.77 ? 33  TRP A CZ2 1 
ATOM   212  C  CZ3 . TRP A 1 33  ? 5.390   1.665   -7.217  1.00 18.93 ? 33  TRP A CZ3 1 
ATOM   213  C  CH2 . TRP A 1 33  ? 5.726   3.002   -6.973  1.00 16.95 ? 33  TRP A CH2 1 
ATOM   214  N  N   . LYS A 1 34  ? 3.603   -1.679  -11.901 1.00 18.49 ? 34  LYS A N   1 
ATOM   215  C  CA  . LYS A 1 34  ? 3.145   -3.057  -11.890 1.00 18.95 ? 34  LYS A CA  1 
ATOM   216  C  C   . LYS A 1 34  ? 2.299   -3.231  -10.638 1.00 14.90 ? 34  LYS A C   1 
ATOM   217  O  O   . LYS A 1 34  ? 2.798   -3.051  -9.526  1.00 19.71 ? 34  LYS A O   1 
ATOM   218  C  CB  . LYS A 1 34  ? 4.343   -4.013  -11.922 1.00 27.80 ? 34  LYS A CB  1 
ATOM   219  C  CG  . LYS A 1 34  ? 4.050   -5.467  -11.550 1.00 29.55 ? 34  LYS A CG  1 
ATOM   220  C  CD  . LYS A 1 34  ? 3.060   -6.094  -12.527 1.00 31.13 ? 34  LYS A CD  1 
ATOM   221  C  CE  . LYS A 1 34  ? 2.519   -7.429  -12.002 1.00 35.58 ? 34  LYS A CE  1 
ATOM   222  N  NZ  . LYS A 1 34  ? 1.821   -8.213  -13.079 1.00 36.07 ? 34  LYS A NZ  1 
ATOM   223  N  N   . CYS A 1 35  ? 1.012   -3.519  -10.808 1.00 26.48 ? 35  CYS A N   1 
ATOM   224  C  CA  . CYS A 1 35  ? 0.041   -3.499  -9.710  1.00 21.63 ? 35  CYS A CA  1 
ATOM   225  C  C   . CYS A 1 35  ? -0.386  -4.924  -9.370  1.00 27.62 ? 35  CYS A C   1 
ATOM   226  O  O   . CYS A 1 35  ? -1.468  -5.366  -9.740  1.00 33.14 ? 35  CYS A O   1 
ATOM   227  C  CB  . CYS A 1 35  ? -1.180  -2.648  -10.066 1.00 25.93 ? 35  CYS A CB  1 
ATOM   228  S  SG  . CYS A 1 35  ? -0.886  -0.886  -10.373 1.00 27.69 ? 35  CYS A SG  1 
ATOM   229  N  N   . HIS A 1 36  ? 0.462   -5.634  -8.630  1.00 26.83 ? 36  HIS A N   1 
ATOM   230  C  CA  . HIS A 1 36  ? 0.031   -6.885  -8.023  1.00 25.97 ? 36  HIS A CA  1 
ATOM   231  C  C   . HIS A 1 36  ? -1.155  -6.630  -7.097  1.00 36.52 ? 36  HIS A C   1 
ATOM   232  O  O   . HIS A 1 36  ? -1.217  -5.614  -6.399  1.00 37.52 ? 36  HIS A O   1 
ATOM   233  C  CB  . HIS A 1 36  ? 1.166   -7.529  -7.223  1.00 31.14 ? 36  HIS A CB  1 
ATOM   234  C  CG  . HIS A 1 36  ? 2.378   -7.867  -8.034  1.00 33.32 ? 36  HIS A CG  1 
ATOM   235  N  ND1 . HIS A 1 36  ? 3.481   -7.046  -8.101  1.00 35.01 ? 36  HIS A ND1 1 
ATOM   236  C  CD2 . HIS A 1 36  ? 2.673   -8.956  -8.783  1.00 37.12 ? 36  HIS A CD2 1 
ATOM   237  C  CE1 . HIS A 1 36  ? 4.401   -7.609  -8.864  1.00 38.71 ? 36  HIS A CE1 1 
ATOM   238  N  NE2 . HIS A 1 36  ? 3.933   -8.768  -9.291  1.00 39.80 ? 36  HIS A NE2 1 
ATOM   239  N  N   . GLN A 1 37  ? -2.091  -7.575  -7.071  1.00 42.89 ? 37  GLN A N   1 
ATOM   240  C  CA  . GLN A 1 37  ? -3.323  -7.363  -6.329  1.00 39.21 ? 37  GLN A CA  1 
ATOM   241  C  C   . GLN A 1 37  ? -3.917  -8.705  -5.940  1.00 50.33 ? 37  GLN A C   1 
ATOM   242  O  O   . GLN A 1 37  ? -3.774  -9.698  -6.659  1.00 56.38 ? 37  GLN A O   1 
ATOM   243  C  CB  . GLN A 1 37  ? -4.323  -6.552  -7.151  1.00 33.01 ? 37  GLN A CB  1 
ATOM   244  C  CG  . GLN A 1 37  ? -5.645  -6.305  -6.480  1.00 37.32 ? 37  GLN A CG  1 
ATOM   245  C  CD  . GLN A 1 37  ? -6.572  -5.567  -7.402  1.00 46.41 ? 37  GLN A CD  1 
ATOM   246  O  OE1 . GLN A 1 37  ? -6.222  -5.331  -8.562  1.00 43.49 ? 37  GLN A OE1 1 
ATOM   247  N  NE2 . GLN A 1 37  ? -7.761  -5.196  -6.907  1.00 40.97 ? 37  GLN A NE2 1 
ATOM   248  N  N   . CYS A 1 38  ? -4.581  -8.718  -4.792  1.00 51.95 ? 38  CYS A N   1 
ATOM   249  C  CA  . CYS A 1 38  ? -5.266  -9.912  -4.333  1.00 55.90 ? 38  CYS A CA  1 
ATOM   250  C  C   . CYS A 1 38  ? -6.207  -9.508  -3.207  1.00 57.48 ? 38  CYS A C   1 
ATOM   251  O  O   . CYS A 1 38  ? -6.130  -8.398  -2.671  1.00 49.31 ? 38  CYS A O   1 
ATOM   252  C  CB  . CYS A 1 38  ? -4.260  -10.977 -3.884  1.00 50.48 ? 38  CYS A CB  1 
ATOM   253  S  SG  . CYS A 1 38  ? -4.901  -12.650 -3.996  1.00 65.97 ? 38  CYS A SG  1 
ATOM   254  N  N   . ALA A 1 39  ? -7.128  -10.417 -2.880  1.00 63.60 ? 39  ALA A N   1 
ATOM   255  C  CA  . ALA A 1 39  ? -7.884  -10.352 -1.639  1.00 55.65 ? 39  ALA A CA  1 
ATOM   256  C  C   . ALA A 1 39  ? -7.554  -11.494 -0.684  1.00 58.50 ? 39  ALA A C   1 
ATOM   257  O  O   . ALA A 1 39  ? -7.868  -11.391 0.508   1.00 59.16 ? 39  ALA A O   1 
ATOM   258  C  CB  . ALA A 1 39  ? -9.389  -10.340 -1.929  1.00 51.78 ? 39  ALA A CB  1 
ATOM   259  N  N   . ASP A 1 40  ? -6.908  -12.557 -1.170  1.00 61.07 ? 40  ASP A N   1 
ATOM   260  C  CA  . ASP A 1 40  ? -6.489  -13.681 -0.342  1.00 58.17 ? 40  ASP A CA  1 
ATOM   261  C  C   . ASP A 1 40  ? -5.112  -13.394 0.248   1.00 64.30 ? 40  ASP A C   1 
ATOM   262  O  O   . ASP A 1 40  ? -4.179  -13.025 -0.476  1.00 63.97 ? 40  ASP A O   1 
ATOM   263  C  CB  . ASP A 1 40  ? -6.462  -14.979 -1.153  1.00 49.20 ? 40  ASP A CB  1 
ATOM   264  C  CG  . ASP A 1 40  ? -6.286  -16.206 -0.282  1.00 60.99 ? 40  ASP A CG  1 
ATOM   265  O  OD1 . ASP A 1 40  ? -5.210  -16.351 0.342   1.00 60.63 ? 40  ASP A OD1 1 
ATOM   266  O  OD2 . ASP A 1 40  ? -7.226  -17.033 -0.225  1.00 67.27 ? 40  ASP A OD2 1 
ATOM   267  N  N   . LEU A 1 41  ? -4.982  -13.588 1.561   1.00 59.73 ? 41  LEU A N   1 
ATOM   268  C  CA  . LEU A 1 41  ? -3.787  -13.129 2.252   1.00 51.86 ? 41  LEU A CA  1 
ATOM   269  C  C   . LEU A 1 41  ? -2.638  -14.121 2.137   1.00 57.48 ? 41  LEU A C   1 
ATOM   270  O  O   . LEU A 1 41  ? -1.474  -13.709 2.056   1.00 58.22 ? 41  LEU A O   1 
ATOM   271  C  CB  . LEU A 1 41  ? -4.113  -12.851 3.719   1.00 49.11 ? 41  LEU A CB  1 
ATOM   272  C  CG  . LEU A 1 41  ? -5.334  -11.957 3.961   1.00 54.66 ? 41  LEU A CG  1 
ATOM   273  C  CD1 . LEU A 1 41  ? -5.485  -11.656 5.436   1.00 41.33 ? 41  LEU A CD1 1 
ATOM   274  C  CD2 . LEU A 1 41  ? -5.269  -10.658 3.154   1.00 47.63 ? 41  LEU A CD2 1 
ATOM   275  N  N   . ARG A 1 42  ? -2.934  -15.427 2.144   1.00 57.70 ? 42  ARG A N   1 
ATOM   276  C  CA  . ARG A 1 42  ? -1.860  -16.415 2.063   1.00 60.11 ? 42  ARG A CA  1 
ATOM   277  C  C   . ARG A 1 42  ? -1.038  -16.212 0.807   1.00 55.35 ? 42  ARG A C   1 
ATOM   278  O  O   . ARG A 1 42  ? 0.181   -16.424 0.817   1.00 55.03 ? 42  ARG A O   1 
ATOM   279  C  CB  . ARG A 1 42  ? -2.424  -17.838 2.097   1.00 62.53 ? 42  ARG A CB  1 
ATOM   280  C  CG  . ARG A 1 42  ? -1.516  -18.893 1.449   1.00 60.94 ? 42  ARG A CG  1 
ATOM   281  C  CD  . ARG A 1 42  ? -2.259  -19.755 0.423   1.00 60.05 ? 42  ARG A CD  1 
ATOM   282  N  NE  . ARG A 1 42  ? -3.688  -19.870 0.704   1.00 69.64 ? 42  ARG A NE  1 
ATOM   283  C  CZ  . ARG A 1 42  ? -4.655  -19.693 -0.191  1.00 67.89 ? 42  ARG A CZ  1 
ATOM   284  N  NH1 . ARG A 1 42  ? -4.386  -19.406 -1.455  1.00 65.78 ? 42  ARG A NH1 1 
ATOM   285  N  NH2 . ARG A 1 42  ? -5.924  -19.806 0.194   1.00 62.57 ? 42  ARG A NH2 1 
ATOM   286  N  N   . LYS A 1 43  ? -1.684  -15.773 -0.273  1.00 52.65 ? 43  LYS A N   1 
ATOM   287  C  CA  . LYS A 1 43  ? -0.962  -15.524 -1.512  1.00 58.71 ? 43  LYS A CA  1 
ATOM   288  C  C   . LYS A 1 43  ? -0.108  -14.264 -1.418  1.00 57.45 ? 43  LYS A C   1 
ATOM   289  O  O   . LYS A 1 43  ? 1.028   -14.243 -1.911  1.00 55.99 ? 43  LYS A O   1 
ATOM   290  C  CB  . LYS A 1 43  ? -1.949  -15.433 -2.674  1.00 61.13 ? 43  LYS A CB  1 
ATOM   291  C  CG  . LYS A 1 43  ? -2.936  -16.585 -2.693  1.00 58.53 ? 43  LYS A CG  1 
ATOM   292  C  CD  . LYS A 1 43  ? -4.128  -16.278 -3.577  1.00 63.52 ? 43  LYS A CD  1 
ATOM   293  C  CE  . LYS A 1 43  ? -3.692  -15.990 -5.005  1.00 63.59 ? 43  LYS A CE  1 
ATOM   294  N  NZ  . LYS A 1 43  ? -4.445  -16.830 -5.985  1.00 61.69 ? 43  LYS A NZ  1 
ATOM   295  N  N   . VAL A 1 44  ? -0.624  -13.211 -0.774  1.00 54.77 ? 44  VAL A N   1 
ATOM   296  C  CA  . VAL A 1 44  ? 0.160   -11.986 -0.651  1.00 48.64 ? 44  VAL A CA  1 
ATOM   297  C  C   . VAL A 1 44  ? 1.381   -12.211 0.237   1.00 47.08 ? 44  VAL A C   1 
ATOM   298  O  O   . VAL A 1 44  ? 2.452   -11.647 -0.010  1.00 50.45 ? 44  VAL A O   1 
ATOM   299  C  CB  . VAL A 1 44  ? -0.716  -10.828 -0.140  1.00 50.28 ? 44  VAL A CB  1 
ATOM   300  C  CG1 . VAL A 1 44  ? 0.087   -9.545  -0.106  1.00 42.92 ? 44  VAL A CG1 1 
ATOM   301  C  CG2 . VAL A 1 44  ? -1.947  -10.656 -1.033  1.00 43.65 ? 44  VAL A CG2 1 
ATOM   302  N  N   . ASP A 1 45  ? 1.256   -13.056 1.264   1.00 41.28 ? 45  ASP A N   1 
ATOM   303  C  CA  . ASP A 1 45  ? 2.421   -13.372 2.090   1.00 49.52 ? 45  ASP A CA  1 
ATOM   304  C  C   . ASP A 1 45  ? 3.498   -14.065 1.256   1.00 50.52 ? 45  ASP A C   1 
ATOM   305  O  O   . ASP A 1 45  ? 4.690   -13.746 1.374   1.00 50.69 ? 45  ASP A O   1 
ATOM   306  C  CB  . ASP A 1 45  ? 2.000   -14.238 3.287   1.00 44.87 ? 45  ASP A CB  1 
ATOM   307  C  CG  . ASP A 1 45  ? 3.137   -14.472 4.296   1.00 44.42 ? 45  ASP A CG  1 
ATOM   308  O  OD1 . ASP A 1 45  ? 4.258   -13.952 4.120   1.00 51.35 ? 45  ASP A OD1 1 
ATOM   309  O  OD2 . ASP A 1 45  ? 2.903   -15.194 5.288   1.00 59.29 ? 45  ASP A OD2 1 
ATOM   310  N  N   . ALA A 1 46  ? 3.091   -14.992 0.379   1.00 47.47 ? 46  ALA A N   1 
ATOM   311  C  CA  . ALA A 1 46  ? 4.039   -15.662 -0.508  1.00 47.70 ? 46  ALA A CA  1 
ATOM   312  C  C   . ALA A 1 46  ? 4.617   -14.685 -1.528  1.00 52.30 ? 46  ALA A C   1 
ATOM   313  O  O   . ALA A 1 46  ? 5.841   -14.507 -1.621  1.00 48.25 ? 46  ALA A O   1 
ATOM   314  C  CB  . ALA A 1 46  ? 3.353   -16.833 -1.214  1.00 48.77 ? 46  ALA A CB  1 
ATOM   315  N  N   . LEU A 1 47  ? 3.738   -14.037 -2.299  1.00 43.64 ? 47  LEU A N   1 
ATOM   316  C  CA  . LEU A 1 47  ? 4.166   -13.044 -3.283  1.00 46.71 ? 47  LEU A CA  1 
ATOM   317  C  C   . LEU A 1 47  ? 5.136   -12.034 -2.681  1.00 46.17 ? 47  LEU A C   1 
ATOM   318  O  O   . LEU A 1 47  ? 6.193   -11.737 -3.255  1.00 44.21 ? 47  LEU A O   1 
ATOM   319  C  CB  . LEU A 1 47  ? 2.938   -12.332 -3.855  1.00 38.46 ? 47  LEU A CB  1 
ATOM   320  C  CG  . LEU A 1 47  ? 3.262   -11.168 -4.780  1.00 41.50 ? 47  LEU A CG  1 
ATOM   321  C  CD1 . LEU A 1 47  ? 4.012   -11.687 -5.998  1.00 47.92 ? 47  LEU A CD1 1 
ATOM   322  C  CD2 . LEU A 1 47  ? 1.991   -10.460 -5.190  1.00 33.99 ? 47  LEU A CD2 1 
ATOM   323  N  N   . LEU A 1 48  ? 4.793   -11.502 -1.510  1.00 42.89 ? 48  LEU A N   1 
ATOM   324  C  CA  . LEU A 1 48  ? 5.650   -10.520 -0.876  1.00 42.43 ? 48  LEU A CA  1 
ATOM   325  C  C   . LEU A 1 48  ? 6.975   -11.124 -0.432  1.00 46.77 ? 48  LEU A C   1 
ATOM   326  O  O   . LEU A 1 48  ? 7.956   -10.392 -0.259  1.00 43.42 ? 48  LEU A O   1 
ATOM   327  C  CB  . LEU A 1 48  ? 4.908   -9.897  0.301   1.00 48.29 ? 48  LEU A CB  1 
ATOM   328  C  CG  . LEU A 1 48  ? 5.181   -8.437  0.637   1.00 42.12 ? 48  LEU A CG  1 
ATOM   329  C  CD1 . LEU A 1 48  ? 4.037   -7.907  1.484   1.00 38.76 ? 48  LEU A CD1 1 
ATOM   330  C  CD2 . LEU A 1 48  ? 6.540   -8.292  1.341   1.00 43.84 ? 48  LEU A CD2 1 
ATOM   331  N  N   . GLU A 1 49  ? 7.035   -12.442 -0.254  1.00 46.44 ? 49  GLU A N   1 
ATOM   332  C  CA  . GLU A 1 49  ? 8.314   -13.056 0.077   1.00 52.54 ? 49  GLU A CA  1 
ATOM   333  C  C   . GLU A 1 49  ? 9.261   -13.063 -1.127  1.00 48.50 ? 49  GLU A C   1 
ATOM   334  O  O   . GLU A 1 49  ? 10.468  -12.854 -0.965  1.00 46.91 ? 49  GLU A O   1 
ATOM   335  C  CB  . GLU A 1 49  ? 8.085   -14.465 0.635   1.00 56.29 ? 49  GLU A CB  1 
ATOM   336  C  CG  . GLU A 1 49  ? 7.636   -14.461 2.099   1.00 60.49 ? 49  GLU A CG  1 
ATOM   337  C  CD  . GLU A 1 49  ? 7.439   -15.857 2.683   1.00 68.92 ? 49  GLU A CD  1 
ATOM   338  O  OE1 . GLU A 1 49  ? 8.457   -16.548 2.917   1.00 73.79 ? 49  GLU A OE1 1 
ATOM   339  O  OE2 . GLU A 1 49  ? 6.273   -16.249 2.931   1.00 63.95 ? 49  GLU A OE2 1 
ATOM   340  N  N   . ASP A 1 50  ? 8.740   -13.276 -2.342  1.00 46.90 ? 50  ASP A N   1 
ATOM   341  C  CA  . ASP A 1 50  ? 9.580   -13.212 -3.540  1.00 46.32 ? 50  ASP A CA  1 
ATOM   342  C  C   . ASP A 1 50  ? 9.751   -11.792 -4.075  1.00 49.77 ? 50  ASP A C   1 
ATOM   343  O  O   . ASP A 1 50  ? 10.819  -11.464 -4.605  1.00 48.48 ? 50  ASP A O   1 
ATOM   344  C  CB  . ASP A 1 50  ? 9.019   -14.085 -4.670  1.00 52.49 ? 50  ASP A CB  1 
ATOM   345  C  CG  . ASP A 1 50  ? 8.434   -15.403 -4.185  1.00 59.53 ? 50  ASP A CG  1 
ATOM   346  O  OD1 . ASP A 1 50  ? 9.089   -16.109 -3.378  1.00 60.60 ? 50  ASP A OD1 1 
ATOM   347  O  OD2 . ASP A 1 50  ? 7.324   -15.748 -4.653  1.00 53.15 ? 50  ASP A OD2 1 
ATOM   348  N  N   . ILE A 1 51  ? 8.714   -10.948 -3.977  1.00 51.79 ? 51  ILE A N   1 
ATOM   349  C  CA  . ILE A 1 51  ? 8.818   -9.577  -4.484  1.00 44.09 ? 51  ILE A CA  1 
ATOM   350  C  C   . ILE A 1 51  ? 9.897   -8.807  -3.736  1.00 39.13 ? 51  ILE A C   1 
ATOM   351  O  O   . ILE A 1 51  ? 10.672  -8.049  -4.334  1.00 38.23 ? 51  ILE A O   1 
ATOM   352  C  CB  . ILE A 1 51  ? 7.461   -8.846  -4.397  1.00 42.57 ? 51  ILE A CB  1 
ATOM   353  C  CG1 . ILE A 1 51  ? 6.607   -9.127  -5.626  1.00 39.22 ? 51  ILE A CG1 1 
ATOM   354  C  CG2 . ILE A 1 51  ? 7.668   -7.348  -4.282  1.00 45.83 ? 51  ILE A CG2 1 
ATOM   355  C  CD1 . ILE A 1 51  ? 5.369   -8.283  -5.677  1.00 38.43 ? 51  ILE A CD1 1 
ATOM   356  N  N   . GLY A 1 52  ? 9.970   -8.986  -2.423  1.00 45.86 ? 52  GLY A N   1 
ATOM   357  C  CA  . GLY A 1 52  ? 10.916  -8.250  -1.625  1.00 46.40 ? 52  GLY A CA  1 
ATOM   358  C  C   . GLY A 1 52  ? 10.319  -6.951  -1.128  1.00 44.12 ? 52  GLY A C   1 
ATOM   359  O  O   . GLY A 1 52  ? 9.335   -6.945  -0.382  1.00 46.47 ? 52  GLY A O   1 
ATOM   360  N  N   . PRO A 1 53  ? 10.927  -5.819  -1.510  1.00 38.53 ? 53  PRO A N   1 
ATOM   361  C  CA  . PRO A 1 53  ? 10.418  -4.516  -1.059  1.00 32.85 ? 53  PRO A CA  1 
ATOM   362  C  C   . PRO A 1 53  ? 9.579   -3.816  -2.114  1.00 30.35 ? 53  PRO A C   1 
ATOM   363  O  O   . PRO A 1 53  ? 9.959   -3.770  -3.291  1.00 32.95 ? 53  PRO A O   1 
ATOM   364  C  CB  . PRO A 1 53  ? 11.702  -3.721  -0.773  1.00 38.72 ? 53  PRO A CB  1 
ATOM   365  C  CG  . PRO A 1 53  ? 12.841  -4.720  -0.880  1.00 42.22 ? 53  PRO A CG  1 
ATOM   366  C  CD  . PRO A 1 53  ? 12.349  -5.736  -1.866  1.00 37.20 ? 53  PRO A CD  1 
ATOM   367  N  N   . CYS A 1 54  ? 8.462   -3.223  -1.707  1.00 27.35 ? 54  CYS A N   1 
ATOM   368  C  CA  . CYS A 1 54  ? 7.575   -2.572  -2.662  1.00 18.69 ? 54  CYS A CA  1 
ATOM   369  C  C   . CYS A 1 54  ? 6.701   -1.583  -1.918  1.00 16.73 ? 54  CYS A C   1 
ATOM   370  O  O   . CYS A 1 54  ? 6.790   -1.437  -0.699  1.00 22.70 ? 54  CYS A O   1 
ATOM   371  C  CB  . CYS A 1 54  ? 6.710   -3.599  -3.380  1.00 28.00 ? 54  CYS A CB  1 
ATOM   372  S  SG  . CYS A 1 54  ? 6.037   -4.783  -2.176  1.00 25.29 ? 54  CYS A SG  1 
ATOM   373  N  N   . ILE A 1 55  ? 5.836   -0.926  -2.663  1.00 17.87 ? 55  ILE A N   1 
ATOM   374  C  CA  . ILE A 1 55  ? 4.733   -0.174  -2.084  1.00 18.39 ? 55  ILE A CA  1 
ATOM   375  C  C   . ILE A 1 55  ? 3.590   -1.132  -1.826  1.00 17.77 ? 55  ILE A C   1 
ATOM   376  O  O   . ILE A 1 55  ? 3.271   -1.980  -2.665  1.00 23.45 ? 55  ILE A O   1 
ATOM   377  C  CB  . ILE A 1 55  ? 4.295   0.968   -3.018  1.00 18.88 ? 55  ILE A CB  1 
ATOM   378  C  CG1 . ILE A 1 55  ? 5.503   1.807   -3.459  1.00 18.19 ? 55  ILE A CG1 1 
ATOM   379  C  CG2 . ILE A 1 55  ? 3.168   1.766   -2.415  1.00 14.35 ? 55  ILE A CG2 1 
ATOM   380  C  CD1 . ILE A 1 55  ? 6.262   2.375   -2.308  1.00 22.24 ? 55  ILE A CD1 1 
ATOM   381  N  N   . GLY A 1 56  ? 2.978   -1.019  -0.662  1.00 15.45 ? 56  GLY A N   1 
ATOM   382  C  CA  . GLY A 1 56  ? 1.797   -1.809  -0.403  1.00 20.57 ? 56  GLY A CA  1 
ATOM   383  C  C   . GLY A 1 56  ? 0.646   -0.903  -0.068  1.00 17.24 ? 56  GLY A C   1 
ATOM   384  O  O   . GLY A 1 56  ? 0.811   0.005   0.743   1.00 17.03 ? 56  GLY A O   1 
ATOM   385  N  N   . ILE A 1 57  ? -0.506  -1.100  -0.694  1.00 18.05 ? 57  ILE A N   1 
ATOM   386  C  CA  . ILE A 1 57  ? -1.706  -0.346  -0.354  1.00 18.08 ? 57  ILE A CA  1 
ATOM   387  C  C   . ILE A 1 57  ? -2.744  -1.319  0.195   1.00 21.25 ? 57  ILE A C   1 
ATOM   388  O  O   . ILE A 1 57  ? -3.210  -2.220  -0.517  1.00 18.26 ? 57  ILE A O   1 
ATOM   389  C  CB  . ILE A 1 57  ? -2.252  0.428   -1.564  1.00 21.07 ? 57  ILE A CB  1 
ATOM   390  C  CG1 . ILE A 1 57  ? -1.156  1.320   -2.150  1.00 18.08 ? 57  ILE A CG1 1 
ATOM   391  C  CG2 . ILE A 1 57  ? -3.530  1.224   -1.169  1.00 15.37 ? 57  ILE A CG2 1 
ATOM   392  C  CD1 . ILE A 1 57  ? -1.487  1.881   -3.515  1.00 14.48 ? 57  ILE A CD1 1 
ATOM   393  N  N   . VAL A 1 58  ? -3.116  -1.135  1.453   1.00 18.05 ? 58  VAL A N   1 
ATOM   394  C  CA  . VAL A 1 58  ? -4.130  -1.958  2.098   1.00 21.27 ? 58  VAL A CA  1 
ATOM   395  C  C   . VAL A 1 58  ? -5.471  -1.231  2.054   1.00 25.95 ? 58  VAL A C   1 
ATOM   396  O  O   . VAL A 1 58  ? -5.632  -0.152  2.643   1.00 23.31 ? 58  VAL A O   1 
ATOM   397  C  CB  . VAL A 1 58  ? -3.725  -2.316  3.535   1.00 19.95 ? 58  VAL A CB  1 
ATOM   398  C  CG1 . VAL A 1 58  ? -3.117  -1.120  4.236   1.00 26.51 ? 58  VAL A CG1 1 
ATOM   399  C  CG2 . VAL A 1 58  ? -4.928  -2.754  4.288   1.00 22.06 ? 58  VAL A CG2 1 
ATOM   400  N  N   . ASP A 1 59  ? -6.430  -1.831  1.347   1.00 22.92 ? 59  ASP A N   1 
ATOM   401  C  CA  . ASP A 1 59  ? -7.787  -1.310  1.220   1.00 23.04 ? 59  ASP A CA  1 
ATOM   402  C  C   . ASP A 1 59  ? -8.565  -1.719  2.464   1.00 32.14 ? 59  ASP A C   1 
ATOM   403  O  O   . ASP A 1 59  ? -8.955  -2.882  2.615   1.00 33.53 ? 59  ASP A O   1 
ATOM   404  C  CB  . ASP A 1 59  ? -8.432  -1.856  -0.049  1.00 37.06 ? 59  ASP A CB  1 
ATOM   405  C  CG  . ASP A 1 59  ? -9.786  -1.252  -0.338  1.00 35.99 ? 59  ASP A CG  1 
ATOM   406  O  OD1 . ASP A 1 59  ? -10.500 -0.920  0.624   1.00 41.45 ? 59  ASP A OD1 1 
ATOM   407  O  OD2 . ASP A 1 59  ? -10.142 -1.118  -1.535  1.00 36.15 ? 59  ASP A OD2 1 
ATOM   408  N  N   . LEU A 1 60  ? -8.771  -0.764  3.373   1.00 33.14 ? 60  LEU A N   1 
ATOM   409  C  CA  . LEU A 1 60  ? -9.662  -0.907  4.520   1.00 29.57 ? 60  LEU A CA  1 
ATOM   410  C  C   . LEU A 1 60  ? -11.014 -0.254  4.280   1.00 27.02 ? 60  LEU A C   1 
ATOM   411  O  O   . LEU A 1 60  ? -11.802 -0.129  5.224   1.00 32.37 ? 60  LEU A O   1 
ATOM   412  C  CB  . LEU A 1 60  ? -9.043  -0.286  5.772   1.00 22.71 ? 60  LEU A CB  1 
ATOM   413  C  CG  . LEU A 1 60  ? -7.541  -0.313  6.053   1.00 27.55 ? 60  LEU A CG  1 
ATOM   414  C  CD1 . LEU A 1 60  ? -7.238  0.677   7.136   1.00 23.31 ? 60  LEU A CD1 1 
ATOM   415  C  CD2 . LEU A 1 60  ? -7.135  -1.674  6.548   1.00 33.58 ? 60  LEU A CD2 1 
ATOM   416  N  N   . SER A 1 61  ? -11.278 0.201   3.057   1.00 26.15 ? 61  SER A N   1 
ATOM   417  C  CA  . SER A 1 61  ? -12.419 1.055   2.753   1.00 24.27 ? 61  SER A CA  1 
ATOM   418  C  C   . SER A 1 61  ? -13.682 0.272   2.476   1.00 43.03 ? 61  SER A C   1 
ATOM   419  O  O   . SER A 1 61  ? -14.715 0.870   2.143   1.00 43.79 ? 61  SER A O   1 
ATOM   420  C  CB  . SER A 1 61  ? -12.126 1.938   1.547   1.00 25.23 ? 61  SER A CB  1 
ATOM   421  O  OG  . SER A 1 61  ? -12.790 1.449   0.390   1.00 33.99 ? 61  SER A OG  1 
ATOM   422  N  N   . HIS A 1 62  ? -13.607 -1.047  2.548   1.00 47.62 ? 62  HIS A N   1 
ATOM   423  C  CA  . HIS A 1 62  ? -14.777 -1.898  2.565   1.00 40.65 ? 62  HIS A CA  1 
ATOM   424  C  C   . HIS A 1 62  ? -14.605 -2.787  3.770   1.00 41.66 ? 62  HIS A C   1 
ATOM   425  O  O   . HIS A 1 62  ? -13.543 -3.391  3.942   1.00 50.92 ? 62  HIS A O   1 
ATOM   426  C  CB  . HIS A 1 62  ? -14.890 -2.732  1.292   1.00 39.92 ? 62  HIS A CB  1 
ATOM   427  C  CG  . HIS A 1 62  ? -15.016 -1.916  0.044   1.00 41.52 ? 62  HIS A CG  1 
ATOM   428  N  ND1 . HIS A 1 62  ? -16.138 -1.171  -0.250  1.00 43.61 ? 62  HIS A ND1 1 
ATOM   429  C  CD2 . HIS A 1 62  ? -14.152 -1.715  -0.979  1.00 44.22 ? 62  HIS A CD2 1 
ATOM   430  C  CE1 . HIS A 1 62  ? -15.967 -0.557  -1.408  1.00 44.17 ? 62  HIS A CE1 1 
ATOM   431  N  NE2 . HIS A 1 62  ? -14.769 -0.869  -1.872  1.00 39.62 ? 62  HIS A NE2 1 
ATOM   432  N  N   . ASP A 1 63  ? -15.621 -2.846  4.620   1.00 50.55 ? 63  ASP A N   1 
ATOM   433  C  CA  . ASP A 1 63  ? -15.644 -3.856  5.663   1.00 43.11 ? 63  ASP A CA  1 
ATOM   434  C  C   . ASP A 1 63  ? -15.533 -5.218  4.972   1.00 57.36 ? 63  ASP A C   1 
ATOM   435  O  O   . ASP A 1 63  ? -16.462 -6.036  4.991   1.00 59.93 ? 63  ASP A O   1 
ATOM   436  C  CB  . ASP A 1 63  ? -16.907 -3.683  6.504   1.00 49.70 ? 63  ASP A CB  1 
ATOM   437  C  CG  . ASP A 1 63  ? -17.135 -4.817  7.472   1.00 58.26 ? 63  ASP A CG  1 
ATOM   438  O  OD1 . ASP A 1 63  ? -16.592 -4.739  8.598   1.00 45.04 ? 63  ASP A OD1 1 
ATOM   439  O  OD2 . ASP A 1 63  ? -17.890 -5.756  7.120   1.00 57.66 ? 63  ASP A OD2 1 
ATOM   440  N  N   . GLU A 1 64  ? -14.378 -5.442  4.335   1.00 54.63 ? 64  GLU A N   1 
ATOM   441  C  CA  . GLU A 1 64  ? -14.110 -6.516  3.384   1.00 56.97 ? 64  GLU A CA  1 
ATOM   442  C  C   . GLU A 1 64  ? -13.038 -7.466  3.863   1.00 54.94 ? 64  GLU A C   1 
ATOM   443  O  O   . GLU A 1 64  ? -13.104 -8.664  3.567   1.00 62.98 ? 64  GLU A O   1 
ATOM   444  C  CB  . GLU A 1 64  ? -13.639 -5.932  2.038   1.00 53.35 ? 64  GLU A CB  1 
ATOM   445  C  CG  . GLU A 1 64  ? -13.951 -6.758  0.805   1.00 61.61 ? 64  GLU A CG  1 
ATOM   446  C  CD  . GLU A 1 64  ? -13.843 -5.938  -0.474  1.00 63.34 ? 64  GLU A CD  1 
ATOM   447  O  OE1 . GLU A 1 64  ? -13.223 -4.852  -0.426  1.00 62.30 ? 64  GLU A OE1 1 
ATOM   448  O  OE2 . GLU A 1 64  ? -14.370 -6.374  -1.525  1.00 65.87 ? 64  GLU A OE2 1 
ATOM   449  N  N   . PHE A 1 65  ? -12.038 -6.950  4.564   1.00 54.18 ? 65  PHE A N   1 
ATOM   450  C  CA  . PHE A 1 65  ? -10.964 -7.734  5.139   1.00 55.77 ? 65  PHE A CA  1 
ATOM   451  C  C   . PHE A 1 65  ? -11.045 -7.631  6.650   1.00 51.53 ? 65  PHE A C   1 
ATOM   452  O  O   . PHE A 1 65  ? -11.286 -6.549  7.197   1.00 52.91 ? 65  PHE A O   1 
ATOM   453  C  CB  . PHE A 1 65  ? -9.597  -7.228  4.671   1.00 54.73 ? 65  PHE A CB  1 
ATOM   454  C  CG  . PHE A 1 65  ? -9.372  -7.326  3.193   1.00 57.31 ? 65  PHE A CG  1 
ATOM   455  C  CD1 . PHE A 1 65  ? -8.759  -8.443  2.640   1.00 56.49 ? 65  PHE A CD1 1 
ATOM   456  C  CD2 . PHE A 1 65  ? -9.770  -6.299  2.355   1.00 54.47 ? 65  PHE A CD2 1 
ATOM   457  C  CE1 . PHE A 1 65  ? -8.551  -8.528  1.275   1.00 58.69 ? 65  PHE A CE1 1 
ATOM   458  C  CE2 . PHE A 1 65  ? -9.575  -6.387  0.996   1.00 53.73 ? 65  PHE A CE2 1 
ATOM   459  C  CZ  . PHE A 1 65  ? -8.962  -7.505  0.454   1.00 48.99 ? 65  PHE A CZ  1 
ATOM   460  N  N   . SER A 1 66  ? -10.841 -8.755  7.321   1.00 43.72 ? 66  SER A N   1 
ATOM   461  C  CA  . SER A 1 66  ? -10.610 -8.690  8.752   1.00 47.40 ? 66  SER A CA  1 
ATOM   462  C  C   . SER A 1 66  ? -9.352  -7.879  8.995   1.00 47.10 ? 66  SER A C   1 
ATOM   463  O  O   . SER A 1 66  ? -8.249  -8.375  8.750   1.00 49.33 ? 66  SER A O   1 
ATOM   464  C  CB  . SER A 1 66  ? -10.460 -10.088 9.346   1.00 50.49 ? 66  SER A CB  1 
ATOM   465  O  OG  . SER A 1 66  ? -11.358 -10.997 8.724   1.00 45.23 ? 66  SER A OG  1 
ATOM   466  N  N   . LEU A 1 67  ? -9.492  -6.640  9.477   1.00 50.70 ? 67  LEU A N   1 
ATOM   467  C  CA  . LEU A 1 67  ? -8.310  -5.840  9.805   1.00 49.47 ? 67  LEU A CA  1 
ATOM   468  C  C   . LEU A 1 67  ? -7.390  -6.543  10.793  1.00 49.14 ? 67  LEU A C   1 
ATOM   469  O  O   . LEU A 1 67  ? -6.317  -6.007  11.108  1.00 47.68 ? 67  LEU A O   1 
ATOM   470  C  CB  . LEU A 1 67  ? -8.719  -4.478  10.365  1.00 46.47 ? 67  LEU A CB  1 
ATOM   471  C  CG  . LEU A 1 67  ? -8.975  -3.338  9.380   1.00 46.46 ? 67  LEU A CG  1 
ATOM   472  C  CD1 . LEU A 1 67  ? -10.357 -3.458  8.725   1.00 47.12 ? 67  LEU A CD1 1 
ATOM   473  C  CD2 . LEU A 1 67  ? -8.800  -1.989  10.069  1.00 40.64 ? 67  LEU A CD2 1 
ATOM   474  N  N   . ASN A 1 68  ? -7.821  -7.698  11.319  1.00 51.89 ? 68  ASN A N   1 
ATOM   475  C  CA  . ASN A 1 68  ? -6.924  -8.685  11.910  1.00 46.97 ? 68  ASN A CA  1 
ATOM   476  C  C   . ASN A 1 68  ? -6.034  -9.309  10.842  1.00 41.95 ? 68  ASN A C   1 
ATOM   477  O  O   . ASN A 1 68  ? -4.803  -9.303  10.956  1.00 44.12 ? 68  ASN A O   1 
ATOM   478  C  CB  . ASN A 1 68  ? -7.762  -9.766  12.600  1.00 47.45 ? 68  ASN A CB  1 
ATOM   479  C  CG  . ASN A 1 68  ? -6.963  -10.658 13.523  1.00 39.15 ? 68  ASN A CG  1 
ATOM   480  O  OD1 . ASN A 1 68  ? -6.003  -10.221 14.157  1.00 45.75 ? 68  ASN A OD1 1 
ATOM   481  N  ND2 . ASN A 1 68  ? -7.396  -11.910 13.647  1.00 35.85 ? 68  ASN A ND2 1 
ATOM   482  N  N   . GLY A 1 69  ? -6.650  -9.864  9.795   1.00 44.15 ? 69  GLY A N   1 
ATOM   483  C  CA  . GLY A 1 69  ? -5.879  -10.527 8.760   1.00 35.16 ? 69  GLY A CA  1 
ATOM   484  C  C   . GLY A 1 69  ? -4.878  -9.604  8.093   1.00 38.36 ? 69  GLY A C   1 
ATOM   485  O  O   . GLY A 1 69  ? -3.762  -10.017 7.775   1.00 42.67 ? 69  GLY A O   1 
ATOM   486  N  N   . ILE A 1 70  ? -5.260  -8.340  7.880   1.00 42.19 ? 70  ILE A N   1 
ATOM   487  C  CA  . ILE A 1 70  ? -4.346  -7.383  7.259   1.00 35.86 ? 70  ILE A CA  1 
ATOM   488  C  C   . ILE A 1 70  ? -3.147  -7.133  8.157   1.00 38.70 ? 70  ILE A C   1 
ATOM   489  O  O   . ILE A 1 70  ? -1.992  -7.319  7.760   1.00 43.62 ? 70  ILE A O   1 
ATOM   490  C  CB  . ILE A 1 70  ? -5.048  -6.051  6.956   1.00 39.23 ? 70  ILE A CB  1 
ATOM   491  C  CG1 . ILE A 1 70  ? -5.983  -6.146  5.760   1.00 38.86 ? 70  ILE A CG1 1 
ATOM   492  C  CG2 . ILE A 1 70  ? -3.998  -4.968  6.737   1.00 39.97 ? 70  ILE A CG2 1 
ATOM   493  C  CD1 . ILE A 1 70  ? -7.247  -5.407  6.033   1.00 43.16 ? 70  ILE A CD1 1 
ATOM   494  N  N   . ALA A 1 71  ? -3.403  -6.651  9.370   1.00 39.81 ? 71  ALA A N   1 
ATOM   495  C  CA  . ALA A 1 71  ? -2.294  -6.184  10.185  1.00 40.33 ? 71  ALA A CA  1 
ATOM   496  C  C   . ALA A 1 71  ? -1.337  -7.315  10.519  1.00 42.71 ? 71  ALA A C   1 
ATOM   497  O  O   . ALA A 1 71  ? -0.162  -7.056  10.799  1.00 41.36 ? 71  ALA A O   1 
ATOM   498  C  CB  . ALA A 1 71  ? -2.821  -5.512  11.444  1.00 35.27 ? 71  ALA A CB  1 
ATOM   499  N  N   . ASN A 1 72  ? -1.807  -8.565  10.462  1.00 40.30 ? 72  ASN A N   1 
ATOM   500  C  CA  . ASN A 1 72  ? -0.892  -9.697  10.541  1.00 39.49 ? 72  ASN A CA  1 
ATOM   501  C  C   . ASN A 1 72  ? 0.032   -9.718  9.335   1.00 34.82 ? 72  ASN A C   1 
ATOM   502  O  O   . ASN A 1 72  ? 1.244   -9.920  9.473   1.00 39.32 ? 72  ASN A O   1 
ATOM   503  C  CB  . ASN A 1 72  ? -1.685  -11.003 10.643  1.00 44.74 ? 72  ASN A CB  1 
ATOM   504  C  CG  . ASN A 1 72  ? -2.508  -11.087 11.926  1.00 47.98 ? 72  ASN A CG  1 
ATOM   505  O  OD1 . ASN A 1 72  ? -2.087  -10.603 12.983  1.00 36.87 ? 72  ASN A OD1 1 
ATOM   506  N  ND2 . ASN A 1 72  ? -3.701  -11.680 11.828  1.00 47.85 ? 72  ASN A ND2 1 
ATOM   507  N  N   . LEU A 1 73  ? -0.522  -9.487  8.143   1.00 39.60 ? 73  LEU A N   1 
ATOM   508  C  CA  . LEU A 1 73  ? 0.299   -9.363  6.941   1.00 37.90 ? 73  LEU A CA  1 
ATOM   509  C  C   . LEU A 1 73  ? 1.274   -8.207  7.074   1.00 37.70 ? 73  LEU A C   1 
ATOM   510  O  O   . LEU A 1 73  ? 2.496   -8.397  7.037   1.00 36.60 ? 73  LEU A O   1 
ATOM   511  C  CB  . LEU A 1 73  ? -0.594  -9.160  5.722   1.00 33.75 ? 73  LEU A CB  1 
ATOM   512  C  CG  . LEU A 1 73  ? -0.133  -9.834  4.442   1.00 41.63 ? 73  LEU A CG  1 
ATOM   513  C  CD1 . LEU A 1 73  ? 0.061   -11.323 4.670   1.00 37.32 ? 73  LEU A CD1 1 
ATOM   514  C  CD2 . LEU A 1 73  ? -1.146  -9.569  3.337   1.00 43.83 ? 73  LEU A CD2 1 
ATOM   515  N  N   . VAL A 1 74  ? 0.740   -6.997  7.264   1.00 38.84 ? 74  VAL A N   1 
ATOM   516  C  CA  . VAL A 1 74  ? 1.568   -5.796  7.356   1.00 34.07 ? 74  VAL A CA  1 
ATOM   517  C  C   . VAL A 1 74  ? 2.614   -5.942  8.453   1.00 35.69 ? 74  VAL A C   1 
ATOM   518  O  O   . VAL A 1 74  ? 3.753   -5.483  8.304   1.00 42.34 ? 74  VAL A O   1 
ATOM   519  C  CB  . VAL A 1 74  ? 0.675   -4.559  7.565   1.00 29.93 ? 74  VAL A CB  1 
ATOM   520  C  CG1 . VAL A 1 74  ? 1.500   -3.303  7.674   1.00 27.59 ? 74  VAL A CG1 1 
ATOM   521  C  CG2 . VAL A 1 74  ? -0.307  -4.439  6.414   1.00 26.82 ? 74  VAL A CG2 1 
ATOM   522  N  N   . SER A 1 75  ? 2.261   -6.601  9.562   1.00 44.57 ? 75  SER A N   1 
ATOM   523  C  CA  . SER A 1 75  ? 3.253   -6.882  10.604  1.00 43.67 ? 75  SER A CA  1 
ATOM   524  C  C   . SER A 1 75  ? 4.383   -7.740  10.054  1.00 44.48 ? 75  SER A C   1 
ATOM   525  O  O   . SER A 1 75  ? 5.565   -7.457  10.277  1.00 51.42 ? 75  SER A O   1 
ATOM   526  C  CB  . SER A 1 75  ? 2.601   -7.592  11.791  1.00 35.18 ? 75  SER A CB  1 
ATOM   527  O  OG  . SER A 1 75  ? 1.479   -6.873  12.282  1.00 33.57 ? 75  SER A OG  1 
ATOM   528  N  N   . THR A 1 76  ? 4.022   -8.788  9.311   1.00 43.99 ? 76  THR A N   1 
ATOM   529  C  CA  . THR A 1 76  ? 4.989   -9.762  8.816   1.00 42.21 ? 76  THR A CA  1 
ATOM   530  C  C   . THR A 1 76  ? 5.979   -9.139  7.842   1.00 47.52 ? 76  THR A C   1 
ATOM   531  O  O   . THR A 1 76  ? 7.109   -9.630  7.701   1.00 51.23 ? 76  THR A O   1 
ATOM   532  C  CB  . THR A 1 76  ? 4.231   -10.907 8.142   1.00 37.40 ? 76  THR A CB  1 
ATOM   533  O  OG1 . THR A 1 76  ? 3.274   -11.443 9.064   1.00 42.22 ? 76  THR A OG1 1 
ATOM   534  C  CG2 . THR A 1 76  ? 5.164   -12.008 7.691   1.00 44.35 ? 76  THR A CG2 1 
ATOM   535  N  N   . HIS A 1 77  ? 5.586   -8.059  7.176   1.00 40.42 ? 77  HIS A N   1 
ATOM   536  C  CA  . HIS A 1 77  ? 6.357   -7.470  6.083   1.00 42.81 ? 77  HIS A CA  1 
ATOM   537  C  C   . HIS A 1 77  ? 6.669   -6.012  6.417   1.00 41.51 ? 77  HIS A C   1 
ATOM   538  O  O   . HIS A 1 77  ? 6.175   -5.095  5.760   1.00 38.74 ? 77  HIS A O   1 
ATOM   539  C  CB  . HIS A 1 77  ? 5.571   -7.615  4.765   1.00 43.81 ? 77  HIS A CB  1 
ATOM   540  C  CG  . HIS A 1 77  ? 5.242   -9.038  4.414   1.00 47.25 ? 77  HIS A CG  1 
ATOM   541  N  ND1 . HIS A 1 77  ? 6.205   -9.963  4.062   1.00 41.78 ? 77  HIS A ND1 1 
ATOM   542  C  CD2 . HIS A 1 77  ? 4.061   -9.698  4.373   1.00 40.95 ? 77  HIS A CD2 1 
ATOM   543  C  CE1 . HIS A 1 77  ? 5.631   -11.125 3.811   1.00 37.63 ? 77  HIS A CE1 1 
ATOM   544  N  NE2 . HIS A 1 77  ? 4.331   -10.992 3.995   1.00 38.98 ? 77  HIS A NE2 1 
ATOM   545  N  N   . LYS A 1 78  ? 7.504   -5.805  7.444   1.00 42.95 ? 78  LYS A N   1 
ATOM   546  C  CA  . LYS A 1 78  ? 7.857   -4.468  7.911   1.00 44.69 ? 78  LYS A CA  1 
ATOM   547  C  C   . LYS A 1 78  ? 8.616   -3.643  6.868   1.00 45.24 ? 78  LYS A C   1 
ATOM   548  O  O   . LYS A 1 78  ? 8.754   -2.424  7.043   1.00 44.90 ? 78  LYS A O   1 
ATOM   549  C  CB  . LYS A 1 78  ? 8.692   -4.576  9.200   1.00 46.22 ? 78  LYS A CB  1 
ATOM   550  C  CG  . LYS A 1 78  ? 8.748   -3.288  10.051  1.00 52.16 ? 78  LYS A CG  1 
ATOM   551  C  CD  . LYS A 1 78  ? 10.104  -2.550  9.906   1.00 53.93 ? 78  LYS A CD  1 
ATOM   552  C  CE  . LYS A 1 78  ? 9.964   -1.040  10.151  1.00 45.55 ? 78  LYS A CE  1 
ATOM   553  N  NZ  . LYS A 1 78  ? 8.949   -0.382  9.252   1.00 36.34 ? 78  LYS A NZ  1 
ATOM   554  N  N   . HIS A 1 79  ? 9.098   -4.256  5.786   1.00 39.97 ? 79  HIS A N   1 
ATOM   555  C  CA  . HIS A 1 79  ? 9.897   -3.539  4.801   1.00 32.93 ? 79  HIS A CA  1 
ATOM   556  C  C   . HIS A 1 79  ? 9.139   -3.294  3.497   1.00 35.37 ? 79  HIS A C   1 
ATOM   557  O  O   . HIS A 1 79  ? 9.753   -3.066  2.448   1.00 36.99 ? 79  HIS A O   1 
ATOM   558  C  CB  . HIS A 1 79  ? 11.201  -4.292  4.578   1.00 35.80 ? 79  HIS A CB  1 
ATOM   559  C  CG  . HIS A 1 79  ? 12.160  -4.134  5.716   1.00 46.21 ? 79  HIS A CG  1 
ATOM   560  N  ND1 . HIS A 1 79  ? 11.740  -3.878  7.006   1.00 49.66 ? 79  HIS A ND1 1 
ATOM   561  C  CD2 . HIS A 1 79  ? 13.513  -4.192  5.767   1.00 53.14 ? 79  HIS A CD2 1 
ATOM   562  C  CE1 . HIS A 1 79  ? 12.790  -3.779  7.801   1.00 39.81 ? 79  HIS A CE1 1 
ATOM   563  N  NE2 . HIS A 1 79  ? 13.878  -3.968  7.074   1.00 60.40 ? 79  HIS A NE2 1 
ATOM   564  N  N   . VAL A 1 80  ? 7.813   -3.332  3.545   1.00 29.32 ? 80  VAL A N   1 
ATOM   565  C  CA  . VAL A 1 80  ? 6.965   -2.802  2.484   1.00 28.16 ? 80  VAL A CA  1 
ATOM   566  C  C   . VAL A 1 80  ? 6.547   -1.402  2.906   1.00 22.67 ? 80  VAL A C   1 
ATOM   567  O  O   . VAL A 1 80  ? 6.298   -1.153  4.089   1.00 18.85 ? 80  VAL A O   1 
ATOM   568  C  CB  . VAL A 1 80  ? 5.734   -3.698  2.243   1.00 24.83 ? 80  VAL A CB  1 
ATOM   569  C  CG1 . VAL A 1 80  ? 4.697   -2.964  1.438   1.00 22.80 ? 80  VAL A CG1 1 
ATOM   570  C  CG2 . VAL A 1 80  ? 6.135   -4.953  1.537   1.00 24.76 ? 80  VAL A CG2 1 
ATOM   571  N  N   . ARG A 1 81  ? 6.488   -0.480  1.954   1.00 20.84 ? 81  ARG A N   1 
ATOM   572  C  CA  . ARG A 1 81  ? 6.052   0.879   2.248   1.00 19.10 ? 81  ARG A CA  1 
ATOM   573  C  C   . ARG A 1 81  ? 4.532   0.900   2.163   1.00 18.56 ? 81  ARG A C   1 
ATOM   574  O  O   . ARG A 1 81  ? 3.969   1.054   1.078   1.00 20.21 ? 81  ARG A O   1 
ATOM   575  C  CB  . ARG A 1 81  ? 6.684   1.862   1.274   1.00 24.45 ? 81  ARG A CB  1 
ATOM   576  C  CG  . ARG A 1 81  ? 8.181   1.781   1.213   1.00 25.51 ? 81  ARG A CG  1 
ATOM   577  C  CD  . ARG A 1 81  ? 8.767   2.954   1.931   1.00 25.12 ? 81  ARG A CD  1 
ATOM   578  N  NE  . ARG A 1 81  ? 9.119   2.685   3.316   1.00 22.73 ? 81  ARG A NE  1 
ATOM   579  C  CZ  . ARG A 1 81  ? 9.209   3.642   4.223   1.00 24.54 ? 81  ARG A CZ  1 
ATOM   580  N  NH1 . ARG A 1 81  ? 8.901   4.897   3.918   1.00 22.73 ? 81  ARG A NH1 1 
ATOM   581  N  NH2 . ARG A 1 81  ? 9.619   3.339   5.454   1.00 42.96 ? 81  ARG A NH2 1 
ATOM   582  N  N   . TRP A 1 82  ? 3.862   0.751   3.315   1.00 19.34 ? 82  TRP A N   1 
ATOM   583  C  CA  . TRP A 1 82  ? 2.415   0.551   3.371   1.00 14.33 ? 82  TRP A CA  1 
ATOM   584  C  C   . TRP A 1 82  ? 1.670   1.878   3.458   1.00 12.87 ? 82  TRP A C   1 
ATOM   585  O  O   . TRP A 1 82  ? 1.943   2.708   4.331   1.00 14.95 ? 82  TRP A O   1 
ATOM   586  C  CB  . TRP A 1 82  ? 2.024   -0.333  4.559   1.00 16.99 ? 82  TRP A CB  1 
ATOM   587  C  CG  . TRP A 1 82  ? 2.441   -1.787  4.462   1.00 18.34 ? 82  TRP A CG  1 
ATOM   588  C  CD1 . TRP A 1 82  ? 3.484   -2.382  5.111   1.00 23.07 ? 82  TRP A CD1 1 
ATOM   589  C  CD2 . TRP A 1 82  ? 1.813   -2.817  3.686   1.00 19.48 ? 82  TRP A CD2 1 
ATOM   590  N  NE1 . TRP A 1 82  ? 3.553   -3.720  4.783   1.00 24.40 ? 82  TRP A NE1 1 
ATOM   591  C  CE2 . TRP A 1 82  ? 2.535   -4.011  3.914   1.00 21.69 ? 82  TRP A CE2 1 
ATOM   592  C  CE3 . TRP A 1 82  ? 0.714   -2.845  2.811   1.00 20.26 ? 82  TRP A CE3 1 
ATOM   593  C  CZ2 . TRP A 1 82  ? 2.196   -5.220  3.298   1.00 23.87 ? 82  TRP A CZ2 1 
ATOM   594  C  CZ3 . TRP A 1 82  ? 0.383   -4.043  2.190   1.00 15.36 ? 82  TRP A CZ3 1 
ATOM   595  C  CH2 . TRP A 1 82  ? 1.118   -5.214  2.440   1.00 26.32 ? 82  TRP A CH2 1 
ATOM   596  N  N   . LEU A 1 83  ? 0.735   2.069   2.541   1.00 12.53 ? 83  LEU A N   1 
ATOM   597  C  CA  . LEU A 1 83  ? -0.213  3.162   2.554   1.00 14.37 ? 83  LEU A CA  1 
ATOM   598  C  C   . LEU A 1 83  ? -1.598  2.593   2.822   1.00 17.82 ? 83  LEU A C   1 
ATOM   599  O  O   . LEU A 1 83  ? -1.903  1.466   2.428   1.00 22.51 ? 83  LEU A O   1 
ATOM   600  C  CB  . LEU A 1 83  ? -0.206  3.903   1.226   1.00 17.44 ? 83  LEU A CB  1 
ATOM   601  C  CG  . LEU A 1 83  ? 0.986   4.822   0.976   1.00 17.34 ? 83  LEU A CG  1 
ATOM   602  C  CD1 . LEU A 1 83  ? 2.150   4.027   0.451   1.00 20.34 ? 83  LEU A CD1 1 
ATOM   603  C  CD2 . LEU A 1 83  ? 0.581   5.839   -0.040  1.00 11.41 ? 83  LEU A CD2 1 
ATOM   604  N  N   . ALA A 1 84  ? -2.430  3.363   3.513   1.00 15.76 ? 84  ALA A N   1 
ATOM   605  C  CA  . ALA A 1 84  ? -3.782  2.936   3.849   1.00 15.01 ? 84  ALA A CA  1 
ATOM   606  C  C   . ALA A 1 84  ? -4.768  3.641   2.943   1.00 16.94 ? 84  ALA A C   1 
ATOM   607  O  O   . ALA A 1 84  ? -4.658  4.847   2.717   1.00 18.07 ? 84  ALA A O   1 
ATOM   608  C  CB  . ALA A 1 84  ? -4.125  3.253   5.303   1.00 11.01 ? 84  ALA A CB  1 
ATOM   609  N  N   . PHE A 1 85  ? -5.722  2.888   2.416   1.00 22.89 ? 85  PHE A N   1 
ATOM   610  C  CA  . PHE A 1 85  ? -6.832  3.469   1.677   1.00 19.17 ? 85  PHE A CA  1 
ATOM   611  C  C   . PHE A 1 85  ? -8.109  3.295   2.480   1.00 17.11 ? 85  PHE A C   1 
ATOM   612  O  O   . PHE A 1 85  ? -8.427  2.193   2.929   1.00 16.79 ? 85  PHE A O   1 
ATOM   613  C  CB  . PHE A 1 85  ? -7.005  2.836   0.305   1.00 18.49 ? 85  PHE A CB  1 
ATOM   614  C  CG  . PHE A 1 85  ? -8.172  3.374   -0.420  1.00 18.73 ? 85  PHE A CG  1 
ATOM   615  C  CD1 . PHE A 1 85  ? -8.100  4.615   -1.015  1.00 16.95 ? 85  PHE A CD1 1 
ATOM   616  C  CD2 . PHE A 1 85  ? -9.371  2.671   -0.456  1.00 21.71 ? 85  PHE A CD2 1 
ATOM   617  C  CE1 . PHE A 1 85  ? -9.194  5.148   -1.680  1.00 25.69 ? 85  PHE A CE1 1 
ATOM   618  C  CE2 . PHE A 1 85  ? -10.468 3.196   -1.111  1.00 23.74 ? 85  PHE A CE2 1 
ATOM   619  C  CZ  . PHE A 1 85  ? -10.384 4.432   -1.729  1.00 23.77 ? 85  PHE A CZ  1 
ATOM   620  N  N   . ILE A 1 86  ? -8.847  4.379   2.648   1.00 14.86 ? 86  ILE A N   1 
ATOM   621  C  CA  . ILE A 1 86  ? -9.965  4.396   3.569   1.00 15.52 ? 86  ILE A CA  1 
ATOM   622  C  C   . ILE A 1 86  ? -11.016 5.345   3.029   1.00 13.50 ? 86  ILE A C   1 
ATOM   623  O  O   . ILE A 1 86  ? -10.746 6.188   2.174   1.00 16.92 ? 86  ILE A O   1 
ATOM   624  C  CB  . ILE A 1 86  ? -9.512  4.832   4.978   1.00 13.55 ? 86  ILE A CB  1 
ATOM   625  C  CG1 . ILE A 1 86  ? -8.783  6.169   4.889   1.00 9.75  ? 86  ILE A CG1 1 
ATOM   626  C  CG2 . ILE A 1 86  ? -8.628  3.747   5.655   1.00 8.47  ? 86  ILE A CG2 1 
ATOM   627  C  CD1 . ILE A 1 86  ? -8.867  6.918   6.153   1.00 12.73 ? 86  ILE A CD1 1 
ATOM   628  N  N   . ARG A 1 87  ? -12.231 5.195   3.533   1.00 12.46 ? 87  ARG A N   1 
ATOM   629  C  CA  . ARG A 1 87  ? -13.268 6.183   3.321   1.00 16.00 ? 87  ARG A CA  1 
ATOM   630  C  C   . ARG A 1 87  ? -13.121 7.253   4.384   1.00 13.29 ? 87  ARG A C   1 
ATOM   631  O  O   . ARG A 1 87  ? -12.919 6.949   5.567   1.00 16.02 ? 87  ARG A O   1 
ATOM   632  C  CB  . ARG A 1 87  ? -14.672 5.557   3.382   1.00 17.17 ? 87  ARG A CB  1 
ATOM   633  C  CG  . ARG A 1 87  ? -14.746 4.075   2.952   1.00 27.60 ? 87  ARG A CG  1 
ATOM   634  C  CD  . ARG A 1 87  ? -16.133 3.430   3.221   1.00 29.76 ? 87  ARG A CD  1 
ATOM   635  N  NE  . ARG A 1 87  ? -16.558 3.458   4.620   1.00 18.06 ? 87  ARG A NE  1 
ATOM   636  C  CZ  . ARG A 1 87  ? -16.325 2.493   5.499   1.00 25.35 ? 87  ARG A CZ  1 
ATOM   637  N  NH1 . ARG A 1 87  ? -15.632 1.411   5.175   1.00 33.67 ? 87  ARG A NH1 1 
ATOM   638  N  NH2 . ARG A 1 87  ? -16.807 2.607   6.735   1.00 23.26 ? 87  ARG A NH2 1 
ATOM   639  N  N   . GLU A 1 88  ? -13.226 8.500   3.948   1.00 11.93 ? 88  GLU A N   1 
ATOM   640  C  CA  . GLU A 1 88  ? -13.227 9.679   4.803   1.00 19.29 ? 88  GLU A CA  1 
ATOM   641  C  C   . GLU A 1 88  ? -13.934 9.440   6.130   1.00 17.31 ? 88  GLU A C   1 
ATOM   642  O  O   . GLU A 1 88  ? -13.467 9.895   7.179   1.00 22.81 ? 88  GLU A O   1 
ATOM   643  C  CB  . GLU A 1 88  ? -13.891 10.845  4.060   1.00 18.69 ? 88  GLU A CB  1 
ATOM   644  C  CG  . GLU A 1 88  ? -12.929 11.714  3.254   1.00 22.66 ? 88  GLU A CG  1 
ATOM   645  C  CD  . GLU A 1 88  ? -13.527 13.079  2.875   1.00 28.85 ? 88  GLU A CD  1 
ATOM   646  O  OE1 . GLU A 1 88  ? -14.579 13.458  3.443   1.00 29.57 ? 88  GLU A OE1 1 
ATOM   647  O  OE2 . GLU A 1 88  ? -12.943 13.772  2.011   1.00 32.86 ? 88  GLU A OE2 1 
ATOM   648  N  N   . GLN A 1 89  ? -15.060 8.723   6.099   1.00 14.10 ? 89  GLN A N   1 
ATOM   649  C  CA  . GLN A 1 89  ? -15.783 8.419   7.327   1.00 16.01 ? 89  GLN A CA  1 
ATOM   650  C  C   . GLN A 1 89  ? -14.916 7.689   8.359   1.00 18.77 ? 89  GLN A C   1 
ATOM   651  O  O   . GLN A 1 89  ? -15.144 7.841   9.560   1.00 17.58 ? 89  GLN A O   1 
ATOM   652  C  CB  . GLN A 1 89  ? -17.024 7.594   6.997   1.00 17.75 ? 89  GLN A CB  1 
ATOM   653  C  CG  . GLN A 1 89  ? -17.984 7.440   8.161   1.00 18.96 ? 89  GLN A CG  1 
ATOM   654  C  CD  . GLN A 1 89  ? -17.620 6.263   9.047   1.00 21.66 ? 89  GLN A CD  1 
ATOM   655  O  OE1 . GLN A 1 89  ? -17.035 5.269   8.585   1.00 22.73 ? 89  GLN A OE1 1 
ATOM   656  N  NE2 . GLN A 1 89  ? -17.945 6.372   10.330  1.00 18.16 ? 89  GLN A NE2 1 
ATOM   657  N  N   . GLN A 1 90  ? -13.941 6.876   7.928   1.00 19.08 ? 90  GLN A N   1 
ATOM   658  C  CA  . GLN A 1 90  ? -13.164 6.086   8.878   1.00 15.55 ? 90  GLN A CA  1 
ATOM   659  C  C   . GLN A 1 90  ? -12.064 6.879   9.558   1.00 16.91 ? 90  GLN A C   1 
ATOM   660  O  O   . GLN A 1 90  ? -11.473 6.381   10.526  1.00 13.06 ? 90  GLN A O   1 
ATOM   661  C  CB  . GLN A 1 90  ? -12.533 4.883   8.202   1.00 12.77 ? 90  GLN A CB  1 
ATOM   662  C  CG  . GLN A 1 90  ? -13.473 4.073   7.339   1.00 17.69 ? 90  GLN A CG  1 
ATOM   663  C  CD  . GLN A 1 90  ? -12.723 3.013   6.573   1.00 15.65 ? 90  GLN A CD  1 
ATOM   664  O  OE1 . GLN A 1 90  ? -12.462 3.166   5.388   1.00 20.74 ? 90  GLN A OE1 1 
ATOM   665  N  NE2 . GLN A 1 90  ? -12.339 1.945   7.253   1.00 13.09 ? 90  GLN A NE2 1 
ATOM   666  N  N   . LEU A 1 91  ? -11.767 8.085   9.073   1.00 14.64 ? 91  LEU A N   1 
ATOM   667  C  CA  . LEU A 1 91  ? -10.928 8.995   9.843   1.00 19.10 ? 91  LEU A CA  1 
ATOM   668  C  C   . LEU A 1 91  ? -11.527 9.302   11.211  1.00 18.41 ? 91  LEU A C   1 
ATOM   669  O  O   . LEU A 1 91  ? -10.823 9.807   12.088  1.00 24.13 ? 91  LEU A O   1 
ATOM   670  C  CB  . LEU A 1 91  ? -10.717 10.296  9.065   1.00 17.94 ? 91  LEU A CB  1 
ATOM   671  C  CG  . LEU A 1 91  ? -9.811  10.184  7.835   1.00 24.33 ? 91  LEU A CG  1 
ATOM   672  C  CD1 . LEU A 1 91  ? -9.744  11.531  7.113   1.00 16.37 ? 91  LEU A CD1 1 
ATOM   673  C  CD2 . LEU A 1 91  ? -8.429  9.685   8.255   1.00 15.91 ? 91  LEU A CD2 1 
ATOM   674  N  N   . SER A 1 92  ? -12.815 9.045   11.398  1.00 20.56 ? 92  SER A N   1 
ATOM   675  C  CA  . SER A 1 92  ? -13.467 9.261   12.675  1.00 22.36 ? 92  SER A CA  1 
ATOM   676  C  C   . SER A 1 92  ? -13.275 8.096   13.634  1.00 23.09 ? 92  SER A C   1 
ATOM   677  O  O   . SER A 1 92  ? -13.676 8.197   14.801  1.00 26.12 ? 92  SER A O   1 
ATOM   678  C  CB  . SER A 1 92  ? -14.955 9.506   12.433  1.00 20.58 ? 92  SER A CB  1 
ATOM   679  O  OG  . SER A 1 92  ? -15.631 8.280   12.270  1.00 15.24 ? 92  SER A OG  1 
ATOM   680  N  N   . SER A 1 93  ? -12.663 7.011   13.176  1.00 21.72 ? 93  SER A N   1 
ATOM   681  C  CA  . SER A 1 93  ? -12.549 5.783   13.947  1.00 20.27 ? 93  SER A CA  1 
ATOM   682  C  C   . SER A 1 93  ? -11.153 5.709   14.553  1.00 24.52 ? 93  SER A C   1 
ATOM   683  O  O   . SER A 1 93  ? -10.142 5.749   13.832  1.00 18.75 ? 93  SER A O   1 
ATOM   684  C  CB  . SER A 1 93  ? -12.839 4.561   13.071  1.00 22.65 ? 93  SER A CB  1 
ATOM   685  O  OG  . SER A 1 93  ? -12.377 3.366   13.684  1.00 18.77 ? 93  SER A OG  1 
ATOM   686  N  N   . ASP A 1 94  ? -11.106 5.612   15.882  1.00 27.56 ? 94  ASP A N   1 
ATOM   687  C  CA  . ASP A 1 94  ? -9.838  5.574   16.593  1.00 19.46 ? 94  ASP A CA  1 
ATOM   688  C  C   . ASP A 1 94  ? -9.047  4.331   16.213  1.00 20.17 ? 94  ASP A C   1 
ATOM   689  O  O   . ASP A 1 94  ? -7.835  4.391   15.985  1.00 23.38 ? 94  ASP A O   1 
ATOM   690  C  CB  . ASP A 1 94  ? -10.115 5.616   18.099  1.00 33.41 ? 94  ASP A CB  1 
ATOM   691  C  CG  . ASP A 1 94  ? -9.918  7.006   18.696  1.00 39.03 ? 94  ASP A CG  1 
ATOM   692  O  OD1 . ASP A 1 94  ? -10.252 7.200   19.883  1.00 39.58 ? 94  ASP A OD1 1 
ATOM   693  O  OD2 . ASP A 1 94  ? -9.412  7.900   17.985  1.00 49.83 ? 94  ASP A OD2 1 
ATOM   694  N  N   . THR A 1 95  ? -9.731  3.197   16.118  1.00 21.88 ? 95  THR A N   1 
ATOM   695  C  CA  . THR A 1 95  ? -9.105  1.948   15.700  1.00 23.65 ? 95  THR A CA  1 
ATOM   696  C  C   . THR A 1 95  ? -8.397  2.085   14.349  1.00 24.42 ? 95  THR A C   1 
ATOM   697  O  O   . THR A 1 95  ? -7.285  1.566   14.159  1.00 21.01 ? 95  THR A O   1 
ATOM   698  C  CB  . THR A 1 95  ? -10.193 0.874   15.649  1.00 23.67 ? 95  THR A CB  1 
ATOM   699  O  OG1 . THR A 1 95  ? -10.397 0.347   16.965  1.00 26.76 ? 95  THR A OG1 1 
ATOM   700  C  CG2 . THR A 1 95  ? -9.860  -0.225  14.680  1.00 25.71 ? 95  THR A CG2 1 
ATOM   701  N  N   . ILE A 1 96  ? -9.029  2.771   13.394  1.00 17.07 ? 96  ILE A N   1 
ATOM   702  C  CA  . ILE A 1 96  ? -8.431  2.888   12.073  1.00 15.08 ? 96  ILE A CA  1 
ATOM   703  C  C   . ILE A 1 96  ? -7.258  3.852   12.119  1.00 15.84 ? 96  ILE A C   1 
ATOM   704  O  O   . ILE A 1 96  ? -6.197  3.595   11.538  1.00 17.81 ? 96  ILE A O   1 
ATOM   705  C  CB  . ILE A 1 96  ? -9.496  3.324   11.048  1.00 14.05 ? 96  ILE A CB  1 
ATOM   706  C  CG1 . ILE A 1 96  ? -10.603 2.275   10.956  1.00 13.62 ? 96  ILE A CG1 1 
ATOM   707  C  CG2 . ILE A 1 96  ? -8.867  3.583   9.705   1.00 14.72 ? 96  ILE A CG2 1 
ATOM   708  C  CD1 . ILE A 1 96  ? -10.425 1.289   9.853   1.00 15.56 ? 96  ILE A CD1 1 
ATOM   709  N  N   . CYS A 1 97  ? -7.425  4.974   12.809  1.00 15.75 ? 97  CYS A N   1 
ATOM   710  C  CA  . CYS A 1 97  ? -6.322  5.915   12.922  1.00 15.91 ? 97  CYS A CA  1 
ATOM   711  C  C   . CYS A 1 97  ? -5.138  5.275   13.635  1.00 14.82 ? 97  CYS A C   1 
ATOM   712  O  O   . CYS A 1 97  ? -3.985  5.568   13.303  1.00 16.19 ? 97  CYS A O   1 
ATOM   713  C  CB  . CYS A 1 97  ? -6.803  7.187   13.633  1.00 15.80 ? 97  CYS A CB  1 
ATOM   714  S  SG  . CYS A 1 97  ? -8.017  8.128   12.656  1.00 11.75 ? 97  CYS A SG  1 
ATOM   715  N  N   . GLN A 1 98  ? -5.391  4.365   14.574  1.00 11.76 ? 98  GLN A N   1 
ATOM   716  C  CA  . GLN A 1 98  ? -4.272  3.706   15.253  1.00 18.56 ? 98  GLN A CA  1 
ATOM   717  C  C   . GLN A 1 98  ? -3.533  2.744   14.339  1.00 15.17 ? 98  GLN A C   1 
ATOM   718  O  O   . GLN A 1 98  ? -2.307  2.636   14.424  1.00 18.51 ? 98  GLN A O   1 
ATOM   719  C  CB  . GLN A 1 98  ? -4.750  2.974   16.504  1.00 19.02 ? 98  GLN A CB  1 
ATOM   720  C  CG  . GLN A 1 98  ? -5.196  3.910   17.609  1.00 27.64 ? 98  GLN A CG  1 
ATOM   721  C  CD  . GLN A 1 98  ? -5.847  3.167   18.774  1.00 42.95 ? 98  GLN A CD  1 
ATOM   722  O  OE1 . GLN A 1 98  ? -6.695  2.287   18.576  1.00 35.11 ? 98  GLN A OE1 1 
ATOM   723  N  NE2 . GLN A 1 98  ? -5.449  3.516   19.993  1.00 45.15 ? 98  GLN A NE2 1 
ATOM   724  N  N   . PHE A 1 99  ? -4.245  2.031   13.464  1.00 16.60 ? 99  PHE A N   1 
ATOM   725  C  CA  . PHE A 1 99  ? -3.560  1.119   12.549  1.00 21.10 ? 99  PHE A CA  1 
ATOM   726  C  C   . PHE A 1 99  ? -2.683  1.899   11.587  1.00 15.02 ? 99  PHE A C   1 
ATOM   727  O  O   . PHE A 1 99  ? -1.523  1.550   11.354  1.00 17.67 ? 99  PHE A O   1 
ATOM   728  C  CB  . PHE A 1 99  ? -4.575  0.261   11.777  1.00 23.69 ? 99  PHE A CB  1 
ATOM   729  C  CG  . PHE A 1 99  ? -4.000  -0.470  10.571  1.00 23.30 ? 99  PHE A CG  1 
ATOM   730  C  CD1 . PHE A 1 99  ? -3.821  0.177   9.350   1.00 21.30 ? 99  PHE A CD1 1 
ATOM   731  C  CD2 . PHE A 1 99  ? -3.702  -1.823  10.645  1.00 29.29 ? 99  PHE A CD2 1 
ATOM   732  C  CE1 . PHE A 1 99  ? -3.310  -0.490  8.259   1.00 23.01 ? 99  PHE A CE1 1 
ATOM   733  C  CE2 . PHE A 1 99  ? -3.195  -2.501  9.541   1.00 26.41 ? 99  PHE A CE2 1 
ATOM   734  C  CZ  . PHE A 1 99  ? -2.995  -1.836  8.356   1.00 22.90 ? 99  PHE A CZ  1 
ATOM   735  N  N   . ILE A 1 100 ? -3.226  2.969   11.018  1.00 15.85 ? 100 ILE A N   1 
ATOM   736  C  CA  . ILE A 1 100 ? -2.470  3.741   10.040  1.00 14.80 ? 100 ILE A CA  1 
ATOM   737  C  C   . ILE A 1 100 ? -1.219  4.317   10.676  1.00 14.51 ? 100 ILE A C   1 
ATOM   738  O  O   . ILE A 1 100 ? -0.115  4.221   10.130  1.00 17.59 ? 100 ILE A O   1 
ATOM   739  C  CB  . ILE A 1 100 ? -3.353  4.843   9.449   1.00 13.29 ? 100 ILE A CB  1 
ATOM   740  C  CG1 . ILE A 1 100 ? -4.548  4.182   8.760   1.00 11.06 ? 100 ILE A CG1 1 
ATOM   741  C  CG2 . ILE A 1 100 ? -2.498  5.756   8.561   1.00 7.27  ? 100 ILE A CG2 1 
ATOM   742  C  CD1 . ILE A 1 100 ? -5.782  5.043   8.627   1.00 8.35  ? 100 ILE A CD1 1 
ATOM   743  N  N   . VAL A 1 101 ? -1.368  4.900   11.858  1.00 16.15 ? 101 VAL A N   1 
ATOM   744  C  CA  . VAL A 1 101 ? -0.245  5.576   12.480  1.00 20.05 ? 101 VAL A CA  1 
ATOM   745  C  C   . VAL A 1 101 ? 0.826   4.572   12.905  1.00 23.15 ? 101 VAL A C   1 
ATOM   746  O  O   . VAL A 1 101 ? 2.022   4.885   12.891  1.00 30.00 ? 101 VAL A O   1 
ATOM   747  C  CB  . VAL A 1 101 ? -0.780  6.443   13.638  1.00 19.94 ? 101 VAL A CB  1 
ATOM   748  C  CG1 . VAL A 1 101 ? -0.274  5.968   14.963  1.00 21.94 ? 101 VAL A CG1 1 
ATOM   749  C  CG2 . VAL A 1 101 ? -0.423  7.884   13.391  1.00 21.88 ? 101 VAL A CG2 1 
ATOM   750  N  N   . ASN A 1 102 ? 0.440   3.340   13.213  1.00 21.11 ? 102 ASN A N   1 
ATOM   751  C  CA  . ASN A 1 102 ? 1.388   2.362   13.720  1.00 21.00 ? 102 ASN A CA  1 
ATOM   752  C  C   . ASN A 1 102 ? 1.930   1.425   12.659  1.00 22.50 ? 102 ASN A C   1 
ATOM   753  O  O   . ASN A 1 102 ? 2.922   0.745   12.920  1.00 25.12 ? 102 ASN A O   1 
ATOM   754  C  CB  . ASN A 1 102 ? 0.735   1.548   14.832  1.00 18.82 ? 102 ASN A CB  1 
ATOM   755  C  CG  . ASN A 1 102 ? 0.734   2.300   16.156  1.00 36.18 ? 102 ASN A CG  1 
ATOM   756  O  OD1 . ASN A 1 102 ? 1.597   3.151   16.391  1.00 40.31 ? 102 ASN A OD1 1 
ATOM   757  N  ND2 . ASN A 1 102 ? -0.264  2.036   17.001  1.00 31.79 ? 102 ASN A ND2 1 
ATOM   758  N  N   . PHE A 1 103 ? 1.303   1.350   11.491  1.00 22.59 ? 103 PHE A N   1 
ATOM   759  C  CA  . PHE A 1 103 ? 1.703   0.383   10.474  1.00 24.31 ? 103 PHE A CA  1 
ATOM   760  C  C   . PHE A 1 103 ? 1.840   0.972   9.080   1.00 21.43 ? 103 PHE A C   1 
ATOM   761  O  O   . PHE A 1 103 ? 2.291   0.261   8.180   1.00 26.16 ? 103 PHE A O   1 
ATOM   762  C  CB  . PHE A 1 103 ? 0.707   -0.789  10.397  1.00 18.00 ? 103 PHE A CB  1 
ATOM   763  C  CG  . PHE A 1 103 ? 0.663   -1.661  11.636  1.00 24.99 ? 103 PHE A CG  1 
ATOM   764  C  CD1 . PHE A 1 103 ? 1.707   -2.514  11.941  1.00 29.25 ? 103 PHE A CD1 1 
ATOM   765  C  CD2 . PHE A 1 103 ? -0.445  -1.647  12.475  1.00 28.82 ? 103 PHE A CD2 1 
ATOM   766  C  CE1 . PHE A 1 103 ? 1.652   -3.324  13.060  1.00 36.51 ? 103 PHE A CE1 1 
ATOM   767  C  CE2 . PHE A 1 103 ? -0.504  -2.458  13.608  1.00 30.24 ? 103 PHE A CE2 1 
ATOM   768  C  CZ  . PHE A 1 103 ? 0.543   -3.292  13.899  1.00 34.85 ? 103 PHE A CZ  1 
ATOM   769  N  N   . CYS A 1 104 ? 1.459   2.224   8.855   1.00 19.89 ? 104 CYS A N   1 
ATOM   770  C  CA  . CYS A 1 104 ? 1.545   2.785   7.517   1.00 18.41 ? 104 CYS A CA  1 
ATOM   771  C  C   . CYS A 1 104 ? 2.372   4.054   7.565   1.00 15.76 ? 104 CYS A C   1 
ATOM   772  O  O   . CYS A 1 104 ? 2.641   4.600   8.633   1.00 20.52 ? 104 CYS A O   1 
ATOM   773  C  CB  . CYS A 1 104 ? 0.151   3.050   6.936   1.00 12.38 ? 104 CYS A CB  1 
ATOM   774  S  SG  . CYS A 1 104 ? -0.870  1.586   6.975   1.00 17.19 ? 104 CYS A SG  1 
ATOM   775  N  N   . ILE A 1 105 ? 2.769   4.535   6.392   1.00 15.74 ? 105 ILE A N   1 
ATOM   776  C  CA  . ILE A 1 105 ? 3.485   5.800   6.303   1.00 13.70 ? 105 ILE A CA  1 
ATOM   777  C  C   . ILE A 1 105 ? 2.654   6.899   5.674   1.00 13.79 ? 105 ILE A C   1 
ATOM   778  O  O   . ILE A 1 105 ? 3.079   8.064   5.692   1.00 21.07 ? 105 ILE A O   1 
ATOM   779  C  CB  . ILE A 1 105 ? 4.810   5.641   5.536   1.00 22.81 ? 105 ILE A CB  1 
ATOM   780  C  CG1 . ILE A 1 105 ? 4.499   5.285   4.097   1.00 23.22 ? 105 ILE A CG1 1 
ATOM   781  C  CG2 . ILE A 1 105 ? 5.694   4.570   6.194   1.00 21.96 ? 105 ILE A CG2 1 
ATOM   782  C  CD1 . ILE A 1 105 ? 5.120   4.028   3.691   1.00 17.56 ? 105 ILE A CD1 1 
ATOM   783  N  N   . ASP A 1 106 ? 1.486   6.583   5.128   1.00 16.99 ? 106 ASP A N   1 
ATOM   784  C  CA  . ASP A 1 106 ? 0.598   7.602   4.580   1.00 13.48 ? 106 ASP A CA  1 
ATOM   785  C  C   . ASP A 1 106 ? -0.761  6.962   4.350   1.00 11.76 ? 106 ASP A C   1 
ATOM   786  O  O   . ASP A 1 106 ? -0.938  5.757   4.537   1.00 11.83 ? 106 ASP A O   1 
ATOM   787  C  CB  . ASP A 1 106 ? 1.135   8.216   3.284   1.00 14.70 ? 106 ASP A CB  1 
ATOM   788  C  CG  . ASP A 1 106 ? 0.660   9.644   3.080   1.00 18.22 ? 106 ASP A CG  1 
ATOM   789  O  OD1 . ASP A 1 106 ? -0.289  10.055  3.779   1.00 13.02 ? 106 ASP A OD1 1 
ATOM   790  O  OD2 . ASP A 1 106 ? 1.229   10.356  2.220   1.00 31.63 ? 106 ASP A OD2 1 
ATOM   791  N  N   . PHE A 1 107 ? -1.726  7.799   3.970   1.00 15.26 ? 107 PHE A N   1 
ATOM   792  C  CA  . PHE A 1 107 ? -3.086  7.376   3.668   1.00 13.34 ? 107 PHE A CA  1 
ATOM   793  C  C   . PHE A 1 107 ? -3.641  8.281   2.575   1.00 13.74 ? 107 PHE A C   1 
ATOM   794  O  O   . PHE A 1 107 ? -3.065  9.324   2.249   1.00 15.17 ? 107 PHE A O   1 
ATOM   795  C  CB  . PHE A 1 107 ? -3.995  7.413   4.912   1.00 12.37 ? 107 PHE A CB  1 
ATOM   796  C  CG  . PHE A 1 107 ? -4.349  8.813   5.395   1.00 10.02 ? 107 PHE A CG  1 
ATOM   797  C  CD1 . PHE A 1 107 ? -3.490  9.519   6.233   1.00 15.53 ? 107 PHE A CD1 1 
ATOM   798  C  CD2 . PHE A 1 107 ? -5.555  9.407   5.033   1.00 10.63 ? 107 PHE A CD2 1 
ATOM   799  C  CE1 . PHE A 1 107 ? -3.817  10.807  6.688   1.00 9.22  ? 107 PHE A CE1 1 
ATOM   800  C  CE2 . PHE A 1 107 ? -5.896  10.701  5.469   1.00 11.79 ? 107 PHE A CE2 1 
ATOM   801  C  CZ  . PHE A 1 107 ? -5.035  11.395  6.304   1.00 12.55 ? 107 PHE A CZ  1 
ATOM   802  N  N   . PHE A 1 108 ? -4.751  7.846   1.987   1.00 16.51 ? 108 PHE A N   1 
ATOM   803  C  CA  . PHE A 1 108 ? -5.514  8.664   1.056   1.00 17.79 ? 108 PHE A CA  1 
ATOM   804  C  C   . PHE A 1 108 ? -6.931  8.114   1.005   1.00 15.46 ? 108 PHE A C   1 
ATOM   805  O  O   . PHE A 1 108 ? -7.188  6.981   1.418   1.00 15.16 ? 108 PHE A O   1 
ATOM   806  C  CB  . PHE A 1 108 ? -4.863  8.726   -0.337  1.00 19.21 ? 108 PHE A CB  1 
ATOM   807  C  CG  . PHE A 1 108 ? -4.740  7.398   -1.028  1.00 16.56 ? 108 PHE A CG  1 
ATOM   808  C  CD1 . PHE A 1 108 ? -3.767  6.500   -0.657  1.00 14.31 ? 108 PHE A CD1 1 
ATOM   809  C  CD2 . PHE A 1 108 ? -5.573  7.076   -2.082  1.00 19.45 ? 108 PHE A CD2 1 
ATOM   810  C  CE1 . PHE A 1 108 ? -3.647  5.282   -1.300  1.00 17.40 ? 108 PHE A CE1 1 
ATOM   811  C  CE2 . PHE A 1 108 ? -5.455  5.860   -2.733  1.00 19.85 ? 108 PHE A CE2 1 
ATOM   812  C  CZ  . PHE A 1 108 ? -4.491  4.966   -2.338  1.00 23.10 ? 108 PHE A CZ  1 
ATOM   813  N  N   . THR A 1 109 ? -7.851  8.958   0.551   1.00 11.38 ? 109 THR A N   1 
ATOM   814  C  CA  . THR A 1 109 ? -9.272  8.674   0.532   1.00 17.41 ? 109 THR A CA  1 
ATOM   815  C  C   . THR A 1 109 ? -9.785  8.795   -0.895  1.00 25.17 ? 109 THR A C   1 
ATOM   816  O  O   . THR A 1 109 ? -9.114  9.348   -1.772  1.00 24.72 ? 109 THR A O   1 
ATOM   817  C  CB  . THR A 1 109 ? -10.057 9.625   1.450   1.00 17.81 ? 109 THR A CB  1 
ATOM   818  O  OG1 . THR A 1 109 ? -9.748  10.986  1.128   1.00 15.01 ? 109 THR A OG1 1 
ATOM   819  C  CG2 . THR A 1 109 ? -9.716  9.364   2.919   1.00 15.78 ? 109 THR A CG2 1 
ATOM   820  N  N   . ALA A 1 110 ? -11.030 8.325   -1.090  1.00 30.87 ? 110 ALA A N   1 
ATOM   821  C  CA  . ALA A 1 110 ? -11.524 7.880   -2.392  1.00 39.21 ? 110 ALA A CA  1 
ATOM   822  C  C   . ALA A 1 110 ? -11.373 8.947   -3.478  1.00 34.36 ? 110 ALA A C   1 
ATOM   823  O  O   . ALA A 1 110 ? -10.479 8.800   -4.321  1.00 36.21 ? 110 ALA A O   1 
ATOM   824  C  CB  . ALA A 1 110 ? -12.974 7.380   -2.278  1.00 46.76 ? 110 ALA A CB  1 
ATOM   825  N  N   . PRO A 1 111 ? -12.162 10.043  -3.519  1.00 33.29 ? 111 PRO A N   1 
ATOM   826  C  CA  . PRO A 1 111 ? -12.023 10.971  -4.652  1.00 27.69 ? 111 PRO A CA  1 
ATOM   827  C  C   . PRO A 1 111 ? -10.823 11.882  -4.448  1.00 26.21 ? 111 PRO A C   1 
ATOM   828  O  O   . PRO A 1 111 ? -10.852 12.799  -3.619  1.00 33.62 ? 111 PRO A O   1 
ATOM   829  C  CB  . PRO A 1 111 ? -13.352 11.742  -4.639  1.00 23.99 ? 111 PRO A CB  1 
ATOM   830  C  CG  . PRO A 1 111 ? -14.154 11.149  -3.488  1.00 29.33 ? 111 PRO A CG  1 
ATOM   831  C  CD  . PRO A 1 111 ? -13.144 10.564  -2.562  1.00 28.01 ? 111 PRO A CD  1 
ATOM   832  N  N   . ILE A 1 112 ? -9.764  11.636  -5.211  1.00 32.23 ? 112 ILE A N   1 
ATOM   833  C  CA  . ILE A 1 112 ? -8.464  12.281  -5.033  1.00 26.62 ? 112 ILE A CA  1 
ATOM   834  C  C   . ILE A 1 112 ? -7.890  12.568  -6.413  1.00 22.53 ? 112 ILE A C   1 
ATOM   835  O  O   . ILE A 1 112 ? -7.933  11.696  -7.288  1.00 26.53 ? 112 ILE A O   1 
ATOM   836  C  CB  . ILE A 1 112 ? -7.510  11.393  -4.210  1.00 26.28 ? 112 ILE A CB  1 
ATOM   837  C  CG1 . ILE A 1 112 ? -6.066  11.872  -4.328  1.00 21.57 ? 112 ILE A CG1 1 
ATOM   838  C  CG2 . ILE A 1 112 ? -7.569  9.965   -4.688  1.00 19.66 ? 112 ILE A CG2 1 
ATOM   839  C  CD1 . ILE A 1 112 ? -5.139  11.181  -3.382  1.00 16.03 ? 112 ILE A CD1 1 
ATOM   840  N  N   . PRO A 1 113 ? -7.366  13.763  -6.662  1.00 22.43 ? 113 PRO A N   1 
ATOM   841  C  CA  . PRO A 1 113 ? -6.835  14.073  -7.994  1.00 19.62 ? 113 PRO A CA  1 
ATOM   842  C  C   . PRO A 1 113 ? -5.613  13.236  -8.343  1.00 25.84 ? 113 PRO A C   1 
ATOM   843  O  O   . PRO A 1 113 ? -4.839  12.831  -7.469  1.00 26.64 ? 113 PRO A O   1 
ATOM   844  C  CB  . PRO A 1 113 ? -6.477  15.563  -7.896  1.00 17.20 ? 113 PRO A CB  1 
ATOM   845  C  CG  . PRO A 1 113 ? -7.299  16.084  -6.766  1.00 20.04 ? 113 PRO A CG  1 
ATOM   846  C  CD  . PRO A 1 113 ? -7.391  14.946  -5.787  1.00 17.68 ? 113 PRO A CD  1 
ATOM   847  N  N   . ASP A 1 114 ? -5.439  12.986  -9.651  1.00 27.55 ? 114 ASP A N   1 
ATOM   848  C  CA  . ASP A 1 114 ? -4.323  12.162  -10.121 1.00 25.39 ? 114 ASP A CA  1 
ATOM   849  C  C   . ASP A 1 114 ? -3.000  12.633  -9.525  1.00 24.47 ? 114 ASP A C   1 
ATOM   850  O  O   . ASP A 1 114 ? -2.224  11.835  -8.992  1.00 25.47 ? 114 ASP A O   1 
ATOM   851  C  CB  . ASP A 1 114 ? -4.241  12.184  -11.651 1.00 23.07 ? 114 ASP A CB  1 
ATOM   852  C  CG  . ASP A 1 114 ? -5.484  11.602  -12.331 1.00 33.22 ? 114 ASP A CG  1 
ATOM   853  O  OD1 . ASP A 1 114 ? -6.230  10.795  -11.725 1.00 30.71 ? 114 ASP A OD1 1 
ATOM   854  O  OD2 . ASP A 1 114 ? -5.708  11.968  -13.502 1.00 41.31 ? 114 ASP A OD2 1 
ATOM   855  N  N   . ALA A 1 115 ? -2.751  13.944  -9.574  1.00 25.91 ? 115 ALA A N   1 
ATOM   856  C  CA  . ALA A 1 115 ? -1.470  14.490  -9.132  1.00 25.21 ? 115 ALA A CA  1 
ATOM   857  C  C   . ALA A 1 115 ? -1.228  14.256  -7.643  1.00 23.17 ? 115 ALA A C   1 
ATOM   858  O  O   . ALA A 1 115 ? -0.096  13.985  -7.233  1.00 23.43 ? 115 ALA A O   1 
ATOM   859  C  CB  . ALA A 1 115 ? -1.404  15.982  -9.459  1.00 21.05 ? 115 ALA A CB  1 
ATOM   860  N  N   . GLN A 1 116 ? -2.266  14.367  -6.812  1.00 25.65 ? 116 GLN A N   1 
ATOM   861  C  CA  . GLN A 1 116 ? -2.078  14.069  -5.398  1.00 24.36 ? 116 GLN A CA  1 
ATOM   862  C  C   . GLN A 1 116 ? -1.728  12.607  -5.191  1.00 22.37 ? 116 GLN A C   1 
ATOM   863  O  O   . GLN A 1 116 ? -0.802  12.279  -4.441  1.00 26.12 ? 116 GLN A O   1 
ATOM   864  C  CB  . GLN A 1 116 ? -3.320  14.433  -4.598  1.00 19.06 ? 116 GLN A CB  1 
ATOM   865  C  CG  . GLN A 1 116 ? -3.037  15.525  -3.593  1.00 30.76 ? 116 GLN A CG  1 
ATOM   866  C  CD  . GLN A 1 116 ? -2.618  16.816  -4.254  1.00 39.66 ? 116 GLN A CD  1 
ATOM   867  O  OE1 . GLN A 1 116 ? -3.433  17.486  -4.895  1.00 44.98 ? 116 GLN A OE1 1 
ATOM   868  N  NE2 . GLN A 1 116 ? -1.338  17.170  -4.118  1.00 38.02 ? 116 GLN A NE2 1 
ATOM   869  N  N   . LEU A 1 117 ? -2.467  11.714  -5.845  1.00 19.54 ? 117 LEU A N   1 
ATOM   870  C  CA  . LEU A 1 117 ? -2.240  10.289  -5.675  1.00 17.19 ? 117 LEU A CA  1 
ATOM   871  C  C   . LEU A 1 117 ? -0.843  9.899   -6.144  1.00 20.64 ? 117 LEU A C   1 
ATOM   872  O  O   . LEU A 1 117 ? -0.096  9.224   -5.424  1.00 20.44 ? 117 LEU A O   1 
ATOM   873  C  CB  . LEU A 1 117 ? -3.314  9.518   -6.435  1.00 19.01 ? 117 LEU A CB  1 
ATOM   874  C  CG  . LEU A 1 117 ? -3.078  8.016   -6.507  1.00 25.09 ? 117 LEU A CG  1 
ATOM   875  C  CD1 . LEU A 1 117 ? -3.209  7.401   -5.121  1.00 21.12 ? 117 LEU A CD1 1 
ATOM   876  C  CD2 . LEU A 1 117 ? -4.030  7.370   -7.491  1.00 28.26 ? 117 LEU A CD2 1 
ATOM   877  N  N   . LEU A 1 118 ? -0.464  10.326  -7.348  1.00 21.39 ? 118 LEU A N   1 
ATOM   878  C  CA  . LEU A 1 118 ? 0.867   10.007  -7.853  1.00 19.97 ? 118 LEU A CA  1 
ATOM   879  C  C   . LEU A 1 118 ? 1.954   10.587  -6.969  1.00 17.48 ? 118 LEU A C   1 
ATOM   880  O  O   . LEU A 1 118 ? 3.060   10.041  -6.894  1.00 15.62 ? 118 LEU A O   1 
ATOM   881  C  CB  . LEU A 1 118 ? 1.039   10.541  -9.273  1.00 16.11 ? 118 LEU A CB  1 
ATOM   882  C  CG  . LEU A 1 118 ? 0.105   10.012  -10.358 1.00 25.30 ? 118 LEU A CG  1 
ATOM   883  C  CD1 . LEU A 1 118 ? 0.429   10.679  -11.716 1.00 19.89 ? 118 LEU A CD1 1 
ATOM   884  C  CD2 . LEU A 1 118 ? 0.213   8.513   -10.446 1.00 22.50 ? 118 LEU A CD2 1 
ATOM   885  N  N   . SER A 1 119 ? 1.699   11.728  -6.356  1.00 18.08 ? 119 SER A N   1 
ATOM   886  C  CA  . SER A 1 119 ? 2.755   12.327  -5.560  1.00 23.22 ? 119 SER A CA  1 
ATOM   887  C  C   . SER A 1 119 ? 2.908   11.599  -4.242  1.00 21.24 ? 119 SER A C   1 
ATOM   888  O  O   . SER A 1 119 ? 4.004   11.540  -3.686  1.00 26.93 ? 119 SER A O   1 
ATOM   889  C  CB  . SER A 1 119 ? 2.461   13.806  -5.315  1.00 24.41 ? 119 SER A CB  1 
ATOM   890  O  OG  . SER A 1 119 ? 3.442   14.593  -5.947  1.00 37.16 ? 119 SER A OG  1 
ATOM   891  N  N   . THR A 1 120 ? 1.822   11.033  -3.735  1.00 22.27 ? 120 THR A N   1 
ATOM   892  C  CA  . THR A 1 120 ? 1.887   10.366  -2.452  1.00 23.26 ? 120 THR A CA  1 
ATOM   893  C  C   . THR A 1 120 ? 2.624   9.040   -2.574  1.00 19.36 ? 120 THR A C   1 
ATOM   894  O  O   . THR A 1 120 ? 3.492   8.726   -1.746  1.00 14.50 ? 120 THR A O   1 
ATOM   895  C  CB  . THR A 1 120 ? 0.475   10.182  -1.922  1.00 26.51 ? 120 THR A CB  1 
ATOM   896  O  OG1 . THR A 1 120 ? 0.008   11.445  -1.433  1.00 37.43 ? 120 THR A OG1 1 
ATOM   897  C  CG2 . THR A 1 120 ? 0.481   9.197   -0.787  1.00 21.56 ? 120 THR A CG2 1 
ATOM   898  N  N   . ILE A 1 121 ? 2.307   8.264   -3.621  1.00 18.48 ? 121 ILE A N   1 
ATOM   899  C  CA  . ILE A 1 121 ? 3.075   7.055   -3.932  1.00 21.01 ? 121 ILE A CA  1 
ATOM   900  C  C   . ILE A 1 121 ? 4.489   7.435   -4.348  1.00 18.00 ? 121 ILE A C   1 
ATOM   901  O  O   . ILE A 1 121 ? 5.482   6.927   -3.808  1.00 12.71 ? 121 ILE A O   1 
ATOM   902  C  CB  . ILE A 1 121 ? 2.364   6.232   -5.028  1.00 19.87 ? 121 ILE A CB  1 
ATOM   903  C  CG1 . ILE A 1 121 ? 0.870   6.230   -4.781  1.00 22.54 ? 121 ILE A CG1 1 
ATOM   904  C  CG2 . ILE A 1 121 ? 2.817   4.780   -5.022  1.00 21.49 ? 121 ILE A CG2 1 
ATOM   905  C  CD1 . ILE A 1 121 ? 0.495   5.418   -3.563  1.00 24.86 ? 121 ILE A CD1 1 
ATOM   906  N  N   . GLY A 1 122 ? 4.599   8.372   -5.289  1.00 15.41 ? 122 GLY A N   1 
ATOM   907  C  CA  . GLY A 1 122 ? 5.897   8.739   -5.813  1.00 12.29 ? 122 GLY A CA  1 
ATOM   908  C  C   . GLY A 1 122 ? 6.905   9.103   -4.746  1.00 19.15 ? 122 GLY A C   1 
ATOM   909  O  O   . GLY A 1 122 ? 8.102   8.792   -4.882  1.00 25.43 ? 122 GLY A O   1 
ATOM   910  N  N   . HIS A 1 123 ? 6.444   9.737   -3.659  1.00 19.22 ? 123 HIS A N   1 
ATOM   911  C  CA  . HIS A 1 123 ? 7.318   10.153  -2.569  1.00 14.72 ? 123 HIS A CA  1 
ATOM   912  C  C   . HIS A 1 123 ? 7.903   8.985   -1.791  1.00 18.41 ? 123 HIS A C   1 
ATOM   913  O  O   . HIS A 1 123 ? 8.799   9.211   -0.975  1.00 22.46 ? 123 HIS A O   1 
ATOM   914  C  CB  . HIS A 1 123 ? 6.544   11.113  -1.655  1.00 21.76 ? 123 HIS A CB  1 
ATOM   915  C  CG  . HIS A 1 123 ? 6.925   12.547  -1.856  1.00 39.96 ? 123 HIS A CG  1 
ATOM   916  N  ND1 . HIS A 1 123 ? 8.232   12.988  -1.797  1.00 41.55 ? 123 HIS A ND1 1 
ATOM   917  C  CD2 . HIS A 1 123 ? 6.196   13.603  -2.293  1.00 42.61 ? 123 HIS A CD2 1 
ATOM   918  C  CE1 . HIS A 1 123 ? 8.273   14.280  -2.087  1.00 44.26 ? 123 HIS A CE1 1 
ATOM   919  N  NE2 . HIS A 1 123 ? 7.048   14.678  -2.389  1.00 44.95 ? 123 HIS A NE2 1 
ATOM   920  N  N   . GLN A 1 124 ? 7.449   7.753   -2.027  1.00 15.97 ? 124 GLN A N   1 
ATOM   921  C  CA  . GLN A 1 124 ? 8.027   6.582   -1.368  1.00 18.75 ? 124 GLN A CA  1 
ATOM   922  C  C   . GLN A 1 124 ? 9.123   5.912   -2.184  1.00 17.64 ? 124 GLN A C   1 
ATOM   923  O  O   . GLN A 1 124 ? 9.700   4.918   -1.727  1.00 16.36 ? 124 GLN A O   1 
ATOM   924  C  CB  . GLN A 1 124 ? 6.944   5.550   -1.072  1.00 15.74 ? 124 GLN A CB  1 
ATOM   925  C  CG  . GLN A 1 124 ? 5.885   6.022   -0.112  1.00 16.36 ? 124 GLN A CG  1 
ATOM   926  C  CD  . GLN A 1 124 ? 6.457   6.408   1.248   1.00 20.04 ? 124 GLN A CD  1 
ATOM   927  O  OE1 . GLN A 1 124 ? 7.474   5.859   1.699   1.00 24.38 ? 124 GLN A OE1 1 
ATOM   928  N  NE2 . GLN A 1 124 ? 5.801   7.367   1.910   1.00 18.84 ? 124 GLN A NE2 1 
ATOM   929  N  N   . LEU A 1 125 ? 9.406   6.415   -3.386  1.00 17.17 ? 125 LEU A N   1 
ATOM   930  C  CA  . LEU A 1 125 ? 10.358  5.741   -4.257  1.00 18.03 ? 125 LEU A CA  1 
ATOM   931  C  C   . LEU A 1 125 ? 11.772  5.855   -3.706  1.00 18.63 ? 125 LEU A C   1 
ATOM   932  O  O   . LEU A 1 125 ? 12.563  4.912   -3.818  1.00 12.31 ? 125 LEU A O   1 
ATOM   933  C  CB  . LEU A 1 125 ? 10.275  6.320   -5.670  1.00 13.99 ? 125 LEU A CB  1 
ATOM   934  C  CG  . LEU A 1 125 ? 9.048   5.862   -6.438  1.00 14.75 ? 125 LEU A CG  1 
ATOM   935  C  CD1 . LEU A 1 125 ? 9.006   6.586   -7.754  1.00 18.52 ? 125 LEU A CD1 1 
ATOM   936  C  CD2 . LEU A 1 125 ? 9.036   4.348   -6.660  1.00 11.59 ? 125 LEU A CD2 1 
ATOM   937  N  N   . GLY A 1 126 ? 12.103  6.996   -3.105  1.00 15.79 ? 126 GLY A N   1 
ATOM   938  C  CA  . GLY A 1 126 ? 13.379  7.135   -2.436  1.00 16.63 ? 126 GLY A CA  1 
ATOM   939  C  C   . GLY A 1 126 ? 13.570  6.063   -1.385  1.00 16.75 ? 126 GLY A C   1 
ATOM   940  O  O   . GLY A 1 126 ? 14.500  5.262   -1.488  1.00 19.00 ? 126 GLY A O   1 
HETATM 941  N  N   . MSE A 1 127 ? 12.684  6.017   -0.394  1.00 18.98 ? 127 MSE A N   1 
HETATM 942  C  CA  . MSE A 1 127 ? 12.752  5.022   0.675   1.00 15.30 ? 127 MSE A CA  1 
HETATM 943  C  C   . MSE A 1 127 ? 12.823  3.628   0.092   1.00 20.21 ? 127 MSE A C   1 
HETATM 944  O  O   . MSE A 1 127 ? 13.663  2.823   0.484   1.00 19.76 ? 127 MSE A O   1 
HETATM 945  C  CB  . MSE A 1 127 ? 11.538  5.133   1.592   1.00 16.42 ? 127 MSE A CB  1 
HETATM 946  C  CG  . MSE A 1 127 ? 11.629  6.275   2.603   1.00 23.44 ? 127 MSE A CG  1 
HETATM 947  SE SE  . MSE A 1 127 ? 13.221  6.209   3.776   1.00 31.75 ? 127 MSE A SE  1 
HETATM 948  C  CE  . MSE A 1 127 ? 12.290  5.494   5.348   1.00 20.22 ? 127 MSE A CE  1 
ATOM   949  N  N   . LEU A 1 128 ? 11.952  3.361   -0.884  1.00 24.25 ? 128 LEU A N   1 
ATOM   950  C  CA  . LEU A 1 128 ? 11.910  2.043   -1.508  1.00 20.63 ? 128 LEU A CA  1 
ATOM   951  C  C   . LEU A 1 128 ? 13.279  1.604   -2.000  1.00 17.73 ? 128 LEU A C   1 
ATOM   952  O  O   . LEU A 1 128 ? 13.540  0.401   -2.078  1.00 26.97 ? 128 LEU A O   1 
ATOM   953  C  CB  . LEU A 1 128 ? 10.889  2.044   -2.652  1.00 21.13 ? 128 LEU A CB  1 
ATOM   954  C  CG  . LEU A 1 128 ? 10.643  0.749   -3.427  1.00 19.99 ? 128 LEU A CG  1 
ATOM   955  C  CD1 . LEU A 1 128 ? 10.413  -0.406  -2.477  1.00 25.11 ? 128 LEU A CD1 1 
ATOM   956  C  CD2 . LEU A 1 128 ? 9.458   0.916   -4.335  1.00 17.24 ? 128 LEU A CD2 1 
ATOM   957  N  N   . LYS A 1 129 ? 14.184  2.550   -2.267  1.00 20.31 ? 129 LYS A N   1 
ATOM   958  C  CA  . LYS A 1 129 ? 15.542  2.214   -2.692  1.00 20.84 ? 129 LYS A CA  1 
ATOM   959  C  C   . LYS A 1 129 ? 16.451  1.832   -1.524  1.00 23.05 ? 129 LYS A C   1 
ATOM   960  O  O   . LYS A 1 129 ? 17.358  1.010   -1.702  1.00 24.63 ? 129 LYS A O   1 
ATOM   961  C  CB  . LYS A 1 129 ? 16.157  3.396   -3.459  1.00 23.84 ? 129 LYS A CB  1 
ATOM   962  C  CG  . LYS A 1 129 ? 17.327  3.024   -4.366  1.00 20.86 ? 129 LYS A CG  1 
ATOM   963  C  CD  . LYS A 1 129 ? 16.818  2.681   -5.760  1.00 18.12 ? 129 LYS A CD  1 
ATOM   964  C  CE  . LYS A 1 129 ? 17.810  3.065   -6.842  1.00 16.27 ? 129 LYS A CE  1 
ATOM   965  N  NZ  . LYS A 1 129 ? 17.209  3.944   -7.877  1.00 15.00 ? 129 LYS A NZ  1 
ATOM   966  N  N   . LEU A 1 130 ? 16.251  2.434   -0.341  1.00 20.02 ? 130 LEU A N   1 
ATOM   967  C  CA  . LEU A 1 130 ? 17.085  2.125   0.825   1.00 22.45 ? 130 LEU A CA  1 
ATOM   968  C  C   . LEU A 1 130 ? 16.656  0.811   1.468   1.00 25.47 ? 130 LEU A C   1 
ATOM   969  O  O   . LEU A 1 130 ? 17.491  0.055   1.978   1.00 26.62 ? 130 LEU A O   1 
ATOM   970  C  CB  . LEU A 1 130 ? 17.008  3.263   1.852   1.00 16.09 ? 130 LEU A CB  1 
ATOM   971  C  CG  . LEU A 1 130 ? 18.015  4.405   1.734   1.00 22.06 ? 130 LEU A CG  1 
ATOM   972  C  CD1 . LEU A 1 130 ? 18.194  4.892   0.275   1.00 18.91 ? 130 LEU A CD1 1 
ATOM   973  C  CD2 . LEU A 1 130 ? 17.619  5.543   2.655   1.00 8.26  ? 130 LEU A CD2 1 
ATOM   974  N  N   . GLU A 1 131 ? 15.348  0.566   1.485   1.00 19.82 ? 131 GLU A N   1 
ATOM   975  C  CA  . GLU A 1 131 ? 14.808  -0.746  1.784   1.00 25.19 ? 131 GLU A CA  1 
ATOM   976  C  C   . GLU A 1 131 ? 15.515  -1.814  0.962   1.00 34.30 ? 131 GLU A C   1 
ATOM   977  O  O   . GLU A 1 131 ? 15.926  -2.856  1.487   1.00 36.93 ? 131 GLU A O   1 
ATOM   978  C  CB  . GLU A 1 131 ? 13.307  -0.728  1.486   1.00 31.26 ? 131 GLU A CB  1 
ATOM   979  C  CG  . GLU A 1 131 ? 12.438  -1.585  2.376   1.00 37.63 ? 131 GLU A CG  1 
ATOM   980  C  CD  . GLU A 1 131 ? 12.379  -1.078  3.798   1.00 34.33 ? 131 GLU A CD  1 
ATOM   981  O  OE1 . GLU A 1 131 ? 13.239  -1.499  4.597   1.00 34.38 ? 131 GLU A OE1 1 
ATOM   982  O  OE2 . GLU A 1 131 ? 11.486  -0.259  4.112   1.00 33.36 ? 131 GLU A OE2 1 
ATOM   983  N  N   . LYS A 1 132 ? 15.683  -1.557  -0.340  1.00 34.33 ? 132 LYS A N   1 
ATOM   984  C  CA  . LYS A 1 132 ? 16.322  -2.539  -1.214  1.00 38.86 ? 132 LYS A CA  1 
ATOM   985  C  C   . LYS A 1 132 ? 17.815  -2.654  -0.939  1.00 33.06 ? 132 LYS A C   1 
ATOM   986  O  O   . LYS A 1 132 ? 18.390  -3.729  -1.129  1.00 39.92 ? 132 LYS A O   1 
ATOM   987  C  CB  . LYS A 1 132 ? 16.077  -2.195  -2.693  1.00 34.71 ? 132 LYS A CB  1 
ATOM   988  C  CG  . LYS A 1 132 ? 14.663  -2.545  -3.233  1.00 24.97 ? 132 LYS A CG  1 
ATOM   989  C  CD  . LYS A 1 132 ? 14.279  -1.676  -4.452  1.00 26.64 ? 132 LYS A CD  1 
ATOM   990  C  CE  . LYS A 1 132 ? 13.061  -2.239  -5.212  1.00 30.50 ? 132 LYS A CE  1 
ATOM   991  N  NZ  . LYS A 1 132 ? 12.574  -1.332  -6.318  1.00 29.82 ? 132 LYS A NZ  1 
ATOM   992  N  N   . LYS A 1 133 ? 18.462  -1.573  -0.495  1.00 29.45 ? 133 LYS A N   1 
ATOM   993  C  CA  . LYS A 1 133 ? 19.893  -1.642  -0.215  1.00 21.59 ? 133 LYS A CA  1 
ATOM   994  C  C   . LYS A 1 133 ? 20.174  -2.615  0.907   1.00 30.23 ? 133 LYS A C   1 
ATOM   995  O  O   . LYS A 1 133 ? 21.186  -3.326  0.893   1.00 39.20 ? 133 LYS A O   1 
ATOM   996  C  CB  . LYS A 1 133 ? 20.431  -0.268  0.169   1.00 27.91 ? 133 LYS A CB  1 
ATOM   997  C  CG  . LYS A 1 133 ? 20.642  0.672   -0.985  1.00 27.74 ? 133 LYS A CG  1 
ATOM   998  C  CD  . LYS A 1 133 ? 21.463  1.872   -0.535  1.00 24.75 ? 133 LYS A CD  1 
ATOM   999  C  CE  . LYS A 1 133 ? 21.759  2.765   -1.728  1.00 23.71 ? 133 LYS A CE  1 
ATOM   1000 N  NZ  . LYS A 1 133 ? 22.904  3.655   -1.438  1.00 21.74 ? 133 LYS A NZ  1 
ATOM   1001 N  N   . VAL A 1 134 ? 19.285  -2.649  1.899   1.00 36.95 ? 134 VAL A N   1 
ATOM   1002 C  CA  . VAL A 1 134 ? 19.504  -3.408  3.123   1.00 40.28 ? 134 VAL A CA  1 
ATOM   1003 C  C   . VAL A 1 134 ? 18.706  -4.698  3.157   1.00 40.68 ? 134 VAL A C   1 
ATOM   1004 O  O   . VAL A 1 134 ? 18.884  -5.493  4.094   1.00 42.79 ? 134 VAL A O   1 
ATOM   1005 C  CB  . VAL A 1 134 ? 19.154  -2.556  4.358   1.00 38.89 ? 134 VAL A CB  1 
ATOM   1006 C  CG1 . VAL A 1 134 ? 20.075  -1.337  4.435   1.00 34.12 ? 134 VAL A CG1 1 
ATOM   1007 C  CG2 . VAL A 1 134 ? 17.674  -2.162  4.319   1.00 35.64 ? 134 VAL A CG2 1 
ATOM   1008 N  N   . TRP A 1 135 ? 17.825  -4.925  2.180   1.00 40.95 ? 135 TRP A N   1 
ATOM   1009 C  CA  . TRP A 1 135 ? 17.010  -6.138  2.142   1.00 43.47 ? 135 TRP A CA  1 
ATOM   1010 C  C   . TRP A 1 135 ? 17.826  -7.411  2.320   1.00 51.20 ? 135 TRP A C   1 
ATOM   1011 O  O   . TRP A 1 135 ? 17.409  -8.271  3.117   1.00 49.88 ? 135 TRP A O   1 
ATOM   1012 C  CB  . TRP A 1 135 ? 16.209  -6.150  0.834   1.00 38.16 ? 135 TRP A CB  1 
ATOM   1013 C  CG  . TRP A 1 135 ? 15.399  -7.386  0.626   1.00 48.33 ? 135 TRP A CG  1 
ATOM   1014 C  CD1 . TRP A 1 135 ? 15.591  -8.332  -0.334  1.00 48.25 ? 135 TRP A CD1 1 
ATOM   1015 C  CD2 . TRP A 1 135 ? 14.253  -7.810  1.388   1.00 51.20 ? 135 TRP A CD2 1 
ATOM   1016 N  NE1 . TRP A 1 135 ? 14.641  -9.321  -0.220  1.00 53.15 ? 135 TRP A NE1 1 
ATOM   1017 C  CE2 . TRP A 1 135 ? 13.806  -9.022  0.825   1.00 48.66 ? 135 TRP A CE2 1 
ATOM   1018 C  CE3 . TRP A 1 135 ? 13.565  -7.282  2.486   1.00 49.10 ? 135 TRP A CE3 1 
ATOM   1019 C  CZ2 . TRP A 1 135 ? 12.698  -9.720  1.323   1.00 52.25 ? 135 TRP A CZ2 1 
ATOM   1020 C  CZ3 . TRP A 1 135 ? 12.462  -7.975  2.979   1.00 51.95 ? 135 TRP A CZ3 1 
ATOM   1021 C  CH2 . TRP A 1 135 ? 12.042  -9.181  2.396   1.00 49.16 ? 135 TRP A CH2 1 
ATOM   1022 N  N   . PRO A 1 136 ? 18.988  -7.605  1.643   1.00 48.67 ? 136 PRO A N   1 
ATOM   1023 C  CA  . PRO A 1 136 ? 19.906  -8.669  2.069   1.00 49.35 ? 136 PRO A CA  1 
ATOM   1024 C  C   . PRO A 1 136 ? 20.289  -8.501  3.530   1.00 52.88 ? 136 PRO A C   1 
ATOM   1025 O  O   . PRO A 1 136 ? 21.409  -8.076  3.836   1.00 62.99 ? 136 PRO A O   1 
ATOM   1026 C  CB  . PRO A 1 136 ? 21.123  -8.483  1.148   1.00 52.67 ? 136 PRO A CB  1 
ATOM   1027 C  CG  . PRO A 1 136 ? 20.965  -7.108  0.547   1.00 43.27 ? 136 PRO A CG  1 
ATOM   1028 C  CD  . PRO A 1 136 ? 19.490  -6.930  0.432   1.00 48.00 ? 136 PRO A CD  1 
ATOM   1029 N  N   . THR A 1 137 ? 19.363  -8.808  4.438   1.00 54.38 ? 137 THR A N   1 
ATOM   1030 C  CA  . THR A 1 137 ? 19.592  -8.642  5.870   1.00 50.33 ? 137 THR A CA  1 
ATOM   1031 C  C   . THR A 1 137 ? 19.875  -10.000 6.508   1.00 57.63 ? 137 THR A C   1 
ATOM   1032 O  O   . THR A 1 137 ? 19.698  -11.048 5.871   1.00 63.45 ? 137 THR A O   1 
ATOM   1033 C  CB  . THR A 1 137 ? 18.373  -7.980  6.579   1.00 50.55 ? 137 THR A CB  1 
ATOM   1034 O  OG1 . THR A 1 137 ? 18.702  -7.710  7.950   1.00 49.76 ? 137 THR A OG1 1 
ATOM   1035 C  CG2 . THR A 1 137 ? 17.113  -8.889  6.513   1.00 41.49 ? 137 THR A CG2 1 
HETATM 1036 O  O   . HOH B 2 .   ? 4.233   9.028   0.998   1.00 13.90 ? 201 HOH A O   1 
HETATM 1037 O  O   . HOH B 2 .   ? 13.493  1.226   -5.965  1.00 15.73 ? 202 HOH A O   1 
HETATM 1038 O  O   . HOH B 2 .   ? -14.176 8.761   1.327   1.00 15.62 ? 203 HOH A O   1 
HETATM 1039 O  O   . HOH B 2 .   ? 12.933  3.719   -6.330  1.00 17.13 ? 204 HOH A O   1 
# 
